data_1UCT
# 
_entry.id   1UCT 
# 
_audit_conform.dict_name       mmcif_pdbx.dic 
_audit_conform.dict_version    5.398 
_audit_conform.dict_location   http://mmcif.pdb.org/dictionaries/ascii/mmcif_pdbx.dic 
# 
loop_
_database_2.database_id 
_database_2.database_code 
_database_2.pdbx_database_accession 
_database_2.pdbx_DOI 
PDB   1UCT         pdb_00001uct 10.2210/pdb1uct/pdb 
RCSB  RCSB005685   ?            ?                   
WWPDB D_1000005685 ?            ?                   
# 
loop_
_pdbx_audit_revision_history.ordinal 
_pdbx_audit_revision_history.data_content_type 
_pdbx_audit_revision_history.major_revision 
_pdbx_audit_revision_history.minor_revision 
_pdbx_audit_revision_history.revision_date 
1 'Structure model' 1 0 2003-07-22 
2 'Structure model' 1 1 2008-04-27 
3 'Structure model' 1 2 2011-07-13 
4 'Structure model' 1 3 2023-12-27 
5 'Structure model' 1 4 2024-11-13 
# 
_pdbx_audit_revision_details.ordinal             1 
_pdbx_audit_revision_details.revision_ordinal    1 
_pdbx_audit_revision_details.data_content_type   'Structure model' 
_pdbx_audit_revision_details.provider            repository 
_pdbx_audit_revision_details.type                'Initial release' 
_pdbx_audit_revision_details.description         ? 
_pdbx_audit_revision_details.details             ? 
# 
loop_
_pdbx_audit_revision_group.ordinal 
_pdbx_audit_revision_group.revision_ordinal 
_pdbx_audit_revision_group.data_content_type 
_pdbx_audit_revision_group.group 
1 2 'Structure model' 'Version format compliance' 
2 3 'Structure model' 'Version format compliance' 
3 4 'Structure model' 'Data collection'           
4 4 'Structure model' 'Database references'       
5 5 'Structure model' 'Structure summary'         
# 
loop_
_pdbx_audit_revision_category.ordinal 
_pdbx_audit_revision_category.revision_ordinal 
_pdbx_audit_revision_category.data_content_type 
_pdbx_audit_revision_category.category 
1 4 'Structure model' chem_comp_atom            
2 4 'Structure model' chem_comp_bond            
3 4 'Structure model' database_2                
4 4 'Structure model' struct_ref_seq_dif        
5 5 'Structure model' pdbx_entry_details        
6 5 'Structure model' pdbx_modification_feature 
# 
loop_
_pdbx_audit_revision_item.ordinal 
_pdbx_audit_revision_item.revision_ordinal 
_pdbx_audit_revision_item.data_content_type 
_pdbx_audit_revision_item.item 
1 4 'Structure model' '_database_2.pdbx_DOI'                
2 4 'Structure model' '_database_2.pdbx_database_accession' 
3 4 'Structure model' '_struct_ref_seq_dif.details'         
# 
_pdbx_database_status.status_code                     REL 
_pdbx_database_status.entry_id                        1UCT 
_pdbx_database_status.recvd_initial_deposition_date   2003-04-21 
_pdbx_database_status.deposit_site                    PDBJ 
_pdbx_database_status.process_site                    PDBJ 
_pdbx_database_status.status_code_sf                  REL 
_pdbx_database_status.SG_entry                        . 
_pdbx_database_status.pdb_format_compatible           Y 
_pdbx_database_status.status_code_mr                  ? 
_pdbx_database_status.status_code_cs                  ? 
_pdbx_database_status.status_code_nmr_data            ? 
_pdbx_database_status.methods_development_category    ? 
# 
loop_
_audit_author.name 
_audit_author.pdbx_ordinal 
'Ding, Y.'  1 
'Xu, G.'    2 
'Yang, M.'  3 
'Zhang, W.' 4 
'Rao, Z.'   5 
# 
_citation.id                        primary 
_citation.title                     'Crystal Structure of the Ectodomain of Human Fc{alpha}RI.' 
_citation.journal_abbrev            J.Biol.Chem. 
_citation.journal_volume            278 
_citation.page_first                27966 
_citation.page_last                 27970 
_citation.year                      2003 
_citation.journal_id_ASTM           JBCHA3 
_citation.country                   US 
_citation.journal_id_ISSN           0021-9258 
_citation.journal_id_CSD            0071 
_citation.book_publisher            ? 
_citation.pdbx_database_id_PubMed   12783876 
_citation.pdbx_database_id_DOI      10.1074/jbc.C300223200 
# 
loop_
_citation_author.citation_id 
_citation_author.name 
_citation_author.ordinal 
_citation_author.identifier_ORCID 
primary 'Ding, Y.'  1 ? 
primary 'Xu, G.'    2 ? 
primary 'Yang, M.'  3 ? 
primary 'Yao, M.'   4 ? 
primary 'Gao, G.F.' 5 ? 
primary 'Zhang, W.' 6 ? 
primary 'Rao, Z.'   7 ? 
# 
loop_
_entity.id 
_entity.type 
_entity.src_method 
_entity.pdbx_description 
_entity.formula_weight 
_entity.pdbx_number_of_molecules 
_entity.pdbx_ec 
_entity.pdbx_mutation 
_entity.pdbx_fragment 
_entity.details 
1 polymer man 'Immunoglobulin alpha Fc receptor' 25006.260 1  ? ? 'RESIDUES 0-217' ? 
2 water   nat water                              18.015    68 ? ? ?                ? 
# 
_entity_name_com.entity_id   1 
_entity_name_com.name        'Fc alpha Receptor I (CD89)' 
# 
_entity_poly.entity_id                      1 
_entity_poly.type                           'polypeptide(L)' 
_entity_poly.nstd_linkage                   no 
_entity_poly.nstd_monomer                   no 
_entity_poly.pdbx_seq_one_letter_code       
;MAQEGDFPMPFISAKSSPVIPLDGSVKIQCQAIREAYLTQLMIIKNSTYREIGRRLKFWNETDPEFVIDHMDANKAGRYQ
CQYRIGHYRFRYSDTLELVVTGLYGKPFLSADRGLVLMPGENISLTCSSAHIPFDRFSLAKEGELSLPQHQSGEHPANFS
LGPVDLNVSGIYRCYGWYNRSPYLWSFPSNALELVVTDSIHQDYTTQNLILEHHHHHH
;
_entity_poly.pdbx_seq_one_letter_code_can   
;MAQEGDFPMPFISAKSSPVIPLDGSVKIQCQAIREAYLTQLMIIKNSTYREIGRRLKFWNETDPEFVIDHMDANKAGRYQ
CQYRIGHYRFRYSDTLELVVTGLYGKPFLSADRGLVLMPGENISLTCSSAHIPFDRFSLAKEGELSLPQHQSGEHPANFS
LGPVDLNVSGIYRCYGWYNRSPYLWSFPSNALELVVTDSIHQDYTTQNLILEHHHHHH
;
_entity_poly.pdbx_strand_id                 A 
_entity_poly.pdbx_target_identifier         ? 
# 
_pdbx_entity_nonpoly.entity_id   2 
_pdbx_entity_nonpoly.name        water 
_pdbx_entity_nonpoly.comp_id     HOH 
# 
loop_
_entity_poly_seq.entity_id 
_entity_poly_seq.num 
_entity_poly_seq.mon_id 
_entity_poly_seq.hetero 
1 1   MET n 
1 2   ALA n 
1 3   GLN n 
1 4   GLU n 
1 5   GLY n 
1 6   ASP n 
1 7   PHE n 
1 8   PRO n 
1 9   MET n 
1 10  PRO n 
1 11  PHE n 
1 12  ILE n 
1 13  SER n 
1 14  ALA n 
1 15  LYS n 
1 16  SER n 
1 17  SER n 
1 18  PRO n 
1 19  VAL n 
1 20  ILE n 
1 21  PRO n 
1 22  LEU n 
1 23  ASP n 
1 24  GLY n 
1 25  SER n 
1 26  VAL n 
1 27  LYS n 
1 28  ILE n 
1 29  GLN n 
1 30  CYS n 
1 31  GLN n 
1 32  ALA n 
1 33  ILE n 
1 34  ARG n 
1 35  GLU n 
1 36  ALA n 
1 37  TYR n 
1 38  LEU n 
1 39  THR n 
1 40  GLN n 
1 41  LEU n 
1 42  MET n 
1 43  ILE n 
1 44  ILE n 
1 45  LYS n 
1 46  ASN n 
1 47  SER n 
1 48  THR n 
1 49  TYR n 
1 50  ARG n 
1 51  GLU n 
1 52  ILE n 
1 53  GLY n 
1 54  ARG n 
1 55  ARG n 
1 56  LEU n 
1 57  LYS n 
1 58  PHE n 
1 59  TRP n 
1 60  ASN n 
1 61  GLU n 
1 62  THR n 
1 63  ASP n 
1 64  PRO n 
1 65  GLU n 
1 66  PHE n 
1 67  VAL n 
1 68  ILE n 
1 69  ASP n 
1 70  HIS n 
1 71  MET n 
1 72  ASP n 
1 73  ALA n 
1 74  ASN n 
1 75  LYS n 
1 76  ALA n 
1 77  GLY n 
1 78  ARG n 
1 79  TYR n 
1 80  GLN n 
1 81  CYS n 
1 82  GLN n 
1 83  TYR n 
1 84  ARG n 
1 85  ILE n 
1 86  GLY n 
1 87  HIS n 
1 88  TYR n 
1 89  ARG n 
1 90  PHE n 
1 91  ARG n 
1 92  TYR n 
1 93  SER n 
1 94  ASP n 
1 95  THR n 
1 96  LEU n 
1 97  GLU n 
1 98  LEU n 
1 99  VAL n 
1 100 VAL n 
1 101 THR n 
1 102 GLY n 
1 103 LEU n 
1 104 TYR n 
1 105 GLY n 
1 106 LYS n 
1 107 PRO n 
1 108 PHE n 
1 109 LEU n 
1 110 SER n 
1 111 ALA n 
1 112 ASP n 
1 113 ARG n 
1 114 GLY n 
1 115 LEU n 
1 116 VAL n 
1 117 LEU n 
1 118 MET n 
1 119 PRO n 
1 120 GLY n 
1 121 GLU n 
1 122 ASN n 
1 123 ILE n 
1 124 SER n 
1 125 LEU n 
1 126 THR n 
1 127 CYS n 
1 128 SER n 
1 129 SER n 
1 130 ALA n 
1 131 HIS n 
1 132 ILE n 
1 133 PRO n 
1 134 PHE n 
1 135 ASP n 
1 136 ARG n 
1 137 PHE n 
1 138 SER n 
1 139 LEU n 
1 140 ALA n 
1 141 LYS n 
1 142 GLU n 
1 143 GLY n 
1 144 GLU n 
1 145 LEU n 
1 146 SER n 
1 147 LEU n 
1 148 PRO n 
1 149 GLN n 
1 150 HIS n 
1 151 GLN n 
1 152 SER n 
1 153 GLY n 
1 154 GLU n 
1 155 HIS n 
1 156 PRO n 
1 157 ALA n 
1 158 ASN n 
1 159 PHE n 
1 160 SER n 
1 161 LEU n 
1 162 GLY n 
1 163 PRO n 
1 164 VAL n 
1 165 ASP n 
1 166 LEU n 
1 167 ASN n 
1 168 VAL n 
1 169 SER n 
1 170 GLY n 
1 171 ILE n 
1 172 TYR n 
1 173 ARG n 
1 174 CYS n 
1 175 TYR n 
1 176 GLY n 
1 177 TRP n 
1 178 TYR n 
1 179 ASN n 
1 180 ARG n 
1 181 SER n 
1 182 PRO n 
1 183 TYR n 
1 184 LEU n 
1 185 TRP n 
1 186 SER n 
1 187 PHE n 
1 188 PRO n 
1 189 SER n 
1 190 ASN n 
1 191 ALA n 
1 192 LEU n 
1 193 GLU n 
1 194 LEU n 
1 195 VAL n 
1 196 VAL n 
1 197 THR n 
1 198 ASP n 
1 199 SER n 
1 200 ILE n 
1 201 HIS n 
1 202 GLN n 
1 203 ASP n 
1 204 TYR n 
1 205 THR n 
1 206 THR n 
1 207 GLN n 
1 208 ASN n 
1 209 LEU n 
1 210 ILE n 
1 211 LEU n 
1 212 GLU n 
1 213 HIS n 
1 214 HIS n 
1 215 HIS n 
1 216 HIS n 
1 217 HIS n 
1 218 HIS n 
# 
_entity_src_gen.entity_id                          1 
_entity_src_gen.pdbx_src_id                        1 
_entity_src_gen.pdbx_alt_source_flag               sample 
_entity_src_gen.pdbx_seq_type                      ? 
_entity_src_gen.pdbx_beg_seq_num                   ? 
_entity_src_gen.pdbx_end_seq_num                   ? 
_entity_src_gen.gene_src_common_name               human 
_entity_src_gen.gene_src_genus                     Homo 
_entity_src_gen.pdbx_gene_src_gene                 ? 
_entity_src_gen.gene_src_species                   ? 
_entity_src_gen.gene_src_strain                    ? 
_entity_src_gen.gene_src_tissue                    ? 
_entity_src_gen.gene_src_tissue_fraction           ? 
_entity_src_gen.gene_src_details                   ? 
_entity_src_gen.pdbx_gene_src_fragment             ? 
_entity_src_gen.pdbx_gene_src_scientific_name      'Homo sapiens' 
_entity_src_gen.pdbx_gene_src_ncbi_taxonomy_id     9606 
_entity_src_gen.pdbx_gene_src_variant              ? 
_entity_src_gen.pdbx_gene_src_cell_line            ? 
_entity_src_gen.pdbx_gene_src_atcc                 ? 
_entity_src_gen.pdbx_gene_src_organ                ? 
_entity_src_gen.pdbx_gene_src_organelle            ? 
_entity_src_gen.pdbx_gene_src_cell                 ? 
_entity_src_gen.pdbx_gene_src_cellular_location    ? 
_entity_src_gen.host_org_common_name               ? 
_entity_src_gen.pdbx_host_org_scientific_name      'Escherichia coli' 
_entity_src_gen.pdbx_host_org_ncbi_taxonomy_id     562 
_entity_src_gen.host_org_genus                     Escherichia 
_entity_src_gen.pdbx_host_org_gene                 ? 
_entity_src_gen.pdbx_host_org_organ                ? 
_entity_src_gen.host_org_species                   ? 
_entity_src_gen.pdbx_host_org_tissue               ? 
_entity_src_gen.pdbx_host_org_tissue_fraction      ? 
_entity_src_gen.pdbx_host_org_strain               ? 
_entity_src_gen.pdbx_host_org_variant              ? 
_entity_src_gen.pdbx_host_org_cell_line            ? 
_entity_src_gen.pdbx_host_org_atcc                 ? 
_entity_src_gen.pdbx_host_org_culture_collection   ? 
_entity_src_gen.pdbx_host_org_cell                 ? 
_entity_src_gen.pdbx_host_org_organelle            ? 
_entity_src_gen.pdbx_host_org_cellular_location    ? 
_entity_src_gen.pdbx_host_org_vector_type          PLASMID 
_entity_src_gen.pdbx_host_org_vector               ? 
_entity_src_gen.host_org_details                   ? 
_entity_src_gen.expression_system_id               ? 
_entity_src_gen.plasmid_name                       pET28a 
_entity_src_gen.plasmid_details                    ? 
_entity_src_gen.pdbx_description                   ? 
# 
loop_
_chem_comp.id 
_chem_comp.type 
_chem_comp.mon_nstd_flag 
_chem_comp.name 
_chem_comp.pdbx_synonyms 
_chem_comp.formula 
_chem_comp.formula_weight 
ALA 'L-peptide linking' y ALANINE         ? 'C3 H7 N O2'     89.093  
ARG 'L-peptide linking' y ARGININE        ? 'C6 H15 N4 O2 1' 175.209 
ASN 'L-peptide linking' y ASPARAGINE      ? 'C4 H8 N2 O3'    132.118 
ASP 'L-peptide linking' y 'ASPARTIC ACID' ? 'C4 H7 N O4'     133.103 
CYS 'L-peptide linking' y CYSTEINE        ? 'C3 H7 N O2 S'   121.158 
GLN 'L-peptide linking' y GLUTAMINE       ? 'C5 H10 N2 O3'   146.144 
GLU 'L-peptide linking' y 'GLUTAMIC ACID' ? 'C5 H9 N O4'     147.129 
GLY 'peptide linking'   y GLYCINE         ? 'C2 H5 N O2'     75.067  
HIS 'L-peptide linking' y HISTIDINE       ? 'C6 H10 N3 O2 1' 156.162 
HOH non-polymer         . WATER           ? 'H2 O'           18.015  
ILE 'L-peptide linking' y ISOLEUCINE      ? 'C6 H13 N O2'    131.173 
LEU 'L-peptide linking' y LEUCINE         ? 'C6 H13 N O2'    131.173 
LYS 'L-peptide linking' y LYSINE          ? 'C6 H15 N2 O2 1' 147.195 
MET 'L-peptide linking' y METHIONINE      ? 'C5 H11 N O2 S'  149.211 
PHE 'L-peptide linking' y PHENYLALANINE   ? 'C9 H11 N O2'    165.189 
PRO 'L-peptide linking' y PROLINE         ? 'C5 H9 N O2'     115.130 
SER 'L-peptide linking' y SERINE          ? 'C3 H7 N O3'     105.093 
THR 'L-peptide linking' y THREONINE       ? 'C4 H9 N O3'     119.119 
TRP 'L-peptide linking' y TRYPTOPHAN      ? 'C11 H12 N2 O2'  204.225 
TYR 'L-peptide linking' y TYROSINE        ? 'C9 H11 N O3'    181.189 
VAL 'L-peptide linking' y VALINE          ? 'C5 H11 N O2'    117.146 
# 
loop_
_pdbx_poly_seq_scheme.asym_id 
_pdbx_poly_seq_scheme.entity_id 
_pdbx_poly_seq_scheme.seq_id 
_pdbx_poly_seq_scheme.mon_id 
_pdbx_poly_seq_scheme.ndb_seq_num 
_pdbx_poly_seq_scheme.pdb_seq_num 
_pdbx_poly_seq_scheme.auth_seq_num 
_pdbx_poly_seq_scheme.pdb_mon_id 
_pdbx_poly_seq_scheme.auth_mon_id 
_pdbx_poly_seq_scheme.pdb_strand_id 
_pdbx_poly_seq_scheme.pdb_ins_code 
_pdbx_poly_seq_scheme.hetero 
A 1 1   MET 1   0   ?   ?   ?   A . n 
A 1 2   ALA 2   1   ?   ?   ?   A . n 
A 1 3   GLN 3   2   2   GLN GLN A . n 
A 1 4   GLU 4   3   3   GLU GLU A . n 
A 1 5   GLY 5   4   4   GLY GLY A . n 
A 1 6   ASP 6   5   5   ASP ASP A . n 
A 1 7   PHE 7   6   6   PHE PHE A . n 
A 1 8   PRO 8   7   7   PRO PRO A . n 
A 1 9   MET 9   8   8   MET MET A . n 
A 1 10  PRO 10  9   9   PRO PRO A . n 
A 1 11  PHE 11  10  10  PHE PHE A . n 
A 1 12  ILE 12  11  11  ILE ILE A . n 
A 1 13  SER 13  12  12  SER SER A . n 
A 1 14  ALA 14  13  13  ALA ALA A . n 
A 1 15  LYS 15  14  14  LYS LYS A . n 
A 1 16  SER 16  15  15  SER SER A . n 
A 1 17  SER 17  16  16  SER SER A . n 
A 1 18  PRO 18  17  17  PRO PRO A . n 
A 1 19  VAL 19  18  18  VAL VAL A . n 
A 1 20  ILE 20  19  19  ILE ILE A . n 
A 1 21  PRO 21  20  20  PRO PRO A . n 
A 1 22  LEU 22  21  21  LEU LEU A . n 
A 1 23  ASP 23  22  22  ASP ASP A . n 
A 1 24  GLY 24  23  23  GLY GLY A . n 
A 1 25  SER 25  24  24  SER SER A . n 
A 1 26  VAL 26  25  25  VAL VAL A . n 
A 1 27  LYS 27  26  26  LYS LYS A . n 
A 1 28  ILE 28  27  27  ILE ILE A . n 
A 1 29  GLN 29  28  28  GLN GLN A . n 
A 1 30  CYS 30  29  29  CYS CYS A . n 
A 1 31  GLN 31  30  30  GLN GLN A . n 
A 1 32  ALA 32  31  31  ALA ALA A . n 
A 1 33  ILE 33  32  32  ILE ILE A . n 
A 1 34  ARG 34  33  33  ARG ARG A . n 
A 1 35  GLU 35  34  34  GLU GLU A . n 
A 1 36  ALA 36  35  35  ALA ALA A . n 
A 1 37  TYR 37  36  36  TYR TYR A . n 
A 1 38  LEU 38  37  37  LEU LEU A . n 
A 1 39  THR 39  38  38  THR THR A . n 
A 1 40  GLN 40  39  39  GLN GLN A . n 
A 1 41  LEU 41  40  40  LEU LEU A . n 
A 1 42  MET 42  41  41  MET MET A . n 
A 1 43  ILE 43  42  42  ILE ILE A . n 
A 1 44  ILE 44  43  43  ILE ILE A . n 
A 1 45  LYS 45  44  44  LYS LYS A . n 
A 1 46  ASN 46  45  45  ASN ASN A . n 
A 1 47  SER 47  46  46  SER SER A . n 
A 1 48  THR 48  47  47  THR THR A . n 
A 1 49  TYR 49  48  48  TYR TYR A . n 
A 1 50  ARG 50  49  49  ARG ARG A . n 
A 1 51  GLU 51  50  50  GLU GLU A . n 
A 1 52  ILE 52  51  51  ILE ILE A . n 
A 1 53  GLY 53  52  52  GLY GLY A . n 
A 1 54  ARG 54  53  53  ARG ARG A . n 
A 1 55  ARG 55  54  54  ARG ARG A . n 
A 1 56  LEU 56  55  55  LEU LEU A . n 
A 1 57  LYS 57  56  56  LYS LYS A . n 
A 1 58  PHE 58  57  ?   ?   ?   A . n 
A 1 59  TRP 59  58  ?   ?   ?   A . n 
A 1 60  ASN 60  59  ?   ?   ?   A . n 
A 1 61  GLU 61  60  ?   ?   ?   A . n 
A 1 62  THR 62  61  61  THR THR A . n 
A 1 63  ASP 63  62  62  ASP ASP A . n 
A 1 64  PRO 64  63  63  PRO PRO A . n 
A 1 65  GLU 65  64  64  GLU GLU A . n 
A 1 66  PHE 66  65  65  PHE PHE A . n 
A 1 67  VAL 67  66  66  VAL VAL A . n 
A 1 68  ILE 68  67  67  ILE ILE A . n 
A 1 69  ASP 69  68  68  ASP ASP A . n 
A 1 70  HIS 70  69  69  HIS HIS A . n 
A 1 71  MET 71  70  70  MET MET A . n 
A 1 72  ASP 72  71  71  ASP ASP A . n 
A 1 73  ALA 73  72  72  ALA ALA A . n 
A 1 74  ASN 74  73  73  ASN ASN A . n 
A 1 75  LYS 75  74  74  LYS LYS A . n 
A 1 76  ALA 76  75  75  ALA ALA A . n 
A 1 77  GLY 77  76  76  GLY GLY A . n 
A 1 78  ARG 78  77  77  ARG ARG A . n 
A 1 79  TYR 79  78  78  TYR TYR A . n 
A 1 80  GLN 80  79  79  GLN GLN A . n 
A 1 81  CYS 81  80  80  CYS CYS A . n 
A 1 82  GLN 82  81  81  GLN GLN A . n 
A 1 83  TYR 83  82  82  TYR TYR A . n 
A 1 84  ARG 84  83  83  ARG ARG A . n 
A 1 85  ILE 85  84  84  ILE ILE A . n 
A 1 86  GLY 86  85  85  GLY GLY A . n 
A 1 87  HIS 87  86  86  HIS HIS A . n 
A 1 88  TYR 88  87  87  TYR TYR A . n 
A 1 89  ARG 89  88  88  ARG ARG A . n 
A 1 90  PHE 90  89  89  PHE PHE A . n 
A 1 91  ARG 91  90  90  ARG ARG A . n 
A 1 92  TYR 92  91  91  TYR TYR A . n 
A 1 93  SER 93  92  92  SER SER A . n 
A 1 94  ASP 94  93  93  ASP ASP A . n 
A 1 95  THR 95  94  94  THR THR A . n 
A 1 96  LEU 96  95  95  LEU LEU A . n 
A 1 97  GLU 97  96  96  GLU GLU A . n 
A 1 98  LEU 98  97  97  LEU LEU A . n 
A 1 99  VAL 99  98  98  VAL VAL A . n 
A 1 100 VAL 100 99  99  VAL VAL A . n 
A 1 101 THR 101 100 100 THR THR A . n 
A 1 102 GLY 102 101 101 GLY GLY A . n 
A 1 103 LEU 103 102 102 LEU LEU A . n 
A 1 104 TYR 104 103 103 TYR TYR A . n 
A 1 105 GLY 105 104 104 GLY GLY A . n 
A 1 106 LYS 106 105 105 LYS LYS A . n 
A 1 107 PRO 107 106 106 PRO PRO A . n 
A 1 108 PHE 108 107 107 PHE PHE A . n 
A 1 109 LEU 109 108 108 LEU LEU A . n 
A 1 110 SER 110 109 109 SER SER A . n 
A 1 111 ALA 111 110 110 ALA ALA A . n 
A 1 112 ASP 112 111 111 ASP ASP A . n 
A 1 113 ARG 113 112 112 ARG ARG A . n 
A 1 114 GLY 114 113 113 GLY GLY A . n 
A 1 115 LEU 115 114 114 LEU LEU A . n 
A 1 116 VAL 116 115 115 VAL VAL A . n 
A 1 117 LEU 117 116 116 LEU LEU A . n 
A 1 118 MET 118 117 117 MET MET A . n 
A 1 119 PRO 119 118 118 PRO PRO A . n 
A 1 120 GLY 120 119 119 GLY GLY A . n 
A 1 121 GLU 121 120 120 GLU GLU A . n 
A 1 122 ASN 122 121 121 ASN ASN A . n 
A 1 123 ILE 123 122 122 ILE ILE A . n 
A 1 124 SER 124 123 123 SER SER A . n 
A 1 125 LEU 125 124 124 LEU LEU A . n 
A 1 126 THR 126 125 125 THR THR A . n 
A 1 127 CYS 127 126 126 CYS CYS A . n 
A 1 128 SER 128 127 127 SER SER A . n 
A 1 129 SER 129 128 128 SER SER A . n 
A 1 130 ALA 130 129 129 ALA ALA A . n 
A 1 131 HIS 131 130 130 HIS HIS A . n 
A 1 132 ILE 132 131 131 ILE ILE A . n 
A 1 133 PRO 133 132 132 PRO PRO A . n 
A 1 134 PHE 134 133 133 PHE PHE A . n 
A 1 135 ASP 135 134 134 ASP ASP A . n 
A 1 136 ARG 136 135 135 ARG ARG A . n 
A 1 137 PHE 137 136 136 PHE PHE A . n 
A 1 138 SER 138 137 137 SER SER A . n 
A 1 139 LEU 139 138 138 LEU LEU A . n 
A 1 140 ALA 140 139 139 ALA ALA A . n 
A 1 141 LYS 141 140 140 LYS LYS A . n 
A 1 142 GLU 142 141 141 GLU GLU A . n 
A 1 143 GLY 143 142 142 GLY GLY A . n 
A 1 144 GLU 144 143 143 GLU GLU A . n 
A 1 145 LEU 145 144 144 LEU LEU A . n 
A 1 146 SER 146 145 145 SER SER A . n 
A 1 147 LEU 147 146 146 LEU LEU A . n 
A 1 148 PRO 148 147 147 PRO PRO A . n 
A 1 149 GLN 149 148 148 GLN GLN A . n 
A 1 150 HIS 150 149 149 HIS HIS A . n 
A 1 151 GLN 151 150 150 GLN GLN A . n 
A 1 152 SER 152 151 151 SER SER A . n 
A 1 153 GLY 153 152 152 GLY GLY A . n 
A 1 154 GLU 154 153 153 GLU GLU A . n 
A 1 155 HIS 155 154 154 HIS HIS A . n 
A 1 156 PRO 156 155 155 PRO CPR A . n 
A 1 157 ALA 157 156 156 ALA ALA A . n 
A 1 158 ASN 158 157 157 ASN ASN A . n 
A 1 159 PHE 159 158 158 PHE PHE A . n 
A 1 160 SER 160 159 159 SER SER A . n 
A 1 161 LEU 161 160 160 LEU LEU A . n 
A 1 162 GLY 162 161 161 GLY GLY A . n 
A 1 163 PRO 163 162 162 PRO CPR A . n 
A 1 164 VAL 164 163 163 VAL VAL A . n 
A 1 165 ASP 165 164 164 ASP ASP A . n 
A 1 166 LEU 166 165 165 LEU LEU A . n 
A 1 167 ASN 167 166 166 ASN ASN A . n 
A 1 168 VAL 168 167 167 VAL VAL A . n 
A 1 169 SER 169 168 168 SER SER A . n 
A 1 170 GLY 170 169 169 GLY GLY A . n 
A 1 171 ILE 171 170 170 ILE ILE A . n 
A 1 172 TYR 172 171 171 TYR TYR A . n 
A 1 173 ARG 173 172 172 ARG ARG A . n 
A 1 174 CYS 174 173 173 CYS CYS A . n 
A 1 175 TYR 175 174 174 TYR TYR A . n 
A 1 176 GLY 176 175 175 GLY GLY A . n 
A 1 177 TRP 177 176 176 TRP TRP A . n 
A 1 178 TYR 178 177 177 TYR TYR A . n 
A 1 179 ASN 179 178 178 ASN ASN A . n 
A 1 180 ARG 180 179 179 ARG ARG A . n 
A 1 181 SER 181 180 180 SER SER A . n 
A 1 182 PRO 182 181 181 PRO PRO A . n 
A 1 183 TYR 183 182 182 TYR TYR A . n 
A 1 184 LEU 184 183 183 LEU LEU A . n 
A 1 185 TRP 185 184 184 TRP TRP A . n 
A 1 186 SER 186 185 185 SER SER A . n 
A 1 187 PHE 187 186 186 PHE PHE A . n 
A 1 188 PRO 188 187 187 PRO PRO A . n 
A 1 189 SER 189 188 188 SER SER A . n 
A 1 190 ASN 190 189 189 ASN ASN A . n 
A 1 191 ALA 191 190 190 ALA ALA A . n 
A 1 192 LEU 192 191 191 LEU LEU A . n 
A 1 193 GLU 193 192 192 GLU GLU A . n 
A 1 194 LEU 194 193 193 LEU LEU A . n 
A 1 195 VAL 195 194 194 VAL VAL A . n 
A 1 196 VAL 196 195 195 VAL VAL A . n 
A 1 197 THR 197 196 196 THR THR A . n 
A 1 198 ASP 198 197 ?   ?   ?   A . n 
A 1 199 SER 199 198 ?   ?   ?   A . n 
A 1 200 ILE 200 199 ?   ?   ?   A . n 
A 1 201 HIS 201 200 ?   ?   ?   A . n 
A 1 202 GLN 202 201 ?   ?   ?   A . n 
A 1 203 ASP 203 202 ?   ?   ?   A . n 
A 1 204 TYR 204 203 ?   ?   ?   A . n 
A 1 205 THR 205 204 ?   ?   ?   A . n 
A 1 206 THR 206 205 ?   ?   ?   A . n 
A 1 207 GLN 207 206 ?   ?   ?   A . n 
A 1 208 ASN 208 207 ?   ?   ?   A . n 
A 1 209 LEU 209 208 ?   ?   ?   A . n 
A 1 210 ILE 210 209 ?   ?   ?   A . n 
A 1 211 LEU 211 210 ?   ?   ?   A . n 
A 1 212 GLU 212 211 ?   ?   ?   A . n 
A 1 213 HIS 213 212 ?   ?   ?   A . n 
A 1 214 HIS 214 213 ?   ?   ?   A . n 
A 1 215 HIS 215 214 ?   ?   ?   A . n 
A 1 216 HIS 216 215 ?   ?   ?   A . n 
A 1 217 HIS 217 216 ?   ?   ?   A . n 
A 1 218 HIS 218 217 ?   ?   ?   A . n 
# 
loop_
_pdbx_nonpoly_scheme.asym_id 
_pdbx_nonpoly_scheme.entity_id 
_pdbx_nonpoly_scheme.mon_id 
_pdbx_nonpoly_scheme.ndb_seq_num 
_pdbx_nonpoly_scheme.pdb_seq_num 
_pdbx_nonpoly_scheme.auth_seq_num 
_pdbx_nonpoly_scheme.pdb_mon_id 
_pdbx_nonpoly_scheme.auth_mon_id 
_pdbx_nonpoly_scheme.pdb_strand_id 
_pdbx_nonpoly_scheme.pdb_ins_code 
B 2 HOH 1  218 1  HOH TIP A . 
B 2 HOH 2  219 2  HOH TIP A . 
B 2 HOH 3  220 3  HOH TIP A . 
B 2 HOH 4  221 4  HOH TIP A . 
B 2 HOH 5  222 5  HOH TIP A . 
B 2 HOH 6  223 6  HOH TIP A . 
B 2 HOH 7  224 7  HOH TIP A . 
B 2 HOH 8  225 8  HOH TIP A . 
B 2 HOH 9  226 9  HOH TIP A . 
B 2 HOH 10 227 10 HOH TIP A . 
B 2 HOH 11 228 11 HOH TIP A . 
B 2 HOH 12 229 12 HOH TIP A . 
B 2 HOH 13 230 13 HOH TIP A . 
B 2 HOH 14 231 14 HOH TIP A . 
B 2 HOH 15 232 15 HOH TIP A . 
B 2 HOH 16 233 16 HOH TIP A . 
B 2 HOH 17 234 17 HOH TIP A . 
B 2 HOH 18 235 18 HOH TIP A . 
B 2 HOH 19 236 19 HOH TIP A . 
B 2 HOH 20 237 20 HOH TIP A . 
B 2 HOH 21 238 21 HOH TIP A . 
B 2 HOH 22 239 22 HOH TIP A . 
B 2 HOH 23 240 23 HOH TIP A . 
B 2 HOH 24 241 24 HOH TIP A . 
B 2 HOH 25 242 25 HOH TIP A . 
B 2 HOH 26 243 26 HOH TIP A . 
B 2 HOH 27 244 27 HOH TIP A . 
B 2 HOH 28 245 28 HOH TIP A . 
B 2 HOH 29 246 29 HOH TIP A . 
B 2 HOH 30 247 30 HOH TIP A . 
B 2 HOH 31 248 31 HOH TIP A . 
B 2 HOH 32 249 32 HOH TIP A . 
B 2 HOH 33 250 33 HOH TIP A . 
B 2 HOH 34 251 34 HOH TIP A . 
B 2 HOH 35 252 35 HOH TIP A . 
B 2 HOH 36 253 36 HOH TIP A . 
B 2 HOH 37 254 37 HOH TIP A . 
B 2 HOH 38 255 38 HOH TIP A . 
B 2 HOH 39 256 39 HOH TIP A . 
B 2 HOH 40 257 40 HOH TIP A . 
B 2 HOH 41 258 41 HOH TIP A . 
B 2 HOH 42 259 42 HOH TIP A . 
B 2 HOH 43 260 43 HOH TIP A . 
B 2 HOH 44 261 44 HOH TIP A . 
B 2 HOH 45 262 45 HOH TIP A . 
B 2 HOH 46 263 46 HOH TIP A . 
B 2 HOH 47 264 47 HOH TIP A . 
B 2 HOH 48 265 48 HOH TIP A . 
B 2 HOH 49 266 49 HOH TIP A . 
B 2 HOH 50 267 50 HOH TIP A . 
B 2 HOH 51 268 51 HOH TIP A . 
B 2 HOH 52 269 52 HOH TIP A . 
B 2 HOH 53 270 53 HOH TIP A . 
B 2 HOH 54 271 54 HOH TIP A . 
B 2 HOH 55 272 55 HOH TIP A . 
B 2 HOH 56 273 56 HOH TIP A . 
B 2 HOH 57 274 57 HOH TIP A . 
B 2 HOH 58 275 58 HOH TIP A . 
B 2 HOH 59 276 59 HOH TIP A . 
B 2 HOH 60 277 60 HOH TIP A . 
B 2 HOH 61 278 61 HOH TIP A . 
B 2 HOH 62 279 62 HOH TIP A . 
B 2 HOH 63 280 63 HOH TIP A . 
B 2 HOH 64 281 64 HOH TIP A . 
B 2 HOH 65 282 65 HOH TIP A . 
B 2 HOH 66 283 66 HOH TIP A . 
B 2 HOH 67 284 67 HOH TIP A . 
B 2 HOH 68 285 68 HOH TIP A . 
# 
loop_
_software.name 
_software.classification 
_software.version 
_software.citation_id 
_software.pdbx_ordinal 
HKL-2000  'data collection' .   ? 1 
SCALEPACK 'data scaling'    .   ? 2 
SOLVE     phasing           .   ? 3 
CNS       refinement        1.0 ? 4 
HKL-2000  'data reduction'  .   ? 5 
# 
_cell.entry_id           1UCT 
_cell.length_a           59.010 
_cell.length_b           69.450 
_cell.length_c           106.350 
_cell.angle_alpha        90.00 
_cell.angle_beta         90.00 
_cell.angle_gamma        90.00 
_cell.Z_PDB              8 
_cell.pdbx_unique_axis   ? 
# 
_symmetry.entry_id                         1UCT 
_symmetry.space_group_name_H-M             'C 2 2 21' 
_symmetry.pdbx_full_space_group_name_H-M   ? 
_symmetry.cell_setting                     ? 
_symmetry.Int_Tables_number                20 
# 
_exptl.entry_id          1UCT 
_exptl.method            'X-RAY DIFFRACTION' 
_exptl.crystals_number   1 
# 
_exptl_crystal.id                    1 
_exptl_crystal.density_meas          ? 
_exptl_crystal.density_Matthews      2.45 
_exptl_crystal.density_percent_sol   49.35 
_exptl_crystal.description           ? 
# 
_exptl_crystal_grow.crystal_id      1 
_exptl_crystal_grow.method          'VAPOR DIFFUSION, HANGING DROP' 
_exptl_crystal_grow.temp            291 
_exptl_crystal_grow.temp_details    ? 
_exptl_crystal_grow.pH              6.0 
_exptl_crystal_grow.pdbx_details    
'PEG4000, sodium citrate, ethanol glycol, pH 6.0, VAPOR DIFFUSION, HANGING DROP, temperature 291K' 
_exptl_crystal_grow.pdbx_pH_range   ? 
# 
_diffrn.id                     1 
_diffrn.ambient_temp           100 
_diffrn.ambient_temp_details   ? 
_diffrn.crystal_id             1 
# 
_diffrn_detector.diffrn_id              1 
_diffrn_detector.detector               CCD 
_diffrn_detector.type                   MARRESEARCH 
_diffrn_detector.pdbx_collection_date   2003-03-29 
_diffrn_detector.details                ? 
# 
_diffrn_radiation.diffrn_id                        1 
_diffrn_radiation.wavelength_id                    1 
_diffrn_radiation.pdbx_monochromatic_or_laue_m_l   M 
_diffrn_radiation.monochromator                    ? 
_diffrn_radiation.pdbx_diffrn_protocol             MAD 
_diffrn_radiation.pdbx_scattering_type             x-ray 
# 
loop_
_diffrn_radiation_wavelength.id 
_diffrn_radiation_wavelength.wavelength 
_diffrn_radiation_wavelength.wt 
1 0.9000 1.0 
2 0.9798 1.0 
3 0.9800 1.0 
# 
_diffrn_source.diffrn_id                   1 
_diffrn_source.source                      SYNCHROTRON 
_diffrn_source.type                        'SPRING-8 BEAMLINE BL41XU' 
_diffrn_source.pdbx_synchrotron_site       SPring-8 
_diffrn_source.pdbx_synchrotron_beamline   BL41XU 
_diffrn_source.pdbx_wavelength             ? 
_diffrn_source.pdbx_wavelength_list        '0.9000, 0.9798, 0.9800' 
# 
_reflns.entry_id                     1UCT 
_reflns.observed_criterion_sigma_F   2.0 
_reflns.observed_criterion_sigma_I   2.0 
_reflns.d_resolution_high            2.1 
_reflns.d_resolution_low             50 
_reflns.number_all                   95646 
_reflns.number_obs                   95481 
_reflns.percent_possible_obs         99.8 
_reflns.pdbx_Rmerge_I_obs            0.068 
_reflns.pdbx_Rsym_value              ? 
_reflns.pdbx_netI_over_sigmaI        ? 
_reflns.B_iso_Wilson_estimate        ? 
_reflns.pdbx_redundancy              7.3 
_reflns.R_free_details               ? 
_reflns.limit_h_max                  ? 
_reflns.limit_h_min                  ? 
_reflns.limit_k_max                  ? 
_reflns.limit_k_min                  ? 
_reflns.limit_l_max                  ? 
_reflns.limit_l_min                  ? 
_reflns.observed_criterion_F_max     ? 
_reflns.observed_criterion_F_min     ? 
_reflns.pdbx_diffrn_id               1 
_reflns.pdbx_ordinal                 1 
# 
_reflns_shell.d_res_high             2.1 
_reflns_shell.d_res_low              2.18 
_reflns_shell.percent_possible_all   99.0 
_reflns_shell.Rmerge_I_obs           ? 
_reflns_shell.pdbx_Rsym_value        ? 
_reflns_shell.meanI_over_sigI_obs    ? 
_reflns_shell.pdbx_redundancy        ? 
_reflns_shell.percent_possible_obs   ? 
_reflns_shell.number_unique_all      ? 
_reflns_shell.pdbx_diffrn_id         ? 
_reflns_shell.pdbx_ordinal           1 
# 
_refine.entry_id                                 1UCT 
_refine.ls_d_res_high                            2.1 
_refine.ls_d_res_low                             40 
_refine.pdbx_ls_sigma_F                          0 
_refine.pdbx_ls_sigma_I                          ? 
_refine.ls_number_reflns_all                     23787 
_refine.ls_number_reflns_obs                     21565 
_refine.ls_number_reflns_R_free                  2222 
_refine.ls_percent_reflns_obs                    ? 
_refine.ls_R_factor_all                          0.243 
_refine.ls_R_factor_obs                          0.222 
_refine.ls_R_factor_R_work                       0.21 
_refine.ls_R_factor_R_free                       0.239 
_refine.ls_redundancy_reflns_obs                 ? 
_refine.pdbx_data_cutoff_high_absF               ? 
_refine.pdbx_data_cutoff_low_absF                ? 
_refine.ls_number_parameters                     ? 
_refine.ls_number_restraints                     ? 
_refine.ls_percent_reflns_R_free                 ? 
_refine.ls_R_factor_R_free_error                 ? 
_refine.ls_R_factor_R_free_error_details         ? 
_refine.pdbx_method_to_determine_struct          MAD 
_refine.pdbx_starting_model                      ? 
_refine.pdbx_ls_cross_valid_method               ? 
_refine.pdbx_R_Free_selection_details            RANDOM 
_refine.pdbx_stereochem_target_val_spec_case     ? 
_refine.pdbx_stereochemistry_target_values       'Engh & Huber' 
_refine.solvent_model_details                    ? 
_refine.solvent_model_param_bsol                 ? 
_refine.solvent_model_param_ksol                 ? 
_refine.occupancy_max                            ? 
_refine.occupancy_min                            ? 
_refine.pdbx_isotropic_thermal_model             ? 
_refine.B_iso_mean                               ? 
_refine.aniso_B[1][1]                            ? 
_refine.aniso_B[1][2]                            ? 
_refine.aniso_B[1][3]                            ? 
_refine.aniso_B[2][2]                            ? 
_refine.aniso_B[2][3]                            ? 
_refine.aniso_B[3][3]                            ? 
_refine.details                                  ? 
_refine.B_iso_min                                ? 
_refine.B_iso_max                                ? 
_refine.correlation_coeff_Fo_to_Fc               ? 
_refine.correlation_coeff_Fo_to_Fc_free          ? 
_refine.pdbx_solvent_vdw_probe_radii             ? 
_refine.pdbx_solvent_ion_probe_radii             ? 
_refine.pdbx_solvent_shrinkage_radii             ? 
_refine.overall_SU_R_Cruickshank_DPI             ? 
_refine.overall_SU_R_free                        ? 
_refine.overall_SU_B                             ? 
_refine.overall_SU_ML                            ? 
_refine.pdbx_overall_ESU_R                       ? 
_refine.pdbx_overall_ESU_R_Free                  ? 
_refine.pdbx_data_cutoff_high_rms_absF           ? 
_refine.pdbx_refine_id                           'X-RAY DIFFRACTION' 
_refine.pdbx_diffrn_id                           1 
_refine.pdbx_TLS_residual_ADP_flag               ? 
_refine.pdbx_overall_phase_error                 ? 
_refine.pdbx_overall_SU_R_free_Cruickshank_DPI   ? 
_refine.pdbx_overall_SU_R_Blow_DPI               ? 
_refine.pdbx_overall_SU_R_free_Blow_DPI          ? 
# 
_refine_hist.pdbx_refine_id                   'X-RAY DIFFRACTION' 
_refine_hist.cycle_id                         LAST 
_refine_hist.pdbx_number_atoms_protein        1522 
_refine_hist.pdbx_number_atoms_nucleic_acid   0 
_refine_hist.pdbx_number_atoms_ligand         0 
_refine_hist.number_atoms_solvent             68 
_refine_hist.number_atoms_total               1590 
_refine_hist.d_res_high                       2.1 
_refine_hist.d_res_low                        40 
# 
loop_
_refine_ls_restr.type 
_refine_ls_restr.dev_ideal 
_refine_ls_restr.dev_ideal_target 
_refine_ls_restr.weight 
_refine_ls_restr.number 
_refine_ls_restr.pdbx_refine_id 
_refine_ls_restr.pdbx_restraint_function 
c_bond_d    0.015 ? ? ? 'X-RAY DIFFRACTION' ? 
c_angle_deg 1.8   ? ? ? 'X-RAY DIFFRACTION' ? 
# 
_struct.entry_id                  1UCT 
_struct.title                     'Crystal structure of the extracellular fragment of Fc alpha Receptor I (CD89)' 
_struct.pdbx_model_details        ? 
_struct.pdbx_CASP_flag            ? 
_struct.pdbx_model_type_details   ? 
# 
_struct_keywords.entry_id        1UCT 
_struct_keywords.pdbx_keywords   'IMMUNE SYSTEM' 
_struct_keywords.text            'beta stands, IMMUNE SYSTEM' 
# 
loop_
_struct_asym.id 
_struct_asym.pdbx_blank_PDB_chainid_flag 
_struct_asym.pdbx_modified 
_struct_asym.entity_id 
_struct_asym.details 
A N N 1 ? 
B N N 2 ? 
# 
_struct_ref.id                         1 
_struct_ref.db_name                    UNP 
_struct_ref.db_code                    FCAR_HUMAN 
_struct_ref.entity_id                  1 
_struct_ref.pdbx_seq_one_letter_code   
;MAQEGDFPMPFISAKSSPVIPLDGSVKIQCQAIREAYLTQLMIIKNSTYREIGRRLKFWNETDPEFVIDHMDANKAGRYQ
CQYRIGHYRFRYSDTLELVVTGLYGKPFLSADRGLVLMPGENISLTCSSAHIPFDRFSLAKEGELSLPQHQSGEHPANFS
LGPVDLNVSGIYRCYGWYNRSPYLWSFPSNALELVVTDSIHQDYTTQNLI
;
_struct_ref.pdbx_align_begin           20 
_struct_ref.pdbx_db_accession          P24071 
_struct_ref.pdbx_db_isoform            ? 
# 
_struct_ref_seq.align_id                      1 
_struct_ref_seq.ref_id                        1 
_struct_ref_seq.pdbx_PDB_id_code              1UCT 
_struct_ref_seq.pdbx_strand_id                A 
_struct_ref_seq.seq_align_beg                 1 
_struct_ref_seq.pdbx_seq_align_beg_ins_code   ? 
_struct_ref_seq.seq_align_end                 210 
_struct_ref_seq.pdbx_seq_align_end_ins_code   ? 
_struct_ref_seq.pdbx_db_accession             P24071 
_struct_ref_seq.db_align_beg                  20 
_struct_ref_seq.pdbx_db_align_beg_ins_code    ? 
_struct_ref_seq.db_align_end                  229 
_struct_ref_seq.pdbx_db_align_end_ins_code    ? 
_struct_ref_seq.pdbx_auth_seq_align_beg       0 
_struct_ref_seq.pdbx_auth_seq_align_end       209 
# 
loop_
_struct_ref_seq_dif.align_id 
_struct_ref_seq_dif.pdbx_pdb_id_code 
_struct_ref_seq_dif.mon_id 
_struct_ref_seq_dif.pdbx_pdb_strand_id 
_struct_ref_seq_dif.seq_num 
_struct_ref_seq_dif.pdbx_pdb_ins_code 
_struct_ref_seq_dif.pdbx_seq_db_name 
_struct_ref_seq_dif.pdbx_seq_db_accession_code 
_struct_ref_seq_dif.db_mon_id 
_struct_ref_seq_dif.pdbx_seq_db_seq_num 
_struct_ref_seq_dif.details 
_struct_ref_seq_dif.pdbx_auth_seq_num 
_struct_ref_seq_dif.pdbx_ordinal 
1 1UCT LEU A 211 ? UNP P24071 ? ? 'expression tag' 210 1 
1 1UCT GLU A 212 ? UNP P24071 ? ? 'expression tag' 211 2 
1 1UCT HIS A 213 ? UNP P24071 ? ? 'expression tag' 212 3 
1 1UCT HIS A 214 ? UNP P24071 ? ? 'expression tag' 213 4 
1 1UCT HIS A 215 ? UNP P24071 ? ? 'expression tag' 214 5 
1 1UCT HIS A 216 ? UNP P24071 ? ? 'expression tag' 215 6 
1 1UCT HIS A 217 ? UNP P24071 ? ? 'expression tag' 216 7 
1 1UCT HIS A 218 ? UNP P24071 ? ? 'expression tag' 217 8 
# 
_pdbx_struct_assembly.id                   1 
_pdbx_struct_assembly.details              author_defined_assembly 
_pdbx_struct_assembly.method_details       ? 
_pdbx_struct_assembly.oligomeric_details   monomeric 
_pdbx_struct_assembly.oligomeric_count     1 
# 
_pdbx_struct_assembly_gen.assembly_id       1 
_pdbx_struct_assembly_gen.oper_expression   1 
_pdbx_struct_assembly_gen.asym_id_list      A,B 
# 
_pdbx_struct_oper_list.id                   1 
_pdbx_struct_oper_list.type                 'identity operation' 
_pdbx_struct_oper_list.name                 1_555 
_pdbx_struct_oper_list.symmetry_operation   x,y,z 
_pdbx_struct_oper_list.matrix[1][1]         1.0000000000 
_pdbx_struct_oper_list.matrix[1][2]         0.0000000000 
_pdbx_struct_oper_list.matrix[1][3]         0.0000000000 
_pdbx_struct_oper_list.vector[1]            0.0000000000 
_pdbx_struct_oper_list.matrix[2][1]         0.0000000000 
_pdbx_struct_oper_list.matrix[2][2]         1.0000000000 
_pdbx_struct_oper_list.matrix[2][3]         0.0000000000 
_pdbx_struct_oper_list.vector[2]            0.0000000000 
_pdbx_struct_oper_list.matrix[3][1]         0.0000000000 
_pdbx_struct_oper_list.matrix[3][2]         0.0000000000 
_pdbx_struct_oper_list.matrix[3][3]         1.0000000000 
_pdbx_struct_oper_list.vector[3]            0.0000000000 
# 
_struct_biol.id                    1 
_struct_biol.pdbx_parent_biol_id   ? 
_struct_biol.details               ? 
# 
loop_
_struct_conf.conf_type_id 
_struct_conf.id 
_struct_conf.pdbx_PDB_helix_id 
_struct_conf.beg_label_comp_id 
_struct_conf.beg_label_asym_id 
_struct_conf.beg_label_seq_id 
_struct_conf.pdbx_beg_PDB_ins_code 
_struct_conf.end_label_comp_id 
_struct_conf.end_label_asym_id 
_struct_conf.end_label_seq_id 
_struct_conf.pdbx_end_PDB_ins_code 
_struct_conf.beg_auth_comp_id 
_struct_conf.beg_auth_asym_id 
_struct_conf.beg_auth_seq_id 
_struct_conf.end_auth_comp_id 
_struct_conf.end_auth_asym_id 
_struct_conf.end_auth_seq_id 
_struct_conf.pdbx_PDB_helix_class 
_struct_conf.details 
_struct_conf.pdbx_PDB_helix_length 
HELX_P HELX_P1 1 GLN A 3   ? PHE A 7   ? GLN A 2   PHE A 6   5 ? 5 
HELX_P HELX_P2 2 ASP A 72  ? ALA A 76  ? ASP A 71  ALA A 75  5 ? 5 
HELX_P HELX_P3 3 ASP A 165 ? SER A 169 ? ASP A 164 SER A 168 5 ? 5 
# 
_struct_conf_type.id          HELX_P 
_struct_conf_type.criteria    ? 
_struct_conf_type.reference   ? 
# 
loop_
_struct_conn.id 
_struct_conn.conn_type_id 
_struct_conn.pdbx_leaving_atom_flag 
_struct_conn.pdbx_PDB_id 
_struct_conn.ptnr1_label_asym_id 
_struct_conn.ptnr1_label_comp_id 
_struct_conn.ptnr1_label_seq_id 
_struct_conn.ptnr1_label_atom_id 
_struct_conn.pdbx_ptnr1_label_alt_id 
_struct_conn.pdbx_ptnr1_PDB_ins_code 
_struct_conn.pdbx_ptnr1_standard_comp_id 
_struct_conn.ptnr1_symmetry 
_struct_conn.ptnr2_label_asym_id 
_struct_conn.ptnr2_label_comp_id 
_struct_conn.ptnr2_label_seq_id 
_struct_conn.ptnr2_label_atom_id 
_struct_conn.pdbx_ptnr2_label_alt_id 
_struct_conn.pdbx_ptnr2_PDB_ins_code 
_struct_conn.ptnr1_auth_asym_id 
_struct_conn.ptnr1_auth_comp_id 
_struct_conn.ptnr1_auth_seq_id 
_struct_conn.ptnr2_auth_asym_id 
_struct_conn.ptnr2_auth_comp_id 
_struct_conn.ptnr2_auth_seq_id 
_struct_conn.ptnr2_symmetry 
_struct_conn.pdbx_ptnr3_label_atom_id 
_struct_conn.pdbx_ptnr3_label_seq_id 
_struct_conn.pdbx_ptnr3_label_comp_id 
_struct_conn.pdbx_ptnr3_label_asym_id 
_struct_conn.pdbx_ptnr3_label_alt_id 
_struct_conn.pdbx_ptnr3_PDB_ins_code 
_struct_conn.details 
_struct_conn.pdbx_dist_value 
_struct_conn.pdbx_value_order 
_struct_conn.pdbx_role 
disulf1 disulf ? ? A CYS 30  SG ? ? ? 1_555 A CYS 81  SG ? ? A CYS 29  A CYS 80  1_555 ? ? ? ? ? ? ? 2.013 ? ? 
disulf2 disulf ? ? A CYS 127 SG ? ? ? 1_555 A CYS 174 SG ? ? A CYS 126 A CYS 173 1_555 ? ? ? ? ? ? ? 2.048 ? ? 
# 
_struct_conn_type.id          disulf 
_struct_conn_type.criteria    ? 
_struct_conn_type.reference   ? 
# 
loop_
_pdbx_modification_feature.ordinal 
_pdbx_modification_feature.label_comp_id 
_pdbx_modification_feature.label_asym_id 
_pdbx_modification_feature.label_seq_id 
_pdbx_modification_feature.label_alt_id 
_pdbx_modification_feature.modified_residue_label_comp_id 
_pdbx_modification_feature.modified_residue_label_asym_id 
_pdbx_modification_feature.modified_residue_label_seq_id 
_pdbx_modification_feature.modified_residue_label_alt_id 
_pdbx_modification_feature.auth_comp_id 
_pdbx_modification_feature.auth_asym_id 
_pdbx_modification_feature.auth_seq_id 
_pdbx_modification_feature.PDB_ins_code 
_pdbx_modification_feature.symmetry 
_pdbx_modification_feature.modified_residue_auth_comp_id 
_pdbx_modification_feature.modified_residue_auth_asym_id 
_pdbx_modification_feature.modified_residue_auth_seq_id 
_pdbx_modification_feature.modified_residue_PDB_ins_code 
_pdbx_modification_feature.modified_residue_symmetry 
_pdbx_modification_feature.comp_id_linking_atom 
_pdbx_modification_feature.modified_residue_id_linking_atom 
_pdbx_modification_feature.modified_residue_id 
_pdbx_modification_feature.ref_pcm_id 
_pdbx_modification_feature.ref_comp_id 
_pdbx_modification_feature.type 
_pdbx_modification_feature.category 
1 CYS A 30  ? CYS A 81  ? CYS A 29  ? 1_555 CYS A 80  ? 1_555 SG SG . . . None 'Disulfide bridge' 
2 CYS A 127 ? CYS A 174 ? CYS A 126 ? 1_555 CYS A 173 ? 1_555 SG SG . . . None 'Disulfide bridge' 
# 
loop_
_struct_mon_prot_cis.pdbx_id 
_struct_mon_prot_cis.label_comp_id 
_struct_mon_prot_cis.label_seq_id 
_struct_mon_prot_cis.label_asym_id 
_struct_mon_prot_cis.label_alt_id 
_struct_mon_prot_cis.pdbx_PDB_ins_code 
_struct_mon_prot_cis.auth_comp_id 
_struct_mon_prot_cis.auth_seq_id 
_struct_mon_prot_cis.auth_asym_id 
_struct_mon_prot_cis.pdbx_label_comp_id_2 
_struct_mon_prot_cis.pdbx_label_seq_id_2 
_struct_mon_prot_cis.pdbx_label_asym_id_2 
_struct_mon_prot_cis.pdbx_PDB_ins_code_2 
_struct_mon_prot_cis.pdbx_auth_comp_id_2 
_struct_mon_prot_cis.pdbx_auth_seq_id_2 
_struct_mon_prot_cis.pdbx_auth_asym_id_2 
_struct_mon_prot_cis.pdbx_PDB_model_num 
_struct_mon_prot_cis.pdbx_omega_angle 
1 HIS 155 A . ? HIS 154 A PRO 156 A ? PRO 155 A 1 -0.30 
2 GLY 162 A . ? GLY 161 A PRO 163 A ? PRO 162 A 1 -0.79 
# 
loop_
_struct_sheet.id 
_struct_sheet.type 
_struct_sheet.number_strands 
_struct_sheet.details 
A ? 4 ? 
B ? 9 ? 
C ? 3 ? 
D ? 5 ? 
# 
loop_
_struct_sheet_order.sheet_id 
_struct_sheet_order.range_id_1 
_struct_sheet_order.range_id_2 
_struct_sheet_order.offset 
_struct_sheet_order.sense 
A 1 2 ? anti-parallel 
A 2 3 ? anti-parallel 
A 3 4 ? anti-parallel 
B 1 2 ? anti-parallel 
B 2 3 ? anti-parallel 
B 3 4 ? anti-parallel 
B 4 5 ? anti-parallel 
B 5 6 ? anti-parallel 
B 6 7 ? parallel      
B 7 8 ? parallel      
B 8 9 ? parallel      
C 1 2 ? anti-parallel 
C 2 3 ? anti-parallel 
D 1 2 ? anti-parallel 
D 2 3 ? anti-parallel 
D 3 4 ? anti-parallel 
D 4 5 ? parallel      
# 
loop_
_struct_sheet_range.sheet_id 
_struct_sheet_range.id 
_struct_sheet_range.beg_label_comp_id 
_struct_sheet_range.beg_label_asym_id 
_struct_sheet_range.beg_label_seq_id 
_struct_sheet_range.pdbx_beg_PDB_ins_code 
_struct_sheet_range.end_label_comp_id 
_struct_sheet_range.end_label_asym_id 
_struct_sheet_range.end_label_seq_id 
_struct_sheet_range.pdbx_end_PDB_ins_code 
_struct_sheet_range.beg_auth_comp_id 
_struct_sheet_range.beg_auth_asym_id 
_struct_sheet_range.beg_auth_seq_id 
_struct_sheet_range.end_auth_comp_id 
_struct_sheet_range.end_auth_asym_id 
_struct_sheet_range.end_auth_seq_id 
A 1 ILE A 12  ? ALA A 14  ? ILE A 11  ALA A 13  
A 2 VAL A 26  ? CYS A 30  ? VAL A 25  CYS A 29  
A 3 GLU A 65  ? ILE A 68  ? GLU A 64  ILE A 67  
A 4 ARG A 54  ? ARG A 55  ? ARG A 53  ARG A 54  
B 1 THR A 48  ? GLU A 51  ? THR A 47  GLU A 50  
B 2 LEU A 38  ? LYS A 45  ? LEU A 37  LYS A 44  
B 3 GLY A 77  ? ILE A 85  ? GLY A 76  ILE A 84  
B 4 ARG A 89  ? TYR A 92  ? ARG A 88  TYR A 91  
B 5 GLY A 77  ? ILE A 85  ? GLY A 76  ILE A 84  
B 6 LEU A 96  ? THR A 101 ? LEU A 95  THR A 100 
B 7 LEU A 184 ? TRP A 185 ? LEU A 183 TRP A 184 
B 8 LEU A 96  ? THR A 101 ? LEU A 95  THR A 100 
B 9 VAL A 19  ? PRO A 21  ? VAL A 18  PRO A 20  
C 1 PHE A 108 ? ALA A 111 ? PHE A 107 ALA A 110 
C 2 SER A 124 ? SER A 128 ? SER A 123 SER A 127 
C 3 ALA A 157 ? SER A 160 ? ALA A 156 SER A 159 
D 1 HIS A 150 ? SER A 152 ? HIS A 149 SER A 151 
D 2 ARG A 136 ? LYS A 141 ? ARG A 135 LYS A 140 
D 3 GLY A 170 ? TRP A 177 ? GLY A 169 TRP A 176 
D 4 LEU A 192 ? VAL A 196 ? LEU A 191 VAL A 195 
D 5 VAL A 116 ? LEU A 117 ? VAL A 115 LEU A 116 
# 
loop_
_pdbx_struct_sheet_hbond.sheet_id 
_pdbx_struct_sheet_hbond.range_id_1 
_pdbx_struct_sheet_hbond.range_id_2 
_pdbx_struct_sheet_hbond.range_1_label_atom_id 
_pdbx_struct_sheet_hbond.range_1_label_comp_id 
_pdbx_struct_sheet_hbond.range_1_label_asym_id 
_pdbx_struct_sheet_hbond.range_1_label_seq_id 
_pdbx_struct_sheet_hbond.range_1_PDB_ins_code 
_pdbx_struct_sheet_hbond.range_1_auth_atom_id 
_pdbx_struct_sheet_hbond.range_1_auth_comp_id 
_pdbx_struct_sheet_hbond.range_1_auth_asym_id 
_pdbx_struct_sheet_hbond.range_1_auth_seq_id 
_pdbx_struct_sheet_hbond.range_2_label_atom_id 
_pdbx_struct_sheet_hbond.range_2_label_comp_id 
_pdbx_struct_sheet_hbond.range_2_label_asym_id 
_pdbx_struct_sheet_hbond.range_2_label_seq_id 
_pdbx_struct_sheet_hbond.range_2_PDB_ins_code 
_pdbx_struct_sheet_hbond.range_2_auth_atom_id 
_pdbx_struct_sheet_hbond.range_2_auth_comp_id 
_pdbx_struct_sheet_hbond.range_2_auth_asym_id 
_pdbx_struct_sheet_hbond.range_2_auth_seq_id 
A 1 2 O SER A 13  ? O SER A 12  N GLN A 29  ? N GLN A 28  
A 2 3 O ILE A 28  ? O ILE A 27  N PHE A 66  ? N PHE A 65  
A 3 4 O VAL A 67  ? O VAL A 66  N ARG A 54  ? N ARG A 53  
B 1 2 N ARG A 50  ? N ARG A 49  O ILE A 43  ? O ILE A 42  
B 2 3 N ILE A 44  ? N ILE A 43  O ARG A 78  ? O ARG A 77  
B 3 4 N ILE A 85  ? N ILE A 84  O ARG A 89  ? O ARG A 88  
B 4 5 O ARG A 91  ? O ARG A 90  N TYR A 83  ? N TYR A 82  
B 5 6 N TYR A 79  ? N TYR A 78  O LEU A 96  ? O LEU A 95  
B 6 7 O VAL A 100 ? O VAL A 99  N TRP A 185 ? N TRP A 184 
B 7 8 N TRP A 185 ? N TRP A 184 O VAL A 100 ? O VAL A 99  
B 8 9 O VAL A 99  ? O VAL A 98  N ILE A 20  ? N ILE A 19  
C 1 2 O SER A 110 ? O SER A 109 N THR A 126 ? N THR A 125 
C 2 3 N CYS A 127 ? N CYS A 126 O ALA A 157 ? O ALA A 156 
D 1 2 N SER A 152 ? N SER A 151 O PHE A 137 ? O PHE A 136 
D 2 3 N ALA A 140 ? N ALA A 139 O ARG A 173 ? O ARG A 172 
D 3 4 N TYR A 172 ? N TYR A 171 O LEU A 192 ? O LEU A 191 
D 4 5 O VAL A 195 ? O VAL A 194 N LEU A 117 ? N LEU A 116 
# 
_pdbx_entry_details.entry_id                   1UCT 
_pdbx_entry_details.compound_details           ? 
_pdbx_entry_details.source_details             ? 
_pdbx_entry_details.nonpolymer_details         ? 
_pdbx_entry_details.sequence_details           ? 
_pdbx_entry_details.has_ligand_of_interest     ? 
_pdbx_entry_details.has_protein_modification   Y 
# 
loop_
_pdbx_validate_torsion.id 
_pdbx_validate_torsion.PDB_model_num 
_pdbx_validate_torsion.auth_comp_id 
_pdbx_validate_torsion.auth_asym_id 
_pdbx_validate_torsion.auth_seq_id 
_pdbx_validate_torsion.PDB_ins_code 
_pdbx_validate_torsion.label_alt_id 
_pdbx_validate_torsion.phi 
_pdbx_validate_torsion.psi 
1 1 ASN A 45  ? ? 57.44   -116.29 
2 1 HIS A 130 ? ? -121.47 -106.99 
3 1 PHE A 133 ? ? -46.83  152.06  
# 
loop_
_pdbx_unobs_or_zero_occ_residues.id 
_pdbx_unobs_or_zero_occ_residues.PDB_model_num 
_pdbx_unobs_or_zero_occ_residues.polymer_flag 
_pdbx_unobs_or_zero_occ_residues.occupancy_flag 
_pdbx_unobs_or_zero_occ_residues.auth_asym_id 
_pdbx_unobs_or_zero_occ_residues.auth_comp_id 
_pdbx_unobs_or_zero_occ_residues.auth_seq_id 
_pdbx_unobs_or_zero_occ_residues.PDB_ins_code 
_pdbx_unobs_or_zero_occ_residues.label_asym_id 
_pdbx_unobs_or_zero_occ_residues.label_comp_id 
_pdbx_unobs_or_zero_occ_residues.label_seq_id 
1  1 Y 1 A MET 0   ? A MET 1   
2  1 Y 1 A ALA 1   ? A ALA 2   
3  1 Y 1 A PHE 57  ? A PHE 58  
4  1 Y 1 A TRP 58  ? A TRP 59  
5  1 Y 1 A ASN 59  ? A ASN 60  
6  1 Y 1 A GLU 60  ? A GLU 61  
7  1 Y 1 A ASP 197 ? A ASP 198 
8  1 Y 1 A SER 198 ? A SER 199 
9  1 Y 1 A ILE 199 ? A ILE 200 
10 1 Y 1 A HIS 200 ? A HIS 201 
11 1 Y 1 A GLN 201 ? A GLN 202 
12 1 Y 1 A ASP 202 ? A ASP 203 
13 1 Y 1 A TYR 203 ? A TYR 204 
14 1 Y 1 A THR 204 ? A THR 205 
15 1 Y 1 A THR 205 ? A THR 206 
16 1 Y 1 A GLN 206 ? A GLN 207 
17 1 Y 1 A ASN 207 ? A ASN 208 
18 1 Y 1 A LEU 208 ? A LEU 209 
19 1 Y 1 A ILE 209 ? A ILE 210 
20 1 Y 1 A LEU 210 ? A LEU 211 
21 1 Y 1 A GLU 211 ? A GLU 212 
22 1 Y 1 A HIS 212 ? A HIS 213 
23 1 Y 1 A HIS 213 ? A HIS 214 
24 1 Y 1 A HIS 214 ? A HIS 215 
25 1 Y 1 A HIS 215 ? A HIS 216 
26 1 Y 1 A HIS 216 ? A HIS 217 
27 1 Y 1 A HIS 217 ? A HIS 218 
# 
loop_
_chem_comp_atom.comp_id 
_chem_comp_atom.atom_id 
_chem_comp_atom.type_symbol 
_chem_comp_atom.pdbx_aromatic_flag 
_chem_comp_atom.pdbx_stereo_config 
_chem_comp_atom.pdbx_ordinal 
ALA N    N N N 1   
ALA CA   C N S 2   
ALA C    C N N 3   
ALA O    O N N 4   
ALA CB   C N N 5   
ALA OXT  O N N 6   
ALA H    H N N 7   
ALA H2   H N N 8   
ALA HA   H N N 9   
ALA HB1  H N N 10  
ALA HB2  H N N 11  
ALA HB3  H N N 12  
ALA HXT  H N N 13  
ARG N    N N N 14  
ARG CA   C N S 15  
ARG C    C N N 16  
ARG O    O N N 17  
ARG CB   C N N 18  
ARG CG   C N N 19  
ARG CD   C N N 20  
ARG NE   N N N 21  
ARG CZ   C N N 22  
ARG NH1  N N N 23  
ARG NH2  N N N 24  
ARG OXT  O N N 25  
ARG H    H N N 26  
ARG H2   H N N 27  
ARG HA   H N N 28  
ARG HB2  H N N 29  
ARG HB3  H N N 30  
ARG HG2  H N N 31  
ARG HG3  H N N 32  
ARG HD2  H N N 33  
ARG HD3  H N N 34  
ARG HE   H N N 35  
ARG HH11 H N N 36  
ARG HH12 H N N 37  
ARG HH21 H N N 38  
ARG HH22 H N N 39  
ARG HXT  H N N 40  
ASN N    N N N 41  
ASN CA   C N S 42  
ASN C    C N N 43  
ASN O    O N N 44  
ASN CB   C N N 45  
ASN CG   C N N 46  
ASN OD1  O N N 47  
ASN ND2  N N N 48  
ASN OXT  O N N 49  
ASN H    H N N 50  
ASN H2   H N N 51  
ASN HA   H N N 52  
ASN HB2  H N N 53  
ASN HB3  H N N 54  
ASN HD21 H N N 55  
ASN HD22 H N N 56  
ASN HXT  H N N 57  
ASP N    N N N 58  
ASP CA   C N S 59  
ASP C    C N N 60  
ASP O    O N N 61  
ASP CB   C N N 62  
ASP CG   C N N 63  
ASP OD1  O N N 64  
ASP OD2  O N N 65  
ASP OXT  O N N 66  
ASP H    H N N 67  
ASP H2   H N N 68  
ASP HA   H N N 69  
ASP HB2  H N N 70  
ASP HB3  H N N 71  
ASP HD2  H N N 72  
ASP HXT  H N N 73  
CYS N    N N N 74  
CYS CA   C N R 75  
CYS C    C N N 76  
CYS O    O N N 77  
CYS CB   C N N 78  
CYS SG   S N N 79  
CYS OXT  O N N 80  
CYS H    H N N 81  
CYS H2   H N N 82  
CYS HA   H N N 83  
CYS HB2  H N N 84  
CYS HB3  H N N 85  
CYS HG   H N N 86  
CYS HXT  H N N 87  
GLN N    N N N 88  
GLN CA   C N S 89  
GLN C    C N N 90  
GLN O    O N N 91  
GLN CB   C N N 92  
GLN CG   C N N 93  
GLN CD   C N N 94  
GLN OE1  O N N 95  
GLN NE2  N N N 96  
GLN OXT  O N N 97  
GLN H    H N N 98  
GLN H2   H N N 99  
GLN HA   H N N 100 
GLN HB2  H N N 101 
GLN HB3  H N N 102 
GLN HG2  H N N 103 
GLN HG3  H N N 104 
GLN HE21 H N N 105 
GLN HE22 H N N 106 
GLN HXT  H N N 107 
GLU N    N N N 108 
GLU CA   C N S 109 
GLU C    C N N 110 
GLU O    O N N 111 
GLU CB   C N N 112 
GLU CG   C N N 113 
GLU CD   C N N 114 
GLU OE1  O N N 115 
GLU OE2  O N N 116 
GLU OXT  O N N 117 
GLU H    H N N 118 
GLU H2   H N N 119 
GLU HA   H N N 120 
GLU HB2  H N N 121 
GLU HB3  H N N 122 
GLU HG2  H N N 123 
GLU HG3  H N N 124 
GLU HE2  H N N 125 
GLU HXT  H N N 126 
GLY N    N N N 127 
GLY CA   C N N 128 
GLY C    C N N 129 
GLY O    O N N 130 
GLY OXT  O N N 131 
GLY H    H N N 132 
GLY H2   H N N 133 
GLY HA2  H N N 134 
GLY HA3  H N N 135 
GLY HXT  H N N 136 
HIS N    N N N 137 
HIS CA   C N S 138 
HIS C    C N N 139 
HIS O    O N N 140 
HIS CB   C N N 141 
HIS CG   C Y N 142 
HIS ND1  N Y N 143 
HIS CD2  C Y N 144 
HIS CE1  C Y N 145 
HIS NE2  N Y N 146 
HIS OXT  O N N 147 
HIS H    H N N 148 
HIS H2   H N N 149 
HIS HA   H N N 150 
HIS HB2  H N N 151 
HIS HB3  H N N 152 
HIS HD1  H N N 153 
HIS HD2  H N N 154 
HIS HE1  H N N 155 
HIS HE2  H N N 156 
HIS HXT  H N N 157 
HOH O    O N N 158 
HOH H1   H N N 159 
HOH H2   H N N 160 
ILE N    N N N 161 
ILE CA   C N S 162 
ILE C    C N N 163 
ILE O    O N N 164 
ILE CB   C N S 165 
ILE CG1  C N N 166 
ILE CG2  C N N 167 
ILE CD1  C N N 168 
ILE OXT  O N N 169 
ILE H    H N N 170 
ILE H2   H N N 171 
ILE HA   H N N 172 
ILE HB   H N N 173 
ILE HG12 H N N 174 
ILE HG13 H N N 175 
ILE HG21 H N N 176 
ILE HG22 H N N 177 
ILE HG23 H N N 178 
ILE HD11 H N N 179 
ILE HD12 H N N 180 
ILE HD13 H N N 181 
ILE HXT  H N N 182 
LEU N    N N N 183 
LEU CA   C N S 184 
LEU C    C N N 185 
LEU O    O N N 186 
LEU CB   C N N 187 
LEU CG   C N N 188 
LEU CD1  C N N 189 
LEU CD2  C N N 190 
LEU OXT  O N N 191 
LEU H    H N N 192 
LEU H2   H N N 193 
LEU HA   H N N 194 
LEU HB2  H N N 195 
LEU HB3  H N N 196 
LEU HG   H N N 197 
LEU HD11 H N N 198 
LEU HD12 H N N 199 
LEU HD13 H N N 200 
LEU HD21 H N N 201 
LEU HD22 H N N 202 
LEU HD23 H N N 203 
LEU HXT  H N N 204 
LYS N    N N N 205 
LYS CA   C N S 206 
LYS C    C N N 207 
LYS O    O N N 208 
LYS CB   C N N 209 
LYS CG   C N N 210 
LYS CD   C N N 211 
LYS CE   C N N 212 
LYS NZ   N N N 213 
LYS OXT  O N N 214 
LYS H    H N N 215 
LYS H2   H N N 216 
LYS HA   H N N 217 
LYS HB2  H N N 218 
LYS HB3  H N N 219 
LYS HG2  H N N 220 
LYS HG3  H N N 221 
LYS HD2  H N N 222 
LYS HD3  H N N 223 
LYS HE2  H N N 224 
LYS HE3  H N N 225 
LYS HZ1  H N N 226 
LYS HZ2  H N N 227 
LYS HZ3  H N N 228 
LYS HXT  H N N 229 
MET N    N N N 230 
MET CA   C N S 231 
MET C    C N N 232 
MET O    O N N 233 
MET CB   C N N 234 
MET CG   C N N 235 
MET SD   S N N 236 
MET CE   C N N 237 
MET OXT  O N N 238 
MET H    H N N 239 
MET H2   H N N 240 
MET HA   H N N 241 
MET HB2  H N N 242 
MET HB3  H N N 243 
MET HG2  H N N 244 
MET HG3  H N N 245 
MET HE1  H N N 246 
MET HE2  H N N 247 
MET HE3  H N N 248 
MET HXT  H N N 249 
PHE N    N N N 250 
PHE CA   C N S 251 
PHE C    C N N 252 
PHE O    O N N 253 
PHE CB   C N N 254 
PHE CG   C Y N 255 
PHE CD1  C Y N 256 
PHE CD2  C Y N 257 
PHE CE1  C Y N 258 
PHE CE2  C Y N 259 
PHE CZ   C Y N 260 
PHE OXT  O N N 261 
PHE H    H N N 262 
PHE H2   H N N 263 
PHE HA   H N N 264 
PHE HB2  H N N 265 
PHE HB3  H N N 266 
PHE HD1  H N N 267 
PHE HD2  H N N 268 
PHE HE1  H N N 269 
PHE HE2  H N N 270 
PHE HZ   H N N 271 
PHE HXT  H N N 272 
PRO N    N N N 273 
PRO CA   C N S 274 
PRO C    C N N 275 
PRO O    O N N 276 
PRO CB   C N N 277 
PRO CG   C N N 278 
PRO CD   C N N 279 
PRO OXT  O N N 280 
PRO H    H N N 281 
PRO HA   H N N 282 
PRO HB2  H N N 283 
PRO HB3  H N N 284 
PRO HG2  H N N 285 
PRO HG3  H N N 286 
PRO HD2  H N N 287 
PRO HD3  H N N 288 
PRO HXT  H N N 289 
SER N    N N N 290 
SER CA   C N S 291 
SER C    C N N 292 
SER O    O N N 293 
SER CB   C N N 294 
SER OG   O N N 295 
SER OXT  O N N 296 
SER H    H N N 297 
SER H2   H N N 298 
SER HA   H N N 299 
SER HB2  H N N 300 
SER HB3  H N N 301 
SER HG   H N N 302 
SER HXT  H N N 303 
THR N    N N N 304 
THR CA   C N S 305 
THR C    C N N 306 
THR O    O N N 307 
THR CB   C N R 308 
THR OG1  O N N 309 
THR CG2  C N N 310 
THR OXT  O N N 311 
THR H    H N N 312 
THR H2   H N N 313 
THR HA   H N N 314 
THR HB   H N N 315 
THR HG1  H N N 316 
THR HG21 H N N 317 
THR HG22 H N N 318 
THR HG23 H N N 319 
THR HXT  H N N 320 
TRP N    N N N 321 
TRP CA   C N S 322 
TRP C    C N N 323 
TRP O    O N N 324 
TRP CB   C N N 325 
TRP CG   C Y N 326 
TRP CD1  C Y N 327 
TRP CD2  C Y N 328 
TRP NE1  N Y N 329 
TRP CE2  C Y N 330 
TRP CE3  C Y N 331 
TRP CZ2  C Y N 332 
TRP CZ3  C Y N 333 
TRP CH2  C Y N 334 
TRP OXT  O N N 335 
TRP H    H N N 336 
TRP H2   H N N 337 
TRP HA   H N N 338 
TRP HB2  H N N 339 
TRP HB3  H N N 340 
TRP HD1  H N N 341 
TRP HE1  H N N 342 
TRP HE3  H N N 343 
TRP HZ2  H N N 344 
TRP HZ3  H N N 345 
TRP HH2  H N N 346 
TRP HXT  H N N 347 
TYR N    N N N 348 
TYR CA   C N S 349 
TYR C    C N N 350 
TYR O    O N N 351 
TYR CB   C N N 352 
TYR CG   C Y N 353 
TYR CD1  C Y N 354 
TYR CD2  C Y N 355 
TYR CE1  C Y N 356 
TYR CE2  C Y N 357 
TYR CZ   C Y N 358 
TYR OH   O N N 359 
TYR OXT  O N N 360 
TYR H    H N N 361 
TYR H2   H N N 362 
TYR HA   H N N 363 
TYR HB2  H N N 364 
TYR HB3  H N N 365 
TYR HD1  H N N 366 
TYR HD2  H N N 367 
TYR HE1  H N N 368 
TYR HE2  H N N 369 
TYR HH   H N N 370 
TYR HXT  H N N 371 
VAL N    N N N 372 
VAL CA   C N S 373 
VAL C    C N N 374 
VAL O    O N N 375 
VAL CB   C N N 376 
VAL CG1  C N N 377 
VAL CG2  C N N 378 
VAL OXT  O N N 379 
VAL H    H N N 380 
VAL H2   H N N 381 
VAL HA   H N N 382 
VAL HB   H N N 383 
VAL HG11 H N N 384 
VAL HG12 H N N 385 
VAL HG13 H N N 386 
VAL HG21 H N N 387 
VAL HG22 H N N 388 
VAL HG23 H N N 389 
VAL HXT  H N N 390 
# 
loop_
_chem_comp_bond.comp_id 
_chem_comp_bond.atom_id_1 
_chem_comp_bond.atom_id_2 
_chem_comp_bond.value_order 
_chem_comp_bond.pdbx_aromatic_flag 
_chem_comp_bond.pdbx_stereo_config 
_chem_comp_bond.pdbx_ordinal 
ALA N   CA   sing N N 1   
ALA N   H    sing N N 2   
ALA N   H2   sing N N 3   
ALA CA  C    sing N N 4   
ALA CA  CB   sing N N 5   
ALA CA  HA   sing N N 6   
ALA C   O    doub N N 7   
ALA C   OXT  sing N N 8   
ALA CB  HB1  sing N N 9   
ALA CB  HB2  sing N N 10  
ALA CB  HB3  sing N N 11  
ALA OXT HXT  sing N N 12  
ARG N   CA   sing N N 13  
ARG N   H    sing N N 14  
ARG N   H2   sing N N 15  
ARG CA  C    sing N N 16  
ARG CA  CB   sing N N 17  
ARG CA  HA   sing N N 18  
ARG C   O    doub N N 19  
ARG C   OXT  sing N N 20  
ARG CB  CG   sing N N 21  
ARG CB  HB2  sing N N 22  
ARG CB  HB3  sing N N 23  
ARG CG  CD   sing N N 24  
ARG CG  HG2  sing N N 25  
ARG CG  HG3  sing N N 26  
ARG CD  NE   sing N N 27  
ARG CD  HD2  sing N N 28  
ARG CD  HD3  sing N N 29  
ARG NE  CZ   sing N N 30  
ARG NE  HE   sing N N 31  
ARG CZ  NH1  sing N N 32  
ARG CZ  NH2  doub N N 33  
ARG NH1 HH11 sing N N 34  
ARG NH1 HH12 sing N N 35  
ARG NH2 HH21 sing N N 36  
ARG NH2 HH22 sing N N 37  
ARG OXT HXT  sing N N 38  
ASN N   CA   sing N N 39  
ASN N   H    sing N N 40  
ASN N   H2   sing N N 41  
ASN CA  C    sing N N 42  
ASN CA  CB   sing N N 43  
ASN CA  HA   sing N N 44  
ASN C   O    doub N N 45  
ASN C   OXT  sing N N 46  
ASN CB  CG   sing N N 47  
ASN CB  HB2  sing N N 48  
ASN CB  HB3  sing N N 49  
ASN CG  OD1  doub N N 50  
ASN CG  ND2  sing N N 51  
ASN ND2 HD21 sing N N 52  
ASN ND2 HD22 sing N N 53  
ASN OXT HXT  sing N N 54  
ASP N   CA   sing N N 55  
ASP N   H    sing N N 56  
ASP N   H2   sing N N 57  
ASP CA  C    sing N N 58  
ASP CA  CB   sing N N 59  
ASP CA  HA   sing N N 60  
ASP C   O    doub N N 61  
ASP C   OXT  sing N N 62  
ASP CB  CG   sing N N 63  
ASP CB  HB2  sing N N 64  
ASP CB  HB3  sing N N 65  
ASP CG  OD1  doub N N 66  
ASP CG  OD2  sing N N 67  
ASP OD2 HD2  sing N N 68  
ASP OXT HXT  sing N N 69  
CYS N   CA   sing N N 70  
CYS N   H    sing N N 71  
CYS N   H2   sing N N 72  
CYS CA  C    sing N N 73  
CYS CA  CB   sing N N 74  
CYS CA  HA   sing N N 75  
CYS C   O    doub N N 76  
CYS C   OXT  sing N N 77  
CYS CB  SG   sing N N 78  
CYS CB  HB2  sing N N 79  
CYS CB  HB3  sing N N 80  
CYS SG  HG   sing N N 81  
CYS OXT HXT  sing N N 82  
GLN N   CA   sing N N 83  
GLN N   H    sing N N 84  
GLN N   H2   sing N N 85  
GLN CA  C    sing N N 86  
GLN CA  CB   sing N N 87  
GLN CA  HA   sing N N 88  
GLN C   O    doub N N 89  
GLN C   OXT  sing N N 90  
GLN CB  CG   sing N N 91  
GLN CB  HB2  sing N N 92  
GLN CB  HB3  sing N N 93  
GLN CG  CD   sing N N 94  
GLN CG  HG2  sing N N 95  
GLN CG  HG3  sing N N 96  
GLN CD  OE1  doub N N 97  
GLN CD  NE2  sing N N 98  
GLN NE2 HE21 sing N N 99  
GLN NE2 HE22 sing N N 100 
GLN OXT HXT  sing N N 101 
GLU N   CA   sing N N 102 
GLU N   H    sing N N 103 
GLU N   H2   sing N N 104 
GLU CA  C    sing N N 105 
GLU CA  CB   sing N N 106 
GLU CA  HA   sing N N 107 
GLU C   O    doub N N 108 
GLU C   OXT  sing N N 109 
GLU CB  CG   sing N N 110 
GLU CB  HB2  sing N N 111 
GLU CB  HB3  sing N N 112 
GLU CG  CD   sing N N 113 
GLU CG  HG2  sing N N 114 
GLU CG  HG3  sing N N 115 
GLU CD  OE1  doub N N 116 
GLU CD  OE2  sing N N 117 
GLU OE2 HE2  sing N N 118 
GLU OXT HXT  sing N N 119 
GLY N   CA   sing N N 120 
GLY N   H    sing N N 121 
GLY N   H2   sing N N 122 
GLY CA  C    sing N N 123 
GLY CA  HA2  sing N N 124 
GLY CA  HA3  sing N N 125 
GLY C   O    doub N N 126 
GLY C   OXT  sing N N 127 
GLY OXT HXT  sing N N 128 
HIS N   CA   sing N N 129 
HIS N   H    sing N N 130 
HIS N   H2   sing N N 131 
HIS CA  C    sing N N 132 
HIS CA  CB   sing N N 133 
HIS CA  HA   sing N N 134 
HIS C   O    doub N N 135 
HIS C   OXT  sing N N 136 
HIS CB  CG   sing N N 137 
HIS CB  HB2  sing N N 138 
HIS CB  HB3  sing N N 139 
HIS CG  ND1  sing Y N 140 
HIS CG  CD2  doub Y N 141 
HIS ND1 CE1  doub Y N 142 
HIS ND1 HD1  sing N N 143 
HIS CD2 NE2  sing Y N 144 
HIS CD2 HD2  sing N N 145 
HIS CE1 NE2  sing Y N 146 
HIS CE1 HE1  sing N N 147 
HIS NE2 HE2  sing N N 148 
HIS OXT HXT  sing N N 149 
HOH O   H1   sing N N 150 
HOH O   H2   sing N N 151 
ILE N   CA   sing N N 152 
ILE N   H    sing N N 153 
ILE N   H2   sing N N 154 
ILE CA  C    sing N N 155 
ILE CA  CB   sing N N 156 
ILE CA  HA   sing N N 157 
ILE C   O    doub N N 158 
ILE C   OXT  sing N N 159 
ILE CB  CG1  sing N N 160 
ILE CB  CG2  sing N N 161 
ILE CB  HB   sing N N 162 
ILE CG1 CD1  sing N N 163 
ILE CG1 HG12 sing N N 164 
ILE CG1 HG13 sing N N 165 
ILE CG2 HG21 sing N N 166 
ILE CG2 HG22 sing N N 167 
ILE CG2 HG23 sing N N 168 
ILE CD1 HD11 sing N N 169 
ILE CD1 HD12 sing N N 170 
ILE CD1 HD13 sing N N 171 
ILE OXT HXT  sing N N 172 
LEU N   CA   sing N N 173 
LEU N   H    sing N N 174 
LEU N   H2   sing N N 175 
LEU CA  C    sing N N 176 
LEU CA  CB   sing N N 177 
LEU CA  HA   sing N N 178 
LEU C   O    doub N N 179 
LEU C   OXT  sing N N 180 
LEU CB  CG   sing N N 181 
LEU CB  HB2  sing N N 182 
LEU CB  HB3  sing N N 183 
LEU CG  CD1  sing N N 184 
LEU CG  CD2  sing N N 185 
LEU CG  HG   sing N N 186 
LEU CD1 HD11 sing N N 187 
LEU CD1 HD12 sing N N 188 
LEU CD1 HD13 sing N N 189 
LEU CD2 HD21 sing N N 190 
LEU CD2 HD22 sing N N 191 
LEU CD2 HD23 sing N N 192 
LEU OXT HXT  sing N N 193 
LYS N   CA   sing N N 194 
LYS N   H    sing N N 195 
LYS N   H2   sing N N 196 
LYS CA  C    sing N N 197 
LYS CA  CB   sing N N 198 
LYS CA  HA   sing N N 199 
LYS C   O    doub N N 200 
LYS C   OXT  sing N N 201 
LYS CB  CG   sing N N 202 
LYS CB  HB2  sing N N 203 
LYS CB  HB3  sing N N 204 
LYS CG  CD   sing N N 205 
LYS CG  HG2  sing N N 206 
LYS CG  HG3  sing N N 207 
LYS CD  CE   sing N N 208 
LYS CD  HD2  sing N N 209 
LYS CD  HD3  sing N N 210 
LYS CE  NZ   sing N N 211 
LYS CE  HE2  sing N N 212 
LYS CE  HE3  sing N N 213 
LYS NZ  HZ1  sing N N 214 
LYS NZ  HZ2  sing N N 215 
LYS NZ  HZ3  sing N N 216 
LYS OXT HXT  sing N N 217 
MET N   CA   sing N N 218 
MET N   H    sing N N 219 
MET N   H2   sing N N 220 
MET CA  C    sing N N 221 
MET CA  CB   sing N N 222 
MET CA  HA   sing N N 223 
MET C   O    doub N N 224 
MET C   OXT  sing N N 225 
MET CB  CG   sing N N 226 
MET CB  HB2  sing N N 227 
MET CB  HB3  sing N N 228 
MET CG  SD   sing N N 229 
MET CG  HG2  sing N N 230 
MET CG  HG3  sing N N 231 
MET SD  CE   sing N N 232 
MET CE  HE1  sing N N 233 
MET CE  HE2  sing N N 234 
MET CE  HE3  sing N N 235 
MET OXT HXT  sing N N 236 
PHE N   CA   sing N N 237 
PHE N   H    sing N N 238 
PHE N   H2   sing N N 239 
PHE CA  C    sing N N 240 
PHE CA  CB   sing N N 241 
PHE CA  HA   sing N N 242 
PHE C   O    doub N N 243 
PHE C   OXT  sing N N 244 
PHE CB  CG   sing N N 245 
PHE CB  HB2  sing N N 246 
PHE CB  HB3  sing N N 247 
PHE CG  CD1  doub Y N 248 
PHE CG  CD2  sing Y N 249 
PHE CD1 CE1  sing Y N 250 
PHE CD1 HD1  sing N N 251 
PHE CD2 CE2  doub Y N 252 
PHE CD2 HD2  sing N N 253 
PHE CE1 CZ   doub Y N 254 
PHE CE1 HE1  sing N N 255 
PHE CE2 CZ   sing Y N 256 
PHE CE2 HE2  sing N N 257 
PHE CZ  HZ   sing N N 258 
PHE OXT HXT  sing N N 259 
PRO N   CA   sing N N 260 
PRO N   CD   sing N N 261 
PRO N   H    sing N N 262 
PRO CA  C    sing N N 263 
PRO CA  CB   sing N N 264 
PRO CA  HA   sing N N 265 
PRO C   O    doub N N 266 
PRO C   OXT  sing N N 267 
PRO CB  CG   sing N N 268 
PRO CB  HB2  sing N N 269 
PRO CB  HB3  sing N N 270 
PRO CG  CD   sing N N 271 
PRO CG  HG2  sing N N 272 
PRO CG  HG3  sing N N 273 
PRO CD  HD2  sing N N 274 
PRO CD  HD3  sing N N 275 
PRO OXT HXT  sing N N 276 
SER N   CA   sing N N 277 
SER N   H    sing N N 278 
SER N   H2   sing N N 279 
SER CA  C    sing N N 280 
SER CA  CB   sing N N 281 
SER CA  HA   sing N N 282 
SER C   O    doub N N 283 
SER C   OXT  sing N N 284 
SER CB  OG   sing N N 285 
SER CB  HB2  sing N N 286 
SER CB  HB3  sing N N 287 
SER OG  HG   sing N N 288 
SER OXT HXT  sing N N 289 
THR N   CA   sing N N 290 
THR N   H    sing N N 291 
THR N   H2   sing N N 292 
THR CA  C    sing N N 293 
THR CA  CB   sing N N 294 
THR CA  HA   sing N N 295 
THR C   O    doub N N 296 
THR C   OXT  sing N N 297 
THR CB  OG1  sing N N 298 
THR CB  CG2  sing N N 299 
THR CB  HB   sing N N 300 
THR OG1 HG1  sing N N 301 
THR CG2 HG21 sing N N 302 
THR CG2 HG22 sing N N 303 
THR CG2 HG23 sing N N 304 
THR OXT HXT  sing N N 305 
TRP N   CA   sing N N 306 
TRP N   H    sing N N 307 
TRP N   H2   sing N N 308 
TRP CA  C    sing N N 309 
TRP CA  CB   sing N N 310 
TRP CA  HA   sing N N 311 
TRP C   O    doub N N 312 
TRP C   OXT  sing N N 313 
TRP CB  CG   sing N N 314 
TRP CB  HB2  sing N N 315 
TRP CB  HB3  sing N N 316 
TRP CG  CD1  doub Y N 317 
TRP CG  CD2  sing Y N 318 
TRP CD1 NE1  sing Y N 319 
TRP CD1 HD1  sing N N 320 
TRP CD2 CE2  doub Y N 321 
TRP CD2 CE3  sing Y N 322 
TRP NE1 CE2  sing Y N 323 
TRP NE1 HE1  sing N N 324 
TRP CE2 CZ2  sing Y N 325 
TRP CE3 CZ3  doub Y N 326 
TRP CE3 HE3  sing N N 327 
TRP CZ2 CH2  doub Y N 328 
TRP CZ2 HZ2  sing N N 329 
TRP CZ3 CH2  sing Y N 330 
TRP CZ3 HZ3  sing N N 331 
TRP CH2 HH2  sing N N 332 
TRP OXT HXT  sing N N 333 
TYR N   CA   sing N N 334 
TYR N   H    sing N N 335 
TYR N   H2   sing N N 336 
TYR CA  C    sing N N 337 
TYR CA  CB   sing N N 338 
TYR CA  HA   sing N N 339 
TYR C   O    doub N N 340 
TYR C   OXT  sing N N 341 
TYR CB  CG   sing N N 342 
TYR CB  HB2  sing N N 343 
TYR CB  HB3  sing N N 344 
TYR CG  CD1  doub Y N 345 
TYR CG  CD2  sing Y N 346 
TYR CD1 CE1  sing Y N 347 
TYR CD1 HD1  sing N N 348 
TYR CD2 CE2  doub Y N 349 
TYR CD2 HD2  sing N N 350 
TYR CE1 CZ   doub Y N 351 
TYR CE1 HE1  sing N N 352 
TYR CE2 CZ   sing Y N 353 
TYR CE2 HE2  sing N N 354 
TYR CZ  OH   sing N N 355 
TYR OH  HH   sing N N 356 
TYR OXT HXT  sing N N 357 
VAL N   CA   sing N N 358 
VAL N   H    sing N N 359 
VAL N   H2   sing N N 360 
VAL CA  C    sing N N 361 
VAL CA  CB   sing N N 362 
VAL CA  HA   sing N N 363 
VAL C   O    doub N N 364 
VAL C   OXT  sing N N 365 
VAL CB  CG1  sing N N 366 
VAL CB  CG2  sing N N 367 
VAL CB  HB   sing N N 368 
VAL CG1 HG11 sing N N 369 
VAL CG1 HG12 sing N N 370 
VAL CG1 HG13 sing N N 371 
VAL CG2 HG21 sing N N 372 
VAL CG2 HG22 sing N N 373 
VAL CG2 HG23 sing N N 374 
VAL OXT HXT  sing N N 375 
# 
_atom_sites.entry_id                    1UCT 
_atom_sites.fract_transf_matrix[1][1]   -0.00976022 
_atom_sites.fract_transf_matrix[1][2]   -0.00651149 
_atom_sites.fract_transf_matrix[1][3]   -0.01222725 
_atom_sites.fract_transf_matrix[2][1]   0.00167014 
_atom_sites.fract_transf_matrix[2][2]   -0.01313371 
_atom_sites.fract_transf_matrix[2][3]   0.00566105 
_atom_sites.fract_transf_matrix[3][1]   -0.00760897 
_atom_sites.fract_transf_matrix[3][2]   0.00134228 
_atom_sites.fract_transf_matrix[3][3]   0.00535894 
_atom_sites.fract_transf_vector[1]      0.196183 
_atom_sites.fract_transf_vector[2]      0.257914 
_atom_sites.fract_transf_vector[3]      -0.083015 
# 
loop_
_atom_type.symbol 
C 
N 
O 
S 
# 
loop_
_atom_site.group_PDB 
_atom_site.id 
_atom_site.type_symbol 
_atom_site.label_atom_id 
_atom_site.label_alt_id 
_atom_site.label_comp_id 
_atom_site.label_asym_id 
_atom_site.label_entity_id 
_atom_site.label_seq_id 
_atom_site.pdbx_PDB_ins_code 
_atom_site.Cartn_x 
_atom_site.Cartn_y 
_atom_site.Cartn_z 
_atom_site.occupancy 
_atom_site.B_iso_or_equiv 
_atom_site.pdbx_formal_charge 
_atom_site.auth_seq_id 
_atom_site.auth_comp_id 
_atom_site.auth_asym_id 
_atom_site.auth_atom_id 
_atom_site.pdbx_PDB_model_num 
ATOM   1    N N   . GLN A 1 3   ? 18.817  17.901  3.976   1.00 35.95 ? 2   GLN A N   1 
ATOM   2    C CA  . GLN A 1 3   ? 18.918  18.488  2.601   1.00 32.41 ? 2   GLN A CA  1 
ATOM   3    C C   . GLN A 1 3   ? 18.481  17.474  1.519   1.00 30.43 ? 2   GLN A C   1 
ATOM   4    O O   . GLN A 1 3   ? 18.969  17.532  0.373   1.00 27.20 ? 2   GLN A O   1 
ATOM   5    C CB  . GLN A 1 3   ? 20.363  18.901  2.350   1.00 31.22 ? 2   GLN A CB  1 
ATOM   6    C CG  . GLN A 1 3   ? 21.329  18.551  3.480   1.00 32.39 ? 2   GLN A CG  1 
ATOM   7    C CD  . GLN A 1 3   ? 22.792  18.647  3.034   1.00 35.20 ? 2   GLN A CD  1 
ATOM   8    O OE1 . GLN A 1 3   ? 23.724  18.577  3.856   1.00 35.61 ? 2   GLN A OE1 1 
ATOM   9    N NE2 . GLN A 1 3   ? 23.003  18.779  1.718   1.00 34.68 ? 2   GLN A NE2 1 
ATOM   10   N N   . GLU A 1 4   ? 17.545  16.578  1.848   1.00 27.84 ? 3   GLU A N   1 
ATOM   11   C CA  . GLU A 1 4   ? 17.155  15.574  0.848   1.00 29.95 ? 3   GLU A CA  1 
ATOM   12   C C   . GLU A 1 4   ? 16.689  16.151  -0.478  1.00 29.69 ? 3   GLU A C   1 
ATOM   13   O O   . GLU A 1 4   ? 16.841  15.519  -1.528  1.00 29.51 ? 3   GLU A O   1 
ATOM   14   C CB  . GLU A 1 4   ? 16.093  14.585  1.373   1.00 31.01 ? 3   GLU A CB  1 
ATOM   15   C CG  . GLU A 1 4   ? 16.466  13.148  0.951   1.00 34.71 ? 3   GLU A CG  1 
ATOM   16   C CD  . GLU A 1 4   ? 15.343  12.138  1.050   1.00 37.61 ? 3   GLU A CD  1 
ATOM   17   O OE1 . GLU A 1 4   ? 15.396  11.129  0.289   1.00 39.42 ? 3   GLU A OE1 1 
ATOM   18   O OE2 . GLU A 1 4   ? 14.422  12.334  1.880   1.00 38.73 ? 3   GLU A OE2 1 
ATOM   19   N N   . GLY A 1 5   ? 16.163  17.367  -0.434  1.00 29.75 ? 4   GLY A N   1 
ATOM   20   C CA  . GLY A 1 5   ? 15.690  18.014  -1.646  1.00 31.22 ? 4   GLY A CA  1 
ATOM   21   C C   . GLY A 1 5   ? 16.796  18.231  -2.657  1.00 31.57 ? 4   GLY A C   1 
ATOM   22   O O   . GLY A 1 5   ? 16.517  18.414  -3.841  1.00 32.71 ? 4   GLY A O   1 
ATOM   23   N N   . ASP A 1 6   ? 18.049  18.229  -2.211  1.00 30.25 ? 5   ASP A N   1 
ATOM   24   C CA  . ASP A 1 6   ? 19.159  18.419  -3.141  1.00 30.04 ? 5   ASP A CA  1 
ATOM   25   C C   . ASP A 1 6   ? 19.547  17.144  -3.901  1.00 28.37 ? 5   ASP A C   1 
ATOM   26   O O   . ASP A 1 6   ? 20.311  17.190  -4.867  1.00 27.37 ? 5   ASP A O   1 
ATOM   27   C CB  . ASP A 1 6   ? 20.389  18.961  -2.406  1.00 31.84 ? 5   ASP A CB  1 
ATOM   28   C CG  . ASP A 1 6   ? 20.083  20.246  -1.594  1.00 35.70 ? 5   ASP A CG  1 
ATOM   29   O OD1 . ASP A 1 6   ? 19.222  21.056  -2.024  1.00 38.94 ? 5   ASP A OD1 1 
ATOM   30   O OD2 . ASP A 1 6   ? 20.712  20.451  -0.529  1.00 38.19 ? 5   ASP A OD2 1 
ATOM   31   N N   . PHE A 1 7   ? 18.985  16.020  -3.482  1.00 25.57 ? 6   PHE A N   1 
ATOM   32   C CA  . PHE A 1 7   ? 19.308  14.717  -4.076  1.00 25.39 ? 6   PHE A CA  1 
ATOM   33   C C   . PHE A 1 7   ? 18.062  13.926  -4.487  1.00 24.62 ? 6   PHE A C   1 
ATOM   34   O O   . PHE A 1 7   ? 17.764  12.885  -3.891  1.00 23.23 ? 6   PHE A O   1 
ATOM   35   C CB  . PHE A 1 7   ? 20.101  13.879  -3.055  1.00 23.74 ? 6   PHE A CB  1 
ATOM   36   C CG  . PHE A 1 7   ? 21.173  14.658  -2.333  1.00 26.02 ? 6   PHE A CG  1 
ATOM   37   C CD1 . PHE A 1 7   ? 21.030  14.976  -0.988  1.00 24.59 ? 6   PHE A CD1 1 
ATOM   38   C CD2 . PHE A 1 7   ? 22.341  15.039  -2.988  1.00 25.36 ? 6   PHE A CD2 1 
ATOM   39   C CE1 . PHE A 1 7   ? 22.033  15.653  -0.280  1.00 23.73 ? 6   PHE A CE1 1 
ATOM   40   C CE2 . PHE A 1 7   ? 23.357  15.725  -2.295  1.00 25.88 ? 6   PHE A CE2 1 
ATOM   41   C CZ  . PHE A 1 7   ? 23.191  16.026  -0.919  1.00 25.28 ? 6   PHE A CZ  1 
ATOM   42   N N   . PRO A 1 8   ? 17.332  14.399  -5.508  1.00 25.32 ? 7   PRO A N   1 
ATOM   43   C CA  . PRO A 1 8   ? 16.128  13.694  -5.964  1.00 25.78 ? 7   PRO A CA  1 
ATOM   44   C C   . PRO A 1 8   ? 16.541  12.308  -6.367  1.00 25.95 ? 7   PRO A C   1 
ATOM   45   O O   . PRO A 1 8   ? 17.603  12.156  -6.931  1.00 26.88 ? 7   PRO A O   1 
ATOM   46   C CB  . PRO A 1 8   ? 15.660  14.531  -7.161  1.00 26.01 ? 7   PRO A CB  1 
ATOM   47   C CG  . PRO A 1 8   ? 16.866  15.214  -7.620  1.00 23.77 ? 7   PRO A CG  1 
ATOM   48   C CD  . PRO A 1 8   ? 17.598  15.572  -6.358  1.00 24.62 ? 7   PRO A CD  1 
ATOM   49   N N   . MET A 1 9   ? 15.716  11.301  -6.066  1.00 26.67 ? 8   MET A N   1 
ATOM   50   C CA  . MET A 1 9   ? 16.032  9.913   -6.413  1.00 25.46 ? 8   MET A CA  1 
ATOM   51   C C   . MET A 1 9   ? 15.110  9.472   -7.529  1.00 25.03 ? 8   MET A C   1 
ATOM   52   O O   . MET A 1 9   ? 14.095  10.115  -7.788  1.00 23.36 ? 8   MET A O   1 
ATOM   53   C CB  . MET A 1 9   ? 15.741  8.957   -5.243  1.00 26.37 ? 8   MET A CB  1 
ATOM   54   C CG  . MET A 1 9   ? 15.956  9.496   -3.819  1.00 26.97 ? 8   MET A CG  1 
ATOM   55   S SD  . MET A 1 9   ? 15.852  8.135   -2.602  1.00 16.82 ? 8   MET A SD  1 
ATOM   56   C CE  . MET A 1 9   ? 14.642  8.574   -1.659  1.00 27.31 ? 8   MET A CE  1 
ATOM   57   N N   . PRO A 1 10  ? 15.449  8.351   -8.203  1.00 23.16 ? 9   PRO A N   1 
ATOM   58   C CA  . PRO A 1 10  ? 14.619  7.808   -9.291  1.00 22.30 ? 9   PRO A CA  1 
ATOM   59   C C   . PRO A 1 10  ? 13.325  7.358   -8.603  1.00 22.91 ? 9   PRO A C   1 
ATOM   60   O O   . PRO A 1 10  ? 13.361  6.853   -7.464  1.00 20.97 ? 9   PRO A O   1 
ATOM   61   C CB  . PRO A 1 10  ? 15.418  6.608   -9.781  1.00 22.00 ? 9   PRO A CB  1 
ATOM   62   C CG  . PRO A 1 10  ? 16.837  7.003   -9.513  1.00 24.12 ? 9   PRO A CG  1 
ATOM   63   C CD  . PRO A 1 10  ? 16.761  7.690   -8.149  1.00 22.63 ? 9   PRO A CD  1 
ATOM   64   N N   . PHE A 1 11  ? 12.190  7.529   -9.263  1.00 21.73 ? 10  PHE A N   1 
ATOM   65   C CA  . PHE A 1 11  ? 10.943  7.139   -8.642  1.00 22.00 ? 10  PHE A CA  1 
ATOM   66   C C   . PHE A 1 11  ? 10.693  5.653   -8.751  1.00 22.55 ? 10  PHE A C   1 
ATOM   67   O O   . PHE A 1 11  ? 11.377  4.937   -9.483  1.00 19.06 ? 10  PHE A O   1 
ATOM   68   C CB  . PHE A 1 11  ? 9.765   7.910   -9.266  1.00 23.70 ? 10  PHE A CB  1 
ATOM   69   C CG  . PHE A 1 11  ? 9.463   7.553   -10.726 1.00 26.95 ? 10  PHE A CG  1 
ATOM   70   C CD1 . PHE A 1 11  ? 9.050   6.264   -11.087 1.00 28.15 ? 10  PHE A CD1 1 
ATOM   71   C CD2 . PHE A 1 11  ? 9.560   8.528   -11.738 1.00 27.43 ? 10  PHE A CD2 1 
ATOM   72   C CE1 . PHE A 1 11  ? 8.741   5.946   -12.433 1.00 29.06 ? 10  PHE A CE1 1 
ATOM   73   C CE2 . PHE A 1 11  ? 9.257   8.228   -13.076 1.00 26.22 ? 10  PHE A CE2 1 
ATOM   74   C CZ  . PHE A 1 11  ? 8.852   6.943   -13.430 1.00 28.78 ? 10  PHE A CZ  1 
ATOM   75   N N   . ILE A 1 12  ? 9.728   5.179   -7.973  1.00 22.93 ? 11  ILE A N   1 
ATOM   76   C CA  . ILE A 1 12  ? 9.304   3.781   -8.057  1.00 24.85 ? 11  ILE A CA  1 
ATOM   77   C C   . ILE A 1 12  ? 7.811   3.939   -7.829  1.00 24.89 ? 11  ILE A C   1 
ATOM   78   O O   . ILE A 1 12  ? 7.412   4.781   -7.043  1.00 24.35 ? 11  ILE A O   1 
ATOM   79   C CB  . ILE A 1 12  ? 9.920   2.888   -6.962  1.00 23.20 ? 11  ILE A CB  1 
ATOM   80   C CG1 . ILE A 1 12  ? 9.434   1.450   -7.156  1.00 24.11 ? 11  ILE A CG1 1 
ATOM   81   C CG2 . ILE A 1 12  ? 9.489   3.356   -5.587  1.00 25.39 ? 11  ILE A CG2 1 
ATOM   82   C CD1 . ILE A 1 12  ? 10.356  0.398   -6.530  1.00 20.54 ? 11  ILE A CD1 1 
ATOM   83   N N   . SER A 1 13  ? 6.984   3.185   -8.538  1.00 25.73 ? 12  SER A N   1 
ATOM   84   C CA  . SER A 1 13  ? 5.561   3.324   -8.336  1.00 27.97 ? 12  SER A CA  1 
ATOM   85   C C   . SER A 1 13  ? 4.838   2.036   -8.643  1.00 25.90 ? 12  SER A C   1 
ATOM   86   O O   . SER A 1 13  ? 5.272   1.251   -9.483  1.00 26.29 ? 12  SER A O   1 
ATOM   87   C CB  . SER A 1 13  ? 5.006   4.459   -9.205  1.00 31.72 ? 12  SER A CB  1 
ATOM   88   O OG  . SER A 1 13  ? 4.919   4.039   -10.544 1.00 36.53 ? 12  SER A OG  1 
ATOM   89   N N   . ALA A 1 14  ? 3.747   1.805   -7.927  1.00 23.01 ? 13  ALA A N   1 
ATOM   90   C CA  . ALA A 1 14  ? 2.965   0.609   -8.118  1.00 23.81 ? 13  ALA A CA  1 
ATOM   91   C C   . ALA A 1 14  ? 2.048   0.976   -9.246  1.00 23.67 ? 13  ALA A C   1 
ATOM   92   O O   . ALA A 1 14  ? 1.579   2.107   -9.298  1.00 24.12 ? 13  ALA A O   1 
ATOM   93   C CB  . ALA A 1 14  ? 2.146   0.293   -6.857  1.00 24.05 ? 13  ALA A CB  1 
ATOM   94   N N   . LYS A 1 15  ? 1.793   0.044   -10.148 1.00 24.73 ? 14  LYS A N   1 
ATOM   95   C CA  . LYS A 1 15  ? 0.910   0.344   -11.256 1.00 26.53 ? 14  LYS A CA  1 
ATOM   96   C C   . LYS A 1 15  ? -0.427  -0.321  -11.002 1.00 25.31 ? 14  LYS A C   1 
ATOM   97   O O   . LYS A 1 15  ? -1.412  -0.087  -11.713 1.00 24.84 ? 14  LYS A O   1 
ATOM   98   C CB  . LYS A 1 15  ? 1.548   -0.114  -12.561 1.00 27.08 ? 14  LYS A CB  1 
ATOM   99   C CG  . LYS A 1 15  ? 2.539   0.929   -13.099 1.00 33.94 ? 14  LYS A CG  1 
ATOM   100  C CD  . LYS A 1 15  ? 1.800   1.983   -13.960 1.00 35.47 ? 14  LYS A CD  1 
ATOM   101  C CE  . LYS A 1 15  ? 2.679   3.181   -14.319 1.00 37.79 ? 14  LYS A CE  1 
ATOM   102  N NZ  . LYS A 1 15  ? 2.776   4.263   -13.249 1.00 37.16 ? 14  LYS A NZ  1 
ATOM   103  N N   . SER A 1 16  ? -0.453  -1.165  -9.982  1.00 25.42 ? 15  SER A N   1 
ATOM   104  C CA  . SER A 1 16  ? -1.690  -1.818  -9.572  1.00 26.39 ? 15  SER A CA  1 
ATOM   105  C C   . SER A 1 16  ? -1.690  -1.696  -8.053  1.00 26.05 ? 15  SER A C   1 
ATOM   106  O O   . SER A 1 16  ? -0.747  -1.152  -7.474  1.00 27.23 ? 15  SER A O   1 
ATOM   107  C CB  . SER A 1 16  ? -1.768  -3.272  -10.049 1.00 26.61 ? 15  SER A CB  1 
ATOM   108  O OG  . SER A 1 16  ? -0.716  -4.072  -9.534  1.00 30.92 ? 15  SER A OG  1 
ATOM   109  N N   . SER A 1 17  ? -2.728  -2.185  -7.387  1.00 24.63 ? 16  SER A N   1 
ATOM   110  C CA  . SER A 1 17  ? -2.800  -2.001  -5.942  1.00 22.88 ? 16  SER A CA  1 
ATOM   111  C C   . SER A 1 17  ? -1.678  -2.584  -5.070  1.00 19.63 ? 16  SER A C   1 
ATOM   112  O O   . SER A 1 17  ? -1.298  -3.753  -5.184  1.00 19.68 ? 16  SER A O   1 
ATOM   113  C CB  . SER A 1 17  ? -4.146  -2.505  -5.450  1.00 21.47 ? 16  SER A CB  1 
ATOM   114  O OG  . SER A 1 17  ? -4.262  -2.269  -4.067  1.00 25.71 ? 16  SER A OG  1 
ATOM   115  N N   . PRO A 1 18  ? -1.126  -1.765  -4.172  1.00 20.05 ? 17  PRO A N   1 
ATOM   116  C CA  . PRO A 1 18  ? -0.064  -2.297  -3.316  1.00 18.73 ? 17  PRO A CA  1 
ATOM   117  C C   . PRO A 1 18  ? -0.613  -3.060  -2.111  1.00 20.00 ? 17  PRO A C   1 
ATOM   118  O O   . PRO A 1 18  ? 0.148   -3.438  -1.212  1.00 22.68 ? 17  PRO A O   1 
ATOM   119  C CB  . PRO A 1 18  ? 0.685   -1.042  -2.914  1.00 20.36 ? 17  PRO A CB  1 
ATOM   120  C CG  . PRO A 1 18  ? -0.397  -0.038  -2.820  1.00 18.23 ? 17  PRO A CG  1 
ATOM   121  C CD  . PRO A 1 18  ? -1.206  -0.298  -4.046  1.00 19.27 ? 17  PRO A CD  1 
ATOM   122  N N   . VAL A 1 19  ? -1.938  -3.210  -2.050  1.00 18.92 ? 18  VAL A N   1 
ATOM   123  C CA  . VAL A 1 19  ? -2.616  -3.940  -0.976  1.00 19.85 ? 18  VAL A CA  1 
ATOM   124  C C   . VAL A 1 19  ? -3.015  -5.210  -1.731  1.00 20.94 ? 18  VAL A C   1 
ATOM   125  O O   . VAL A 1 19  ? -3.949  -5.221  -2.527  1.00 20.87 ? 18  VAL A O   1 
ATOM   126  C CB  . VAL A 1 19  ? -3.866  -3.178  -0.463  1.00 20.33 ? 18  VAL A CB  1 
ATOM   127  C CG1 . VAL A 1 19  ? -4.621  -4.043  0.575   1.00 21.06 ? 18  VAL A CG1 1 
ATOM   128  C CG2 . VAL A 1 19  ? -3.437  -1.802  0.196   1.00 18.42 ? 18  VAL A CG2 1 
ATOM   129  N N   . ILE A 1 20  ? -2.308  -6.289  -1.475  1.00 18.76 ? 19  ILE A N   1 
ATOM   130  C CA  . ILE A 1 20  ? -2.511  -7.472  -2.277  1.00 19.79 ? 19  ILE A CA  1 
ATOM   131  C C   . ILE A 1 20  ? -2.988  -8.742  -1.605  1.00 21.03 ? 19  ILE A C   1 
ATOM   132  O O   . ILE A 1 20  ? -2.352  -9.217  -0.661  1.00 22.13 ? 19  ILE A O   1 
ATOM   133  C CB  . ILE A 1 20  ? -1.152  -7.760  -2.996  1.00 19.46 ? 19  ILE A CB  1 
ATOM   134  C CG1 . ILE A 1 20  ? -0.645  -6.454  -3.647  1.00 19.33 ? 19  ILE A CG1 1 
ATOM   135  C CG2 . ILE A 1 20  ? -1.308  -8.858  -4.005  1.00 18.41 ? 19  ILE A CG2 1 
ATOM   136  C CD1 . ILE A 1 20  ? 0.877   -6.360  -3.737  1.00 18.32 ? 19  ILE A CD1 1 
ATOM   137  N N   . PRO A 1 21  ? -4.091  -9.336  -2.102  1.00 22.44 ? 20  PRO A N   1 
ATOM   138  C CA  . PRO A 1 21  ? -4.567  -10.579 -1.484  1.00 24.41 ? 20  PRO A CA  1 
ATOM   139  C C   . PRO A 1 21  ? -3.500  -11.658 -1.600  1.00 26.46 ? 20  PRO A C   1 
ATOM   140  O O   . PRO A 1 21  ? -2.678  -11.658 -2.527  1.00 26.19 ? 20  PRO A O   1 
ATOM   141  C CB  . PRO A 1 21  ? -5.814  -10.943 -2.312  1.00 23.81 ? 20  PRO A CB  1 
ATOM   142  C CG  . PRO A 1 21  ? -5.480  -10.335 -3.689  1.00 25.31 ? 20  PRO A CG  1 
ATOM   143  C CD  . PRO A 1 21  ? -4.922  -8.976  -3.271  1.00 22.32 ? 20  PRO A CD  1 
ATOM   144  N N   . LEU A 1 22  ? -3.531  -12.603 -0.670  1.00 28.51 ? 21  LEU A N   1 
ATOM   145  C CA  . LEU A 1 22  ? -2.579  -13.679 -0.668  1.00 31.61 ? 21  LEU A CA  1 
ATOM   146  C C   . LEU A 1 22  ? -2.637  -14.363 -2.030  1.00 32.82 ? 21  LEU A C   1 
ATOM   147  O O   . LEU A 1 22  ? -3.708  -14.521 -2.604  1.00 33.54 ? 21  LEU A O   1 
ATOM   148  C CB  . LEU A 1 22  ? -2.921  -14.623 0.477   1.00 32.91 ? 21  LEU A CB  1 
ATOM   149  C CG  . LEU A 1 22  ? -1.981  -15.756 0.837   1.00 34.08 ? 21  LEU A CG  1 
ATOM   150  C CD1 . LEU A 1 22  ? -0.540  -15.276 1.034   1.00 33.66 ? 21  LEU A CD1 1 
ATOM   151  C CD2 . LEU A 1 22  ? -2.546  -16.383 2.108   1.00 35.34 ? 21  LEU A CD2 1 
ATOM   152  N N   . ASP A 1 23  ? -1.474  -14.727 -2.564  1.00 33.91 ? 22  ASP A N   1 
ATOM   153  C CA  . ASP A 1 23  ? -1.368  -15.364 -3.881  1.00 35.32 ? 22  ASP A CA  1 
ATOM   154  C C   . ASP A 1 23  ? -1.688  -14.423 -5.040  1.00 34.51 ? 22  ASP A C   1 
ATOM   155  O O   . ASP A 1 23  ? -1.743  -14.869 -6.186  1.00 35.36 ? 22  ASP A O   1 
ATOM   156  C CB  . ASP A 1 23  ? -2.277  -16.599 -3.989  1.00 38.87 ? 22  ASP A CB  1 
ATOM   157  C CG  . ASP A 1 23  ? -1.940  -17.478 -5.210  1.00 42.70 ? 22  ASP A CG  1 
ATOM   158  O OD1 . ASP A 1 23  ? -0.793  -17.985 -5.297  1.00 43.81 ? 22  ASP A OD1 1 
ATOM   159  O OD2 . ASP A 1 23  ? -2.822  -17.655 -6.088  1.00 45.03 ? 22  ASP A OD2 1 
ATOM   160  N N   . GLY A 1 24  ? -1.887  -13.133 -4.762  1.00 31.37 ? 23  GLY A N   1 
ATOM   161  C CA  . GLY A 1 24  ? -2.189  -12.185 -5.832  1.00 28.10 ? 23  GLY A CA  1 
ATOM   162  C C   . GLY A 1 24  ? -0.952  -11.715 -6.592  1.00 25.93 ? 23  GLY A C   1 
ATOM   163  O O   . GLY A 1 24  ? 0.114   -12.340 -6.537  1.00 25.26 ? 23  GLY A O   1 
ATOM   164  N N   . SER A 1 25  ? -1.064  -10.616 -7.324  1.00 25.10 ? 24  SER A N   1 
ATOM   165  C CA  . SER A 1 25  ? 0.101   -10.129 -8.057  1.00 25.13 ? 24  SER A CA  1 
ATOM   166  C C   . SER A 1 25  ? 0.073   -8.625  -8.138  1.00 23.35 ? 24  SER A C   1 
ATOM   167  O O   . SER A 1 25  ? -0.911  -8.000  -7.763  1.00 24.52 ? 24  SER A O   1 
ATOM   168  C CB  . SER A 1 25  ? 0.182   -10.758 -9.460  1.00 26.93 ? 24  SER A CB  1 
ATOM   169  O OG  . SER A 1 25  ? -0.956  -10.424 -10.210 1.00 28.70 ? 24  SER A OG  1 
ATOM   170  N N   . VAL A 1 26  ? 1.171   -8.030  -8.580  1.00 21.63 ? 25  VAL A N   1 
ATOM   171  C CA  . VAL A 1 26  ? 1.253   -6.576  -8.692  1.00 21.88 ? 25  VAL A CA  1 
ATOM   172  C C   . VAL A 1 26  ? 2.259   -6.216  -9.772  1.00 20.67 ? 25  VAL A C   1 
ATOM   173  O O   . VAL A 1 26  ? 3.154   -7.023  -10.111 1.00 21.91 ? 25  VAL A O   1 
ATOM   174  C CB  . VAL A 1 26  ? 1.710   -5.924  -7.331  1.00 22.88 ? 25  VAL A CB  1 
ATOM   175  C CG1 . VAL A 1 26  ? 3.164   -6.319  -7.010  1.00 22.31 ? 25  VAL A CG1 1 
ATOM   176  C CG2 . VAL A 1 26  ? 1.574   -4.428  -7.392  1.00 22.77 ? 25  VAL A CG2 1 
ATOM   177  N N   . LYS A 1 27  ? 2.096   -5.023  -10.342 1.00 20.85 ? 26  LYS A N   1 
ATOM   178  C CA  . LYS A 1 27  ? 2.987   -4.534  -11.376 1.00 22.19 ? 26  LYS A CA  1 
ATOM   179  C C   . LYS A 1 27  ? 3.670   -3.295  -10.800 1.00 22.85 ? 26  LYS A C   1 
ATOM   180  O O   . LYS A 1 27  ? 3.012   -2.442  -10.188 1.00 23.25 ? 26  LYS A O   1 
ATOM   181  C CB  . LYS A 1 27  ? 2.186   -4.153  -12.626 1.00 24.00 ? 26  LYS A CB  1 
ATOM   182  C CG  . LYS A 1 27  ? 3.057   -3.722  -13.789 1.00 27.97 ? 26  LYS A CG  1 
ATOM   183  C CD  . LYS A 1 27  ? 2.245   -3.658  -15.079 1.00 31.15 ? 26  LYS A CD  1 
ATOM   184  C CE  . LYS A 1 27  ? 3.012   -2.884  -16.148 1.00 35.21 ? 26  LYS A CE  1 
ATOM   185  N NZ  . LYS A 1 27  ? 2.257   -2.809  -17.447 1.00 38.05 ? 26  LYS A NZ  1 
ATOM   186  N N   . ILE A 1 28  ? 4.974   -3.179  -11.028 1.00 22.33 ? 27  ILE A N   1 
ATOM   187  C CA  . ILE A 1 28  ? 5.741   -2.071  -10.497 1.00 22.13 ? 27  ILE A CA  1 
ATOM   188  C C   . ILE A 1 28  ? 6.638   -1.471  -11.578 1.00 22.88 ? 27  ILE A C   1 
ATOM   189  O O   . ILE A 1 28  ? 7.127   -2.179  -12.457 1.00 20.44 ? 27  ILE A O   1 
ATOM   190  C CB  . ILE A 1 28  ? 6.598   -2.560  -9.312  1.00 23.26 ? 27  ILE A CB  1 
ATOM   191  C CG1 . ILE A 1 28  ? 5.689   -2.839  -8.104  1.00 22.11 ? 27  ILE A CG1 1 
ATOM   192  C CG2 . ILE A 1 28  ? 7.690   -1.504  -8.957  1.00 20.79 ? 27  ILE A CG2 1 
ATOM   193  C CD1 . ILE A 1 28  ? 6.288   -3.866  -7.102  1.00 24.07 ? 27  ILE A CD1 1 
ATOM   194  N N   . GLN A 1 29  ? 6.868   -0.165  -11.501 1.00 22.41 ? 28  GLN A N   1 
ATOM   195  C CA  . GLN A 1 29  ? 7.692   0.508   -12.499 1.00 23.33 ? 28  GLN A CA  1 
ATOM   196  C C   . GLN A 1 29  ? 8.693   1.387   -11.801 1.00 23.64 ? 28  GLN A C   1 
ATOM   197  O O   . GLN A 1 29  ? 8.338   2.111   -10.868 1.00 24.04 ? 28  GLN A O   1 
ATOM   198  C CB  . GLN A 1 29  ? 6.787   1.367   -13.392 1.00 23.22 ? 28  GLN A CB  1 
ATOM   199  C CG  . GLN A 1 29  ? 7.528   2.163   -14.438 1.00 26.23 ? 28  GLN A CG  1 
ATOM   200  C CD  . GLN A 1 29  ? 6.588   3.087   -15.199 1.00 28.05 ? 28  GLN A CD  1 
ATOM   201  O OE1 . GLN A 1 29  ? 6.220   4.168   -14.730 1.00 28.34 ? 28  GLN A OE1 1 
ATOM   202  N NE2 . GLN A 1 29  ? 6.171   2.645   -16.355 1.00 27.92 ? 28  GLN A NE2 1 
ATOM   203  N N   . CYS A 1 30  ? 9.942   1.335   -12.255 1.00 23.87 ? 29  CYS A N   1 
ATOM   204  C CA  . CYS A 1 30  ? 11.022  2.142   -11.685 1.00 24.94 ? 29  CYS A CA  1 
ATOM   205  C C   . CYS A 1 30  ? 11.513  3.100   -12.741 1.00 24.40 ? 29  CYS A C   1 
ATOM   206  O O   . CYS A 1 30  ? 11.584  2.733   -13.910 1.00 26.33 ? 29  CYS A O   1 
ATOM   207  C CB  . CYS A 1 30  ? 12.193  1.232   -11.282 1.00 25.62 ? 29  CYS A CB  1 
ATOM   208  S SG  . CYS A 1 30  ? 11.793  0.310   -9.757  1.00 34.83 ? 29  CYS A SG  1 
ATOM   209  N N   . GLN A 1 31  ? 11.893  4.305   -12.357 1.00 22.48 ? 30  GLN A N   1 
ATOM   210  C CA  . GLN A 1 31  ? 12.384  5.268   -13.348 1.00 22.93 ? 30  GLN A CA  1 
ATOM   211  C C   . GLN A 1 31  ? 13.713  4.826   -13.954 1.00 23.23 ? 30  GLN A C   1 
ATOM   212  O O   . GLN A 1 31  ? 14.608  4.367   -13.235 1.00 20.73 ? 30  GLN A O   1 
ATOM   213  C CB  . GLN A 1 31  ? 12.592  6.611   -12.695 1.00 23.23 ? 30  GLN A CB  1 
ATOM   214  C CG  . GLN A 1 31  ? 12.977  7.732   -13.671 1.00 23.99 ? 30  GLN A CG  1 
ATOM   215  C CD  . GLN A 1 31  ? 12.788  9.062   -13.008 1.00 24.78 ? 30  GLN A CD  1 
ATOM   216  O OE1 . GLN A 1 31  ? 12.830  9.158   -11.768 1.00 22.29 ? 30  GLN A OE1 1 
ATOM   217  N NE2 . GLN A 1 31  ? 12.586  10.104  -13.806 1.00 25.02 ? 30  GLN A NE2 1 
ATOM   218  N N   . ALA A 1 32  ? 13.849  4.995   -15.270 1.00 22.65 ? 31  ALA A N   1 
ATOM   219  C CA  . ALA A 1 32  ? 15.069  4.616   -15.957 1.00 24.28 ? 31  ALA A CA  1 
ATOM   220  C C   . ALA A 1 32  ? 16.258  5.509   -15.667 1.00 23.42 ? 31  ALA A C   1 
ATOM   221  O O   . ALA A 1 32  ? 16.111  6.687   -15.451 1.00 23.45 ? 31  ALA A O   1 
ATOM   222  C CB  . ALA A 1 32  ? 14.834  4.577   -17.474 1.00 25.71 ? 31  ALA A CB  1 
ATOM   223  N N   . ILE A 1 33  ? 17.441  4.907   -15.633 1.00 23.31 ? 32  ILE A N   1 
ATOM   224  C CA  . ILE A 1 33  ? 18.698  5.646   -15.470 1.00 22.62 ? 32  ILE A CA  1 
ATOM   225  C C   . ILE A 1 33  ? 19.496  5.090   -16.657 1.00 23.25 ? 32  ILE A C   1 
ATOM   226  O O   . ILE A 1 33  ? 19.967  3.926   -16.629 1.00 21.21 ? 32  ILE A O   1 
ATOM   227  C CB  . ILE A 1 33  ? 19.430  5.290   -14.165 1.00 22.60 ? 32  ILE A CB  1 
ATOM   228  C CG1 . ILE A 1 33  ? 18.681  5.848   -12.962 1.00 22.03 ? 32  ILE A CG1 1 
ATOM   229  C CG2 . ILE A 1 33  ? 20.829  5.875   -14.177 1.00 22.09 ? 32  ILE A CG2 1 
ATOM   230  C CD1 . ILE A 1 33  ? 19.496  5.646   -11.645 1.00 26.08 ? 32  ILE A CD1 1 
ATOM   231  N N   . ARG A 1 34  ? 19.619  5.907   -17.700 1.00 22.78 ? 33  ARG A N   1 
ATOM   232  C CA  . ARG A 1 34  ? 20.282  5.508   -18.942 1.00 25.37 ? 33  ARG A CA  1 
ATOM   233  C C   . ARG A 1 34  ? 21.618  4.825   -18.842 1.00 22.50 ? 33  ARG A C   1 
ATOM   234  O O   . ARG A 1 34  ? 21.908  3.926   -19.621 1.00 21.34 ? 33  ARG A O   1 
ATOM   235  C CB  . ARG A 1 34  ? 20.424  6.717   -19.887 1.00 27.61 ? 33  ARG A CB  1 
ATOM   236  C CG  . ARG A 1 34  ? 19.092  7.316   -20.285 1.00 35.22 ? 33  ARG A CG  1 
ATOM   237  C CD  . ARG A 1 34  ? 19.262  8.557   -21.233 1.00 39.49 ? 33  ARG A CD  1 
ATOM   238  N NE  . ARG A 1 34  ? 20.580  9.190   -21.110 1.00 42.83 ? 33  ARG A NE  1 
ATOM   239  C CZ  . ARG A 1 34  ? 20.841  10.453  -21.460 1.00 46.26 ? 33  ARG A CZ  1 
ATOM   240  N NH1 . ARG A 1 34  ? 19.877  11.232  -21.947 1.00 46.12 ? 33  ARG A NH1 1 
ATOM   241  N NH2 . ARG A 1 34  ? 22.080  10.932  -21.357 1.00 47.49 ? 33  ARG A NH2 1 
ATOM   242  N N   . GLU A 1 35  ? 22.453  5.265   -17.912 1.00 22.17 ? 34  GLU A N   1 
ATOM   243  C CA  . GLU A 1 35  ? 23.788  4.671   -17.760 1.00 22.15 ? 34  GLU A CA  1 
ATOM   244  C C   . GLU A 1 35  ? 23.877  3.335   -17.023 1.00 22.35 ? 34  GLU A C   1 
ATOM   245  O O   . GLU A 1 35  ? 24.978  2.765   -16.909 1.00 21.02 ? 34  GLU A O   1 
ATOM   246  C CB  . GLU A 1 35  ? 24.709  5.654   -17.054 1.00 23.51 ? 34  GLU A CB  1 
ATOM   247  C CG  . GLU A 1 35  ? 24.927  6.944   -17.816 1.00 27.10 ? 34  GLU A CG  1 
ATOM   248  C CD  . GLU A 1 35  ? 23.939  8.037   -17.442 1.00 30.38 ? 34  GLU A CD  1 
ATOM   249  O OE1 . GLU A 1 35  ? 24.196  9.191   -17.814 1.00 33.28 ? 34  GLU A OE1 1 
ATOM   250  O OE2 . GLU A 1 35  ? 22.911  7.752   -16.782 1.00 31.91 ? 34  GLU A OE2 1 
ATOM   251  N N   . ALA A 1 36  ? 22.748  2.822   -16.530 1.00 21.58 ? 35  ALA A N   1 
ATOM   252  C CA  . ALA A 1 36  ? 22.737  1.543   -15.770 1.00 21.66 ? 35  ALA A CA  1 
ATOM   253  C C   . ALA A 1 36  ? 22.783  0.330   -16.684 1.00 20.98 ? 35  ALA A C   1 
ATOM   254  O O   . ALA A 1 36  ? 21.911  0.173   -17.545 1.00 22.17 ? 35  ALA A O   1 
ATOM   255  C CB  . ALA A 1 36  ? 21.474  1.473   -14.886 1.00 21.09 ? 35  ALA A CB  1 
ATOM   256  N N   . TYR A 1 37  ? 23.767  -0.546  -16.520 1.00 19.26 ? 36  TYR A N   1 
ATOM   257  C CA  . TYR A 1 37  ? 23.844  -1.696  -17.427 1.00 19.38 ? 36  TYR A CA  1 
ATOM   258  C C   . TYR A 1 37  ? 22.804  -2.734  -17.011 1.00 19.35 ? 36  TYR A C   1 
ATOM   259  O O   . TYR A 1 37  ? 22.343  -3.573  -17.819 1.00 19.10 ? 36  TYR A O   1 
ATOM   260  C CB  . TYR A 1 37  ? 25.273  -2.280  -17.464 1.00 19.39 ? 36  TYR A CB  1 
ATOM   261  C CG  . TYR A 1 37  ? 25.734  -2.973  -16.193 1.00 19.67 ? 36  TYR A CG  1 
ATOM   262  C CD1 . TYR A 1 37  ? 25.344  -4.282  -15.921 1.00 18.10 ? 36  TYR A CD1 1 
ATOM   263  C CD2 . TYR A 1 37  ? 26.558  -2.321  -15.272 1.00 19.15 ? 36  TYR A CD2 1 
ATOM   264  C CE1 . TYR A 1 37  ? 25.743  -4.939  -14.765 1.00 18.26 ? 36  TYR A CE1 1 
ATOM   265  C CE2 . TYR A 1 37  ? 26.989  -2.984  -14.092 1.00 19.77 ? 36  TYR A CE2 1 
ATOM   266  C CZ  . TYR A 1 37  ? 26.567  -4.289  -13.856 1.00 20.91 ? 36  TYR A CZ  1 
ATOM   267  O OH  . TYR A 1 37  ? 26.953  -4.964  -12.711 1.00 19.23 ? 36  TYR A OH  1 
ATOM   268  N N   . LEU A 1 38  ? 22.388  -2.614  -15.764 1.00 19.51 ? 37  LEU A N   1 
ATOM   269  C CA  . LEU A 1 38  ? 21.358  -3.462  -15.198 1.00 19.33 ? 37  LEU A CA  1 
ATOM   270  C C   . LEU A 1 38  ? 20.486  -2.748  -14.126 1.00 20.38 ? 37  LEU A C   1 
ATOM   271  O O   . LEU A 1 38  ? 20.981  -2.009  -13.228 1.00 18.67 ? 37  LEU A O   1 
ATOM   272  C CB  . LEU A 1 38  ? 22.032  -4.692  -14.581 1.00 18.85 ? 37  LEU A CB  1 
ATOM   273  C CG  . LEU A 1 38  ? 21.133  -5.625  -13.749 1.00 19.48 ? 37  LEU A CG  1 
ATOM   274  C CD1 . LEU A 1 38  ? 20.170  -6.400  -14.623 1.00 16.35 ? 37  LEU A CD1 1 
ATOM   275  C CD2 . LEU A 1 38  ? 22.014  -6.593  -12.998 1.00 16.48 ? 37  LEU A CD2 1 
ATOM   276  N N   . THR A 1 39  ? 19.186  -3.006  -14.196 1.00 18.76 ? 38  THR A N   1 
ATOM   277  C CA  . THR A 1 39  ? 18.245  -2.485  -13.221 1.00 18.82 ? 38  THR A CA  1 
ATOM   278  C C   . THR A 1 39  ? 17.439  -3.687  -12.757 1.00 18.49 ? 38  THR A C   1 
ATOM   279  O O   . THR A 1 39  ? 16.964  -4.470  -13.597 1.00 20.30 ? 38  THR A O   1 
ATOM   280  C CB  . THR A 1 39  ? 17.286  -1.450  -13.834 1.00 18.98 ? 38  THR A CB  1 
ATOM   281  O OG1 . THR A 1 39  ? 18.058  -0.342  -14.342 1.00 19.87 ? 38  THR A OG1 1 
ATOM   282  C CG2 . THR A 1 39  ? 16.288  -0.920  -12.732 1.00 19.83 ? 38  THR A CG2 1 
ATOM   283  N N   . GLN A 1 40  ? 17.305  -3.861  -11.447 1.00 17.80 ? 39  GLN A N   1 
ATOM   284  C CA  . GLN A 1 40  ? 16.539  -4.985  -10.890 1.00 18.95 ? 39  GLN A CA  1 
ATOM   285  C C   . GLN A 1 40  ? 15.696  -4.499  -9.724  1.00 20.96 ? 39  GLN A C   1 
ATOM   286  O O   . GLN A 1 40  ? 16.111  -3.597  -8.964  1.00 19.50 ? 39  GLN A O   1 
ATOM   287  C CB  . GLN A 1 40  ? 17.449  -6.101  -10.346 1.00 19.26 ? 39  GLN A CB  1 
ATOM   288  C CG  . GLN A 1 40  ? 18.266  -6.904  -11.377 1.00 22.13 ? 39  GLN A CG  1 
ATOM   289  C CD  . GLN A 1 40  ? 19.193  -7.969  -10.746 1.00 21.51 ? 39  GLN A CD  1 
ATOM   290  O OE1 . GLN A 1 40  ? 20.058  -7.655  -9.901  1.00 22.38 ? 39  GLN A OE1 1 
ATOM   291  N NE2 . GLN A 1 40  ? 19.029  -9.231  -11.175 1.00 21.17 ? 39  GLN A NE2 1 
ATOM   292  N N   . LEU A 1 41  ? 14.520  -5.109  -9.578  1.00 20.40 ? 40  LEU A N   1 
ATOM   293  C CA  . LEU A 1 41  ? 13.616  -4.807  -8.489  1.00 20.73 ? 40  LEU A CA  1 
ATOM   294  C C   . LEU A 1 41  ? 14.085  -5.652  -7.315  1.00 19.01 ? 40  LEU A C   1 
ATOM   295  O O   . LEU A 1 41  ? 14.291  -6.857  -7.470  1.00 19.76 ? 40  LEU A O   1 
ATOM   296  C CB  . LEU A 1 41  ? 12.195  -5.196  -8.883  1.00 21.35 ? 40  LEU A CB  1 
ATOM   297  C CG  . LEU A 1 41  ? 11.136  -5.040  -7.803  1.00 21.24 ? 40  LEU A CG  1 
ATOM   298  C CD1 . LEU A 1 41  ? 11.004  -3.578  -7.415  1.00 23.03 ? 40  LEU A CD1 1 
ATOM   299  C CD2 . LEU A 1 41  ? 9.817   -5.599  -8.351  1.00 22.89 ? 40  LEU A CD2 1 
ATOM   300  N N   . MET A 1 42  ? 14.265  -5.026  -6.155  1.00 18.51 ? 41  MET A N   1 
ATOM   301  C CA  . MET A 1 42  ? 14.748  -5.722  -4.962  1.00 18.34 ? 41  MET A CA  1 
ATOM   302  C C   . MET A 1 42  ? 13.766  -5.617  -3.770  1.00 18.88 ? 41  MET A C   1 
ATOM   303  O O   . MET A 1 42  ? 13.072  -4.631  -3.646  1.00 18.62 ? 41  MET A O   1 
ATOM   304  C CB  . MET A 1 42  ? 16.084  -5.114  -4.502  1.00 15.19 ? 41  MET A CB  1 
ATOM   305  C CG  . MET A 1 42  ? 17.214  -4.959  -5.577  1.00 18.55 ? 41  MET A CG  1 
ATOM   306  S SD  . MET A 1 42  ? 17.780  -6.428  -6.434  1.00 11.84 ? 41  MET A SD  1 
ATOM   307  C CE  . MET A 1 42  ? 19.009  -6.973  -5.361  1.00 15.62 ? 41  MET A CE  1 
ATOM   308  N N   . ILE A 1 43  ? 13.701  -6.644  -2.916  1.00 18.43 ? 42  ILE A N   1 
ATOM   309  C CA  . ILE A 1 43  ? 12.888  -6.540  -1.704  1.00 20.68 ? 42  ILE A CA  1 
ATOM   310  C C   . ILE A 1 43  ? 13.994  -6.469  -0.646  1.00 22.79 ? 42  ILE A C   1 
ATOM   311  O O   . ILE A 1 43  ? 15.022  -7.149  -0.783  1.00 21.18 ? 42  ILE A O   1 
ATOM   312  C CB  . ILE A 1 43  ? 12.013  -7.797  -1.408  1.00 20.11 ? 42  ILE A CB  1 
ATOM   313  C CG1 . ILE A 1 43  ? 11.280  -7.568  -0.083  1.00 19.22 ? 42  ILE A CG1 1 
ATOM   314  C CG2 . ILE A 1 43  ? 12.873  -9.104  -1.381  1.00 18.87 ? 42  ILE A CG2 1 
ATOM   315  C CD1 . ILE A 1 43  ? 10.220  -8.656  0.215   1.00 19.88 ? 42  ILE A CD1 1 
ATOM   316  N N   . ILE A 1 44  ? 13.784  -5.686  0.401   1.00 22.70 ? 43  ILE A N   1 
ATOM   317  C CA  . ILE A 1 44  ? 14.804  -5.517  1.419   1.00 25.70 ? 43  ILE A CA  1 
ATOM   318  C C   . ILE A 1 44  ? 14.484  -6.265  2.680   1.00 26.88 ? 43  ILE A C   1 
ATOM   319  O O   . ILE A 1 44  ? 13.344  -6.244  3.152   1.00 27.61 ? 43  ILE A O   1 
ATOM   320  C CB  . ILE A 1 44  ? 14.950  -4.036  1.797   1.00 26.15 ? 43  ILE A CB  1 
ATOM   321  C CG1 . ILE A 1 44  ? 14.827  -3.196  0.528   1.00 27.99 ? 43  ILE A CG1 1 
ATOM   322  C CG2 . ILE A 1 44  ? 16.318  -3.774  2.488   1.00 27.26 ? 43  ILE A CG2 1 
ATOM   323  C CD1 . ILE A 1 44  ? 14.483  -1.747  0.799   1.00 30.51 ? 43  ILE A CD1 1 
ATOM   324  N N   . LYS A 1 45  ? 15.503  -6.903  3.238   1.00 26.75 ? 44  LYS A N   1 
ATOM   325  C CA  . LYS A 1 45  ? 15.361  -7.662  4.473   1.00 30.38 ? 44  LYS A CA  1 
ATOM   326  C C   . LYS A 1 45  ? 16.537  -7.158  5.328   1.00 30.70 ? 44  LYS A C   1 
ATOM   327  O O   . LYS A 1 45  ? 17.699  -7.392  4.979   1.00 31.08 ? 44  LYS A O   1 
ATOM   328  C CB  . LYS A 1 45  ? 15.503  -9.174  4.189   1.00 30.89 ? 44  LYS A CB  1 
ATOM   329  C CG  . LYS A 1 45  ? 14.399  -9.794  3.298   1.00 33.62 ? 44  LYS A CG  1 
ATOM   330  C CD  . LYS A 1 45  ? 12.992  -9.673  3.932   1.00 34.70 ? 44  LYS A CD  1 
ATOM   331  C CE  . LYS A 1 45  ? 11.949  -10.498 3.155   1.00 35.85 ? 44  LYS A CE  1 
ATOM   332  N NZ  . LYS A 1 45  ? 10.551  -10.327 3.709   1.00 38.21 ? 44  LYS A NZ  1 
ATOM   333  N N   . ASN A 1 46  ? 16.246  -6.477  6.433   1.00 31.63 ? 45  ASN A N   1 
ATOM   334  C CA  . ASN A 1 46  ? 17.306  -5.886  7.276   1.00 31.84 ? 45  ASN A CA  1 
ATOM   335  C C   . ASN A 1 46  ? 18.051  -4.979  6.318   1.00 31.22 ? 45  ASN A C   1 
ATOM   336  O O   . ASN A 1 46  ? 17.473  -4.020  5.823   1.00 32.43 ? 45  ASN A O   1 
ATOM   337  C CB  . ASN A 1 46  ? 18.269  -6.941  7.833   1.00 33.90 ? 45  ASN A CB  1 
ATOM   338  C CG  . ASN A 1 46  ? 17.624  -7.809  8.914   1.00 38.11 ? 45  ASN A CG  1 
ATOM   339  O OD1 . ASN A 1 46  ? 17.078  -7.292  9.916   1.00 38.91 ? 45  ASN A OD1 1 
ATOM   340  N ND2 . ASN A 1 46  ? 17.682  -9.135  8.726   1.00 39.11 ? 45  ASN A ND2 1 
ATOM   341  N N   . SER A 1 47  ? 19.324  -5.257  6.052   1.00 28.75 ? 46  SER A N   1 
ATOM   342  C CA  . SER A 1 47  ? 20.051  -4.442  5.081   1.00 27.70 ? 46  SER A CA  1 
ATOM   343  C C   . SER A 1 47  ? 20.567  -5.293  3.931   1.00 26.90 ? 46  SER A C   1 
ATOM   344  O O   . SER A 1 47  ? 21.628  -5.021  3.370   1.00 25.55 ? 46  SER A O   1 
ATOM   345  C CB  . SER A 1 47  ? 21.204  -3.668  5.749   1.00 29.06 ? 46  SER A CB  1 
ATOM   346  O OG  . SER A 1 47  ? 20.751  -2.381  6.162   1.00 27.64 ? 46  SER A OG  1 
ATOM   347  N N   . THR A 1 48  ? 19.805  -6.332  3.586   1.00 26.03 ? 47  THR A N   1 
ATOM   348  C CA  . THR A 1 48  ? 20.134  -7.198  2.455   1.00 25.79 ? 47  THR A CA  1 
ATOM   349  C C   . THR A 1 48  ? 19.057  -7.012  1.392   1.00 25.05 ? 47  THR A C   1 
ATOM   350  O O   . THR A 1 48  ? 17.856  -6.992  1.688   1.00 23.54 ? 47  THR A O   1 
ATOM   351  C CB  . THR A 1 48  ? 20.155  -8.681  2.848   1.00 27.57 ? 47  THR A CB  1 
ATOM   352  O OG1 . THR A 1 48  ? 21.277  -8.918  3.713   1.00 30.01 ? 47  THR A OG1 1 
ATOM   353  C CG2 . THR A 1 48  ? 20.295  -9.578  1.594   1.00 25.85 ? 47  THR A CG2 1 
ATOM   354  N N   . TYR A 1 49  ? 19.487  -6.856  0.150   1.00 23.19 ? 48  TYR A N   1 
ATOM   355  C CA  . TYR A 1 49  ? 18.558  -6.660  -0.949  1.00 22.30 ? 48  TYR A CA  1 
ATOM   356  C C   . TYR A 1 49  ? 18.564  -7.971  -1.706  1.00 22.58 ? 48  TYR A C   1 
ATOM   357  O O   . TYR A 1 49  ? 19.640  -8.497  -1.914  1.00 21.39 ? 48  TYR A O   1 
ATOM   358  C CB  . TYR A 1 49  ? 19.062  -5.531  -1.869  1.00 20.17 ? 48  TYR A CB  1 
ATOM   359  C CG  . TYR A 1 49  ? 18.871  -4.135  -1.291  1.00 20.19 ? 48  TYR A CG  1 
ATOM   360  C CD1 . TYR A 1 49  ? 19.854  -3.529  -0.492  1.00 20.15 ? 48  TYR A CD1 1 
ATOM   361  C CD2 . TYR A 1 49  ? 17.700  -3.434  -1.520  1.00 19.46 ? 48  TYR A CD2 1 
ATOM   362  C CE1 . TYR A 1 49  ? 19.660  -2.232  0.074   1.00 19.37 ? 48  TYR A CE1 1 
ATOM   363  C CE2 . TYR A 1 49  ? 17.494  -2.143  -0.957  1.00 20.78 ? 48  TYR A CE2 1 
ATOM   364  C CZ  . TYR A 1 49  ? 18.480  -1.567  -0.159  1.00 18.96 ? 48  TYR A CZ  1 
ATOM   365  O OH  . TYR A 1 49  ? 18.207  -0.379  0.472   1.00 17.96 ? 48  TYR A OH  1 
ATOM   366  N N   . ARG A 1 50  ? 17.384  -8.478  -2.107  1.00 22.55 ? 49  ARG A N   1 
ATOM   367  C CA  . ARG A 1 50  ? 17.273  -9.712  -2.876  1.00 24.71 ? 49  ARG A CA  1 
ATOM   368  C C   . ARG A 1 50  ? 16.394  -9.513  -4.141  1.00 24.30 ? 49  ARG A C   1 
ATOM   369  O O   . ARG A 1 50  ? 15.316  -8.894  -4.077  1.00 22.42 ? 49  ARG A O   1 
ATOM   370  C CB  . ARG A 1 50  ? 16.680  -10.811 -1.996  1.00 28.67 ? 49  ARG A CB  1 
ATOM   371  C CG  . ARG A 1 50  ? 17.503  -11.073 -0.716  1.00 36.40 ? 49  ARG A CG  1 
ATOM   372  C CD  . ARG A 1 50  ? 16.875  -12.195 0.133   1.00 40.30 ? 49  ARG A CD  1 
ATOM   373  N NE  . ARG A 1 50  ? 17.755  -12.695 1.206   1.00 44.86 ? 49  ARG A NE  1 
ATOM   374  C CZ  . ARG A 1 50  ? 18.965  -13.241 1.020   1.00 46.76 ? 49  ARG A CZ  1 
ATOM   375  N NH1 . ARG A 1 50  ? 19.471  -13.362 -0.204  1.00 49.00 ? 49  ARG A NH1 1 
ATOM   376  N NH2 . ARG A 1 50  ? 19.676  -13.690 2.059   1.00 46.60 ? 49  ARG A NH2 1 
ATOM   377  N N   . GLU A 1 51  ? 16.840  -10.027 -5.283  1.00 24.32 ? 50  GLU A N   1 
ATOM   378  C CA  . GLU A 1 51  ? 16.079  -9.875  -6.539  1.00 28.95 ? 50  GLU A CA  1 
ATOM   379  C C   . GLU A 1 51  ? 14.721  -10.508 -6.384  1.00 28.10 ? 50  GLU A C   1 
ATOM   380  O O   . GLU A 1 51  ? 14.583  -11.530 -5.734  1.00 31.05 ? 50  GLU A O   1 
ATOM   381  C CB  . GLU A 1 51  ? 16.754  -10.571 -7.738  1.00 31.56 ? 50  GLU A CB  1 
ATOM   382  C CG  . GLU A 1 51  ? 18.183  -10.250 -7.951  1.00 38.30 ? 50  GLU A CG  1 
ATOM   383  C CD  . GLU A 1 51  ? 19.067  -10.950 -6.934  1.00 41.05 ? 50  GLU A CD  1 
ATOM   384  O OE1 . GLU A 1 51  ? 19.088  -12.208 -6.906  1.00 44.59 ? 50  GLU A OE1 1 
ATOM   385  O OE2 . GLU A 1 51  ? 19.741  -10.243 -6.168  1.00 43.41 ? 50  GLU A OE2 1 
ATOM   386  N N   . ILE A 1 52  ? 13.707  -9.912  -6.969  1.00 27.14 ? 51  ILE A N   1 
ATOM   387  C CA  . ILE A 1 52  ? 12.390  -10.516 -6.896  1.00 26.54 ? 51  ILE A CA  1 
ATOM   388  C C   . ILE A 1 52  ? 11.624  -10.049 -8.130  1.00 26.82 ? 51  ILE A C   1 
ATOM   389  O O   . ILE A 1 52  ? 12.004  -9.047  -8.737  1.00 25.48 ? 51  ILE A O   1 
ATOM   390  C CB  . ILE A 1 52  ? 11.650  -10.087 -5.636  1.00 26.59 ? 51  ILE A CB  1 
ATOM   391  C CG1 . ILE A 1 52  ? 10.268  -10.756 -5.611  1.00 29.29 ? 51  ILE A CG1 1 
ATOM   392  C CG2 . ILE A 1 52  ? 11.527  -8.567  -5.607  1.00 28.15 ? 51  ILE A CG2 1 
ATOM   393  C CD1 . ILE A 1 52  ? 9.500   -10.596 -4.330  1.00 30.25 ? 51  ILE A CD1 1 
ATOM   394  N N   . GLY A 1 53  ? 10.593  -10.793 -8.533  1.00 25.83 ? 52  GLY A N   1 
ATOM   395  C CA  . GLY A 1 53  ? 9.797   -10.385 -9.685  1.00 27.97 ? 52  GLY A CA  1 
ATOM   396  C C   . GLY A 1 53  ? 10.302  -10.735 -11.092 1.00 28.23 ? 52  GLY A C   1 
ATOM   397  O O   . GLY A 1 53  ? 11.365  -11.317 -11.269 1.00 29.05 ? 52  GLY A O   1 
ATOM   398  N N   . ARG A 1 54  ? 9.513   -10.377 -12.098 1.00 26.90 ? 53  ARG A N   1 
ATOM   399  C CA  . ARG A 1 54  ? 9.860   -10.643 -13.471 1.00 29.06 ? 53  ARG A CA  1 
ATOM   400  C C   . ARG A 1 54  ? 9.947   -9.349  -14.261 1.00 29.22 ? 53  ARG A C   1 
ATOM   401  O O   . ARG A 1 54  ? 8.998   -8.579  -14.306 1.00 28.60 ? 53  ARG A O   1 
ATOM   402  C CB  . ARG A 1 54  ? 8.802   -11.555 -14.117 1.00 30.70 ? 53  ARG A CB  1 
ATOM   403  C CG  . ARG A 1 54  ? 9.010   -11.766 -15.603 1.00 35.69 ? 53  ARG A CG  1 
ATOM   404  C CD  . ARG A 1 54  ? 8.131   -12.880 -16.142 1.00 37.41 ? 53  ARG A CD  1 
ATOM   405  N NE  . ARG A 1 54  ? 6.729   -12.702 -15.791 1.00 39.14 ? 53  ARG A NE  1 
ATOM   406  C CZ  . ARG A 1 54  ? 5.899   -11.875 -16.407 1.00 40.98 ? 53  ARG A CZ  1 
ATOM   407  N NH1 . ARG A 1 54  ? 4.629   -11.786 -16.002 1.00 41.87 ? 53  ARG A NH1 1 
ATOM   408  N NH2 . ARG A 1 54  ? 6.334   -11.143 -17.424 1.00 42.01 ? 53  ARG A NH2 1 
ATOM   409  N N   . ARG A 1 55  ? 11.086  -9.113  -14.898 1.00 29.65 ? 54  ARG A N   1 
ATOM   410  C CA  . ARG A 1 55  ? 11.249  -7.913  -15.702 1.00 29.97 ? 54  ARG A CA  1 
ATOM   411  C C   . ARG A 1 55  ? 10.406  -8.090  -16.962 1.00 32.03 ? 54  ARG A C   1 
ATOM   412  O O   . ARG A 1 55  ? 10.441  -9.153  -17.596 1.00 31.48 ? 54  ARG A O   1 
ATOM   413  C CB  . ARG A 1 55  ? 12.715  -7.755  -16.093 1.00 29.63 ? 54  ARG A CB  1 
ATOM   414  C CG  . ARG A 1 55  ? 12.984  -6.576  -17.007 1.00 29.54 ? 54  ARG A CG  1 
ATOM   415  C CD  . ARG A 1 55  ? 12.710  -5.243  -16.306 1.00 29.81 ? 54  ARG A CD  1 
ATOM   416  N NE  . ARG A 1 55  ? 13.045  -4.124  -17.191 1.00 32.22 ? 54  ARG A NE  1 
ATOM   417  C CZ  . ARG A 1 55  ? 14.296  -3.738  -17.416 1.00 33.30 ? 54  ARG A CZ  1 
ATOM   418  N NH1 . ARG A 1 55  ? 15.276  -4.383  -16.795 1.00 32.61 ? 54  ARG A NH1 1 
ATOM   419  N NH2 . ARG A 1 55  ? 14.575  -2.758  -18.286 1.00 32.21 ? 54  ARG A NH2 1 
ATOM   420  N N   . LEU A 1 56  ? 9.629   -7.070  -17.319 1.00 32.83 ? 55  LEU A N   1 
ATOM   421  C CA  . LEU A 1 56  ? 8.818   -7.167  -18.521 1.00 35.57 ? 55  LEU A CA  1 
ATOM   422  C C   . LEU A 1 56  ? 9.718   -6.768  -19.685 1.00 38.00 ? 55  LEU A C   1 
ATOM   423  O O   . LEU A 1 56  ? 10.406  -5.745  -19.613 1.00 38.36 ? 55  LEU A O   1 
ATOM   424  C CB  . LEU A 1 56  ? 7.608   -6.233  -18.448 1.00 33.59 ? 55  LEU A CB  1 
ATOM   425  C CG  . LEU A 1 56  ? 6.588   -6.532  -17.344 1.00 35.10 ? 55  LEU A CG  1 
ATOM   426  C CD1 . LEU A 1 56  ? 5.346   -5.639  -17.546 1.00 34.11 ? 55  LEU A CD1 1 
ATOM   427  C CD2 . LEU A 1 56  ? 6.197   -8.027  -17.373 1.00 33.15 ? 55  LEU A CD2 1 
ATOM   428  N N   . LYS A 1 57  ? 9.737   -7.575  -20.744 1.00 40.32 ? 56  LYS A N   1 
ATOM   429  C CA  . LYS A 1 57  ? 10.587  -7.285  -21.911 1.00 43.35 ? 56  LYS A CA  1 
ATOM   430  C C   . LYS A 1 57  ? 9.749   -6.921  -23.140 1.00 43.57 ? 56  LYS A C   1 
ATOM   431  O O   . LYS A 1 57  ? 8.928   -6.003  -23.110 1.00 45.14 ? 56  LYS A O   1 
ATOM   432  C CB  . LYS A 1 57  ? 11.460  -8.502  -22.276 1.00 45.77 ? 56  LYS A CB  1 
ATOM   433  C CG  . LYS A 1 57  ? 12.027  -9.345  -21.118 1.00 49.06 ? 56  LYS A CG  1 
ATOM   434  C CD  . LYS A 1 57  ? 13.254  -8.724  -20.438 1.00 51.33 ? 56  LYS A CD  1 
ATOM   435  C CE  . LYS A 1 57  ? 13.792  -9.662  -19.355 1.00 52.00 ? 56  LYS A CE  1 
ATOM   436  N NZ  . LYS A 1 57  ? 15.034  -9.127  -18.718 1.00 53.84 ? 56  LYS A NZ  1 
ATOM   437  N N   . THR A 1 62  ? 12.169  4.216   -21.925 1.00 45.00 ? 61  THR A N   1 
ATOM   438  C CA  . THR A 1 62  ? 11.265  3.245   -21.313 1.00 42.68 ? 61  THR A CA  1 
ATOM   439  C C   . THR A 1 62  ? 11.704  2.907   -19.886 1.00 40.02 ? 61  THR A C   1 
ATOM   440  O O   . THR A 1 62  ? 12.776  2.335   -19.667 1.00 39.20 ? 61  THR A O   1 
ATOM   441  C CB  . THR A 1 62  ? 11.207  1.945   -22.160 1.00 45.82 ? 61  THR A CB  1 
ATOM   442  O OG1 . THR A 1 62  ? 10.524  2.211   -23.397 1.00 49.21 ? 61  THR A OG1 1 
ATOM   443  C CG2 . THR A 1 62  ? 10.472  0.842   -21.425 1.00 45.77 ? 61  THR A CG2 1 
ATOM   444  N N   . ASP A 1 63  ? 10.859  3.266   -18.921 1.00 35.72 ? 62  ASP A N   1 
ATOM   445  C CA  . ASP A 1 63  ? 11.115  2.991   -17.521 1.00 31.99 ? 62  ASP A CA  1 
ATOM   446  C C   . ASP A 1 63  ? 10.890  1.497   -17.251 1.00 29.45 ? 62  ASP A C   1 
ATOM   447  O O   . ASP A 1 63  ? 9.815   0.969   -17.523 1.00 30.71 ? 62  ASP A O   1 
ATOM   448  C CB  . ASP A 1 63  ? 10.171  3.835   -16.650 1.00 31.52 ? 62  ASP A CB  1 
ATOM   449  C CG  . ASP A 1 63  ? 10.425  5.343   -16.799 1.00 32.16 ? 62  ASP A CG  1 
ATOM   450  O OD1 . ASP A 1 63  ? 11.601  5.776   -16.806 1.00 29.73 ? 62  ASP A OD1 1 
ATOM   451  O OD2 . ASP A 1 63  ? 9.445   6.109   -16.875 1.00 33.66 ? 62  ASP A OD2 1 
ATOM   452  N N   . PRO A 1 64  ? 11.884  0.800   -16.700 1.00 26.39 ? 63  PRO A N   1 
ATOM   453  C CA  . PRO A 1 64  ? 11.677  -0.627  -16.445 1.00 26.63 ? 63  PRO A CA  1 
ATOM   454  C C   . PRO A 1 64  ? 10.436  -0.999  -15.613 1.00 27.11 ? 63  PRO A C   1 
ATOM   455  O O   . PRO A 1 64  ? 10.103  -0.346  -14.622 1.00 25.02 ? 63  PRO A O   1 
ATOM   456  C CB  . PRO A 1 64  ? 12.979  -1.068  -15.769 1.00 26.76 ? 63  PRO A CB  1 
ATOM   457  C CG  . PRO A 1 64  ? 13.620  0.186   -15.314 1.00 25.91 ? 63  PRO A CG  1 
ATOM   458  C CD  . PRO A 1 64  ? 13.261  1.195   -16.366 1.00 27.41 ? 63  PRO A CD  1 
ATOM   459  N N   . GLU A 1 65  ? 9.753   -2.045  -16.058 1.00 24.83 ? 64  GLU A N   1 
ATOM   460  C CA  . GLU A 1 65  ? 8.565   -2.535  -15.385 1.00 25.13 ? 64  GLU A CA  1 
ATOM   461  C C   . GLU A 1 65  ? 8.745   -3.960  -14.951 1.00 23.78 ? 64  GLU A C   1 
ATOM   462  O O   . GLU A 1 65  ? 9.376   -4.768  -15.664 1.00 23.95 ? 64  GLU A O   1 
ATOM   463  C CB  . GLU A 1 65  ? 7.365   -2.447  -16.312 1.00 27.65 ? 64  GLU A CB  1 
ATOM   464  C CG  . GLU A 1 65  ? 7.120   -1.036  -16.722 1.00 32.83 ? 64  GLU A CG  1 
ATOM   465  C CD  . GLU A 1 65  ? 5.715   -0.826  -17.188 1.00 37.70 ? 64  GLU A CD  1 
ATOM   466  O OE1 . GLU A 1 65  ? 5.209   0.305   -17.011 1.00 41.91 ? 64  GLU A OE1 1 
ATOM   467  O OE2 . GLU A 1 65  ? 5.109   -1.782  -17.733 1.00 40.29 ? 64  GLU A OE2 1 
ATOM   468  N N   . PHE A 1 66  ? 8.197   -4.279  -13.776 1.00 22.43 ? 65  PHE A N   1 
ATOM   469  C CA  . PHE A 1 66  ? 8.294   -5.643  -13.235 1.00 22.32 ? 65  PHE A CA  1 
ATOM   470  C C   . PHE A 1 66  ? 6.932   -6.141  -12.781 1.00 23.73 ? 65  PHE A C   1 
ATOM   471  O O   . PHE A 1 66  ? 6.024   -5.373  -12.562 1.00 23.58 ? 65  PHE A O   1 
ATOM   472  C CB  . PHE A 1 66  ? 9.236   -5.672  -12.041 1.00 22.17 ? 65  PHE A CB  1 
ATOM   473  C CG  . PHE A 1 66  ? 10.551  -5.037  -12.308 1.00 21.75 ? 65  PHE A CG  1 
ATOM   474  C CD1 . PHE A 1 66  ? 10.662  -3.648  -12.395 1.00 22.81 ? 65  PHE A CD1 1 
ATOM   475  C CD2 . PHE A 1 66  ? 11.668  -5.815  -12.515 1.00 20.92 ? 65  PHE A CD2 1 
ATOM   476  C CE1 . PHE A 1 66  ? 11.888  -3.048  -12.690 1.00 22.83 ? 65  PHE A CE1 1 
ATOM   477  C CE2 . PHE A 1 66  ? 12.896  -5.234  -12.814 1.00 20.63 ? 65  PHE A CE2 1 
ATOM   478  C CZ  . PHE A 1 66  ? 13.012  -3.857  -12.902 1.00 20.92 ? 65  PHE A CZ  1 
ATOM   479  N N   . VAL A 1 67  ? 6.795   -7.443  -12.643 1.00 25.99 ? 66  VAL A N   1 
ATOM   480  C CA  . VAL A 1 67  ? 5.541   -8.008  -12.203 1.00 27.13 ? 66  VAL A CA  1 
ATOM   481  C C   . VAL A 1 67  ? 5.868   -9.057  -11.184 1.00 27.29 ? 66  VAL A C   1 
ATOM   482  O O   . VAL A 1 67  ? 6.742   -9.851  -11.418 1.00 26.36 ? 66  VAL A O   1 
ATOM   483  C CB  . VAL A 1 67  ? 4.779   -8.704  -13.362 1.00 30.17 ? 66  VAL A CB  1 
ATOM   484  C CG1 . VAL A 1 67  ? 3.588   -9.540  -12.800 1.00 30.11 ? 66  VAL A CG1 1 
ATOM   485  C CG2 . VAL A 1 67  ? 4.257   -7.646  -14.344 1.00 30.94 ? 66  VAL A CG2 1 
ATOM   486  N N   . ILE A 1 68  ? 5.175   -9.033  -10.044 1.00 28.43 ? 67  ILE A N   1 
ATOM   487  C CA  . ILE A 1 68  ? 5.365   -10.046 -9.018  1.00 28.78 ? 67  ILE A CA  1 
ATOM   488  C C   . ILE A 1 68  ? 4.058   -10.823 -9.027  1.00 31.12 ? 67  ILE A C   1 
ATOM   489  O O   . ILE A 1 68  ? 2.993   -10.264 -8.838  1.00 28.48 ? 67  ILE A O   1 
ATOM   490  C CB  . ILE A 1 68  ? 5.565   -9.436  -7.610  1.00 27.86 ? 67  ILE A CB  1 
ATOM   491  C CG1 . ILE A 1 68  ? 6.759   -8.467  -7.623  1.00 28.36 ? 67  ILE A CG1 1 
ATOM   492  C CG2 . ILE A 1 68  ? 5.880   -10.538 -6.614  1.00 26.46 ? 67  ILE A CG2 1 
ATOM   493  C CD1 . ILE A 1 68  ? 7.007   -7.773  -6.305  1.00 26.67 ? 67  ILE A CD1 1 
ATOM   494  N N   . ASP A 1 69  ? 4.147   -12.115 -9.282  1.00 34.75 ? 68  ASP A N   1 
ATOM   495  C CA  . ASP A 1 69  ? 2.978   -12.971 -9.293  1.00 38.89 ? 68  ASP A CA  1 
ATOM   496  C C   . ASP A 1 69  ? 3.007   -13.764 -7.990  1.00 39.24 ? 68  ASP A C   1 
ATOM   497  O O   . ASP A 1 69  ? 4.033   -13.823 -7.315  1.00 41.17 ? 68  ASP A O   1 
ATOM   498  C CB  . ASP A 1 69  ? 3.058   -13.943 -10.472 1.00 42.70 ? 68  ASP A CB  1 
ATOM   499  C CG  . ASP A 1 69  ? 2.884   -13.254 -11.806 1.00 46.62 ? 68  ASP A CG  1 
ATOM   500  O OD1 . ASP A 1 69  ? 1.838   -12.580 -11.988 1.00 49.96 ? 68  ASP A OD1 1 
ATOM   501  O OD2 . ASP A 1 69  ? 3.779   -13.392 -12.675 1.00 49.06 ? 68  ASP A OD2 1 
ATOM   502  N N   . HIS A 1 70  ? 1.886   -14.374 -7.643  1.00 38.63 ? 69  HIS A N   1 
ATOM   503  C CA  . HIS A 1 70  ? 1.806   -15.189 -6.446  1.00 39.59 ? 69  HIS A CA  1 
ATOM   504  C C   . HIS A 1 70  ? 2.410   -14.542 -5.203  1.00 38.89 ? 69  HIS A C   1 
ATOM   505  O O   . HIS A 1 70  ? 3.382   -15.040 -4.640  1.00 40.60 ? 69  HIS A O   1 
ATOM   506  C CB  . HIS A 1 70  ? 2.468   -16.544 -6.721  1.00 41.89 ? 69  HIS A CB  1 
ATOM   507  C CG  . HIS A 1 70  ? 1.879   -17.255 -7.900  1.00 43.96 ? 69  HIS A CG  1 
ATOM   508  N ND1 . HIS A 1 70  ? 2.485   -17.271 -9.137  1.00 44.78 ? 69  HIS A ND1 1 
ATOM   509  C CD2 . HIS A 1 70  ? 0.686   -17.879 -8.059  1.00 45.39 ? 69  HIS A CD2 1 
ATOM   510  C CE1 . HIS A 1 70  ? 1.690   -17.868 -10.011 1.00 46.63 ? 69  HIS A CE1 1 
ATOM   511  N NE2 . HIS A 1 70  ? 0.590   -18.244 -9.382  1.00 47.20 ? 69  HIS A NE2 1 
ATOM   512  N N   . MET A 1 71  ? 1.810   -13.439 -4.771  1.00 36.90 ? 70  MET A N   1 
ATOM   513  C CA  . MET A 1 71  ? 2.289   -12.718 -3.612  1.00 34.55 ? 70  MET A CA  1 
ATOM   514  C C   . MET A 1 71  ? 2.055   -13.523 -2.354  1.00 34.59 ? 70  MET A C   1 
ATOM   515  O O   . MET A 1 71  ? 0.988   -14.098 -2.141  1.00 32.63 ? 70  MET A O   1 
ATOM   516  C CB  . MET A 1 71  ? 1.584   -11.364 -3.501  1.00 33.40 ? 70  MET A CB  1 
ATOM   517  C CG  . MET A 1 71  ? 2.144   -10.305 -4.463  1.00 30.20 ? 70  MET A CG  1 
ATOM   518  S SD  . MET A 1 71  ? 3.678   -9.581  -3.870  1.00 25.33 ? 70  MET A SD  1 
ATOM   519  C CE  . MET A 1 71  ? 3.254   -9.429  -2.262  1.00 19.51 ? 70  MET A CE  1 
ATOM   520  N N   . ASP A 1 72  ? 3.083   -13.614 -1.528  1.00 35.05 ? 71  ASP A N   1 
ATOM   521  C CA  . ASP A 1 72  ? 2.901   -14.340 -0.284  1.00 33.96 ? 71  ASP A CA  1 
ATOM   522  C C   . ASP A 1 72  ? 3.557   -13.538 0.793   1.00 32.49 ? 71  ASP A C   1 
ATOM   523  O O   . ASP A 1 72  ? 4.190   -12.532 0.492   1.00 31.79 ? 71  ASP A O   1 
ATOM   524  C CB  . ASP A 1 72  ? 3.458   -15.756 -0.369  1.00 34.69 ? 71  ASP A CB  1 
ATOM   525  C CG  . ASP A 1 72  ? 4.866   -15.817 -0.915  1.00 37.80 ? 71  ASP A CG  1 
ATOM   526  O OD1 . ASP A 1 72  ? 5.781   -15.142 -0.359  1.00 37.45 ? 71  ASP A OD1 1 
ATOM   527  O OD2 . ASP A 1 72  ? 5.053   -16.573 -1.899  1.00 39.62 ? 71  ASP A OD2 1 
ATOM   528  N N   . ALA A 1 73  ? 3.394   -13.963 2.043   1.00 31.79 ? 72  ALA A N   1 
ATOM   529  C CA  . ALA A 1 73  ? 3.949   -13.242 3.177   1.00 30.93 ? 72  ALA A CA  1 
ATOM   530  C C   . ALA A 1 73  ? 5.407   -12.837 3.036   1.00 31.09 ? 72  ALA A C   1 
ATOM   531  O O   . ALA A 1 73  ? 5.806   -11.742 3.459   1.00 32.62 ? 72  ALA A O   1 
ATOM   532  C CB  . ALA A 1 73  ? 3.760   -14.056 4.440   1.00 31.19 ? 72  ALA A CB  1 
ATOM   533  N N   . ASN A 1 74  ? 6.221   -13.698 2.448   1.00 30.29 ? 73  ASN A N   1 
ATOM   534  C CA  . ASN A 1 74  ? 7.633   -13.365 2.304   1.00 31.08 ? 73  ASN A CA  1 
ATOM   535  C C   . ASN A 1 74  ? 7.881   -12.216 1.368   1.00 28.84 ? 73  ASN A C   1 
ATOM   536  O O   . ASN A 1 74  ? 8.944   -11.615 1.394   1.00 29.56 ? 73  ASN A O   1 
ATOM   537  C CB  . ASN A 1 74  ? 8.430   -14.573 1.806   1.00 33.98 ? 73  ASN A CB  1 
ATOM   538  C CG  . ASN A 1 74  ? 8.433   -15.706 2.806   1.00 40.97 ? 73  ASN A CG  1 
ATOM   539  O OD1 . ASN A 1 74  ? 8.632   -15.486 4.029   1.00 43.42 ? 73  ASN A OD1 1 
ATOM   540  N ND2 . ASN A 1 74  ? 8.206   -16.938 2.312   1.00 42.32 ? 73  ASN A ND2 1 
ATOM   541  N N   . LYS A 1 75  ? 6.918   -11.918 0.519   1.00 27.08 ? 74  LYS A N   1 
ATOM   542  C CA  . LYS A 1 75  ? 7.087   -10.830 -0.443  1.00 25.85 ? 74  LYS A CA  1 
ATOM   543  C C   . LYS A 1 75  ? 6.462   -9.523  0.007   1.00 24.59 ? 74  LYS A C   1 
ATOM   544  O O   . LYS A 1 75  ? 6.440   -8.541  -0.759  1.00 24.46 ? 74  LYS A O   1 
ATOM   545  C CB  . LYS A 1 75  ? 6.497   -11.249 -1.780  1.00 25.66 ? 74  LYS A CB  1 
ATOM   546  C CG  . LYS A 1 75  ? 7.235   -12.424 -2.362  1.00 27.07 ? 74  LYS A CG  1 
ATOM   547  C CD  . LYS A 1 75  ? 6.594   -12.903 -3.637  1.00 30.15 ? 74  LYS A CD  1 
ATOM   548  C CE  . LYS A 1 75  ? 7.361   -14.090 -4.188  1.00 31.13 ? 74  LYS A CE  1 
ATOM   549  N NZ  . LYS A 1 75  ? 6.639   -14.630 -5.367  1.00 33.04 ? 74  LYS A NZ  1 
ATOM   550  N N   . ALA A 1 76  ? 5.942   -9.509  1.237   1.00 22.66 ? 75  ALA A N   1 
ATOM   551  C CA  . ALA A 1 76  ? 5.316   -8.313  1.776   1.00 22.19 ? 75  ALA A CA  1 
ATOM   552  C C   . ALA A 1 76  ? 6.445   -7.534  2.343   1.00 22.29 ? 75  ALA A C   1 
ATOM   553  O O   . ALA A 1 76  ? 7.323   -8.133  2.963   1.00 22.48 ? 75  ALA A O   1 
ATOM   554  C CB  . ALA A 1 76  ? 4.338   -8.656  2.885   1.00 23.40 ? 75  ALA A CB  1 
ATOM   555  N N   . GLY A 1 77  ? 6.432   -6.212  2.162   1.00 19.78 ? 76  GLY A N   1 
ATOM   556  C CA  . GLY A 1 77  ? 7.533   -5.433  2.694   1.00 18.19 ? 76  GLY A CA  1 
ATOM   557  C C   . GLY A 1 77  ? 8.003   -4.255  1.855   1.00 18.00 ? 76  GLY A C   1 
ATOM   558  O O   . GLY A 1 77  ? 7.237   -3.707  1.053   1.00 16.26 ? 76  GLY A O   1 
ATOM   559  N N   . ARG A 1 78  ? 9.275   -3.891  2.036   1.00 16.31 ? 77  ARG A N   1 
ATOM   560  C CA  . ARG A 1 78  ? 9.880   -2.734  1.370   1.00 19.30 ? 77  ARG A CA  1 
ATOM   561  C C   . ARG A 1 78  ? 10.688  -3.106  0.138   1.00 19.20 ? 77  ARG A C   1 
ATOM   562  O O   . ARG A 1 78  ? 11.502  -4.044  0.165   1.00 21.39 ? 77  ARG A O   1 
ATOM   563  C CB  . ARG A 1 78  ? 10.751  -1.974  2.391   1.00 19.37 ? 77  ARG A CB  1 
ATOM   564  C CG  . ARG A 1 78  ? 9.924   -1.330  3.481   1.00 22.36 ? 77  ARG A CG  1 
ATOM   565  C CD  . ARG A 1 78  ? 10.730  -1.115  4.753   1.00 24.78 ? 77  ARG A CD  1 
ATOM   566  N NE  . ARG A 1 78  ? 11.924  -0.346  4.423   1.00 25.69 ? 77  ARG A NE  1 
ATOM   567  C CZ  . ARG A 1 78  ? 13.124  -0.613  4.907   1.00 25.82 ? 77  ARG A CZ  1 
ATOM   568  N NH1 . ARG A 1 78  ? 13.264  -1.614  5.757   1.00 25.22 ? 77  ARG A NH1 1 
ATOM   569  N NH2 . ARG A 1 78  ? 14.191  0.052   4.467   1.00 24.45 ? 77  ARG A NH2 1 
ATOM   570  N N   . TYR A 1 79  ? 10.429  -2.374  -0.941  1.00 19.13 ? 78  TYR A N   1 
ATOM   571  C CA  . TYR A 1 79  ? 11.075  -2.573  -2.238  1.00 18.29 ? 78  TYR A CA  1 
ATOM   572  C C   . TYR A 1 79  ? 11.772  -1.333  -2.771  1.00 18.16 ? 78  TYR A C   1 
ATOM   573  O O   . TYR A 1 79  ? 11.295  -0.233  -2.588  1.00 18.71 ? 78  TYR A O   1 
ATOM   574  C CB  . TYR A 1 79  ? 10.035  -2.946  -3.302  1.00 18.08 ? 78  TYR A CB  1 
ATOM   575  C CG  . TYR A 1 79  ? 9.479   -4.341  -3.170  1.00 19.00 ? 78  TYR A CG  1 
ATOM   576  C CD1 . TYR A 1 79  ? 8.533   -4.650  -2.197  1.00 18.50 ? 78  TYR A CD1 1 
ATOM   577  C CD2 . TYR A 1 79  ? 9.865   -5.345  -4.045  1.00 18.31 ? 78  TYR A CD2 1 
ATOM   578  C CE1 . TYR A 1 79  ? 7.981   -5.935  -2.109  1.00 18.81 ? 78  TYR A CE1 1 
ATOM   579  C CE2 . TYR A 1 79  ? 9.311   -6.637  -3.960  1.00 20.08 ? 78  TYR A CE2 1 
ATOM   580  C CZ  . TYR A 1 79  ? 8.372   -6.914  -2.984  1.00 18.26 ? 78  TYR A CZ  1 
ATOM   581  O OH  . TYR A 1 79  ? 7.833   -8.197  -2.887  1.00 20.35 ? 78  TYR A OH  1 
ATOM   582  N N   . GLN A 1 80  ? 12.873  -1.560  -3.483  1.00 17.65 ? 79  GLN A N   1 
ATOM   583  C CA  . GLN A 1 80  ? 13.663  -0.535  -4.164  1.00 16.39 ? 79  GLN A CA  1 
ATOM   584  C C   . GLN A 1 80  ? 14.297  -1.192  -5.388  1.00 16.62 ? 79  GLN A C   1 
ATOM   585  O O   . GLN A 1 80  ? 14.719  -2.356  -5.338  1.00 16.01 ? 79  GLN A O   1 
ATOM   586  C CB  . GLN A 1 80  ? 14.797  -0.002  -3.280  1.00 15.02 ? 79  GLN A CB  1 
ATOM   587  C CG  . GLN A 1 80  ? 14.338  0.988   -2.260  1.00 15.85 ? 79  GLN A CG  1 
ATOM   588  C CD  . GLN A 1 80  ? 15.469  1.475   -1.388  1.00 16.88 ? 79  GLN A CD  1 
ATOM   589  O OE1 . GLN A 1 80  ? 16.018  2.543   -1.622  1.00 18.89 ? 79  GLN A OE1 1 
ATOM   590  N NE2 . GLN A 1 80  ? 15.810  0.707   -0.370  1.00 15.51 ? 79  GLN A NE2 1 
ATOM   591  N N   . CYS A 1 81  ? 14.357  -0.469  -6.496  1.00 16.11 ? 80  CYS A N   1 
ATOM   592  C CA  . CYS A 1 81  ? 15.036  -1.002  -7.664  1.00 16.42 ? 80  CYS A CA  1 
ATOM   593  C C   . CYS A 1 81  ? 16.519  -0.717  -7.399  1.00 15.77 ? 80  CYS A C   1 
ATOM   594  O O   . CYS A 1 81  ? 16.860  0.288   -6.760  1.00 16.87 ? 80  CYS A O   1 
ATOM   595  C CB  . CYS A 1 81  ? 14.621  -0.247  -8.921  1.00 20.33 ? 80  CYS A CB  1 
ATOM   596  S SG  . CYS A 1 81  ? 13.243  -1.086  -9.766  1.00 25.37 ? 80  CYS A SG  1 
ATOM   597  N N   . GLN A 1 82  ? 17.389  -1.579  -7.881  1.00 14.31 ? 81  GLN A N   1 
ATOM   598  C CA  . GLN A 1 82  ? 18.812  -1.397  -7.709  1.00 16.12 ? 81  GLN A CA  1 
ATOM   599  C C   . GLN A 1 82  ? 19.391  -1.243  -9.116  1.00 17.41 ? 81  GLN A C   1 
ATOM   600  O O   . GLN A 1 82  ? 19.112  -2.065  -10.008 1.00 17.09 ? 81  GLN A O   1 
ATOM   601  C CB  . GLN A 1 82  ? 19.433  -2.617  -7.013  1.00 15.93 ? 81  GLN A CB  1 
ATOM   602  C CG  . GLN A 1 82  ? 20.944  -2.519  -6.851  1.00 17.36 ? 81  GLN A CG  1 
ATOM   603  C CD  . GLN A 1 82  ? 21.603  -3.839  -6.403  1.00 18.68 ? 81  GLN A CD  1 
ATOM   604  O OE1 . GLN A 1 82  ? 21.983  -4.004  -5.238  1.00 21.84 ? 81  GLN A OE1 1 
ATOM   605  N NE2 . GLN A 1 82  ? 21.729  -4.766  -7.318  1.00 14.45 ? 81  GLN A NE2 1 
ATOM   606  N N   . TYR A 1 83  ? 20.170  -0.174  -9.304  1.00 16.31 ? 82  TYR A N   1 
ATOM   607  C CA  . TYR A 1 83  ? 20.791  0.133   -10.573 1.00 17.06 ? 82  TYR A CA  1 
ATOM   608  C C   . TYR A 1 83  ? 22.281  -0.115  -10.472 1.00 16.80 ? 82  TYR A C   1 
ATOM   609  O O   . TYR A 1 83  ? 22.902  0.348   -9.522  1.00 18.27 ? 82  TYR A O   1 
ATOM   610  C CB  . TYR A 1 83  ? 20.614  1.620   -10.908 1.00 17.58 ? 82  TYR A CB  1 
ATOM   611  C CG  . TYR A 1 83  ? 19.170  2.090   -10.912 1.00 16.21 ? 82  TYR A CG  1 
ATOM   612  C CD1 . TYR A 1 83  ? 18.521  2.413   -9.725  1.00 15.18 ? 82  TYR A CD1 1 
ATOM   613  C CD2 . TYR A 1 83  ? 18.451  2.192   -12.114 1.00 16.72 ? 82  TYR A CD2 1 
ATOM   614  C CE1 . TYR A 1 83  ? 17.181  2.823   -9.730  1.00 17.04 ? 82  TYR A CE1 1 
ATOM   615  C CE2 . TYR A 1 83  ? 17.113  2.588   -12.118 1.00 15.64 ? 82  TYR A CE2 1 
ATOM   616  C CZ  . TYR A 1 83  ? 16.493  2.903   -10.935 1.00 15.51 ? 82  TYR A CZ  1 
ATOM   617  O OH  . TYR A 1 83  ? 15.182  3.345   -10.945 1.00 18.00 ? 82  TYR A OH  1 
ATOM   618  N N   . ARG A 1 84  ? 22.853  -0.840  -11.421 1.00 16.04 ? 83  ARG A N   1 
ATOM   619  C CA  . ARG A 1 84  ? 24.293  -1.062  -11.416 1.00 17.89 ? 83  ARG A CA  1 
ATOM   620  C C   . ARG A 1 84  ? 24.819  -0.208  -12.549 1.00 19.12 ? 83  ARG A C   1 
ATOM   621  O O   . ARG A 1 84  ? 24.383  -0.331  -13.683 1.00 16.02 ? 83  ARG A O   1 
ATOM   622  C CB  . ARG A 1 84  ? 24.631  -2.541  -11.646 1.00 19.11 ? 83  ARG A CB  1 
ATOM   623  C CG  . ARG A 1 84  ? 23.934  -3.408  -10.568 1.00 22.24 ? 83  ARG A CG  1 
ATOM   624  C CD  . ARG A 1 84  ? 24.445  -4.855  -10.512 1.00 21.67 ? 83  ARG A CD  1 
ATOM   625  N NE  . ARG A 1 84  ? 23.691  -5.524  -9.446  1.00 22.28 ? 83  ARG A NE  1 
ATOM   626  C CZ  . ARG A 1 84  ? 23.969  -6.718  -8.934  1.00 19.40 ? 83  ARG A CZ  1 
ATOM   627  N NH1 . ARG A 1 84  ? 24.999  -7.431  -9.394  1.00 17.94 ? 83  ARG A NH1 1 
ATOM   628  N NH2 . ARG A 1 84  ? 23.240  -7.159  -7.924  1.00 14.59 ? 83  ARG A NH2 1 
ATOM   629  N N   . ILE A 1 85  ? 25.761  0.666   -12.215 1.00 20.85 ? 84  ILE A N   1 
ATOM   630  C CA  . ILE A 1 85  ? 26.355  1.587   -13.164 1.00 22.86 ? 84  ILE A CA  1 
ATOM   631  C C   . ILE A 1 85  ? 27.890  1.436   -13.115 1.00 24.30 ? 84  ILE A C   1 
ATOM   632  O O   . ILE A 1 85  ? 28.503  1.615   -12.053 1.00 23.74 ? 84  ILE A O   1 
ATOM   633  C CB  . ILE A 1 85  ? 25.977  3.027   -12.764 1.00 22.30 ? 84  ILE A CB  1 
ATOM   634  C CG1 . ILE A 1 85  ? 24.461  3.135   -12.612 1.00 24.30 ? 84  ILE A CG1 1 
ATOM   635  C CG2 . ILE A 1 85  ? 26.504  4.033   -13.786 1.00 24.67 ? 84  ILE A CG2 1 
ATOM   636  C CD1 . ILE A 1 85  ? 24.061  4.344   -11.817 1.00 25.10 ? 84  ILE A CD1 1 
ATOM   637  N N   . GLY A 1 86  ? 28.504  1.109   -14.257 1.00 27.02 ? 85  GLY A N   1 
ATOM   638  C CA  . GLY A 1 86  ? 29.951  0.986   -14.294 1.00 27.47 ? 85  GLY A CA  1 
ATOM   639  C C   . GLY A 1 86  ? 30.394  -0.224  -13.500 1.00 29.94 ? 85  GLY A C   1 
ATOM   640  O O   . GLY A 1 86  ? 29.582  -1.097  -13.162 1.00 29.53 ? 85  GLY A O   1 
ATOM   641  N N   . HIS A 1 87  ? 31.669  -0.265  -13.156 1.00 29.84 ? 86  HIS A N   1 
ATOM   642  C CA  . HIS A 1 87  ? 32.217  -1.415  -12.472 1.00 30.82 ? 86  HIS A CA  1 
ATOM   643  C C   . HIS A 1 87  ? 32.043  -1.598  -10.984 1.00 29.68 ? 86  HIS A C   1 
ATOM   644  O O   . HIS A 1 87  ? 32.187  -2.723  -10.510 1.00 28.78 ? 86  HIS A O   1 
ATOM   645  C CB  . HIS A 1 87  ? 33.717  -1.526  -12.802 1.00 35.24 ? 86  HIS A CB  1 
ATOM   646  C CG  . HIS A 1 87  ? 33.984  -1.911  -14.224 1.00 40.04 ? 86  HIS A CG  1 
ATOM   647  N ND1 . HIS A 1 87  ? 34.220  -0.984  -15.221 1.00 42.59 ? 86  HIS A ND1 1 
ATOM   648  C CD2 . HIS A 1 87  ? 33.953  -3.119  -14.838 1.00 41.56 ? 86  HIS A CD2 1 
ATOM   649  C CE1 . HIS A 1 87  ? 34.317  -1.606  -16.386 1.00 41.71 ? 86  HIS A CE1 1 
ATOM   650  N NE2 . HIS A 1 87  ? 34.156  -2.902  -16.179 1.00 41.68 ? 86  HIS A NE2 1 
ATOM   651  N N   . TYR A 1 88  ? 31.747  -0.538  -10.233 1.00 28.16 ? 87  TYR A N   1 
ATOM   652  C CA  . TYR A 1 88  ? 31.634  -0.688  -8.766  1.00 26.56 ? 87  TYR A CA  1 
ATOM   653  C C   . TYR A 1 88  ? 30.540  0.097   -8.059  1.00 25.33 ? 87  TYR A C   1 
ATOM   654  O O   . TYR A 1 88  ? 30.498  0.105   -6.831  1.00 24.92 ? 87  TYR A O   1 
ATOM   655  C CB  . TYR A 1 88  ? 32.971  -0.315  -8.116  1.00 25.55 ? 87  TYR A CB  1 
ATOM   656  C CG  . TYR A 1 88  ? 33.301  1.153   -8.251  1.00 25.96 ? 87  TYR A CG  1 
ATOM   657  C CD1 . TYR A 1 88  ? 33.125  2.030   -7.171  1.00 23.92 ? 87  TYR A CD1 1 
ATOM   658  C CD2 . TYR A 1 88  ? 33.708  1.689   -9.479  1.00 25.77 ? 87  TYR A CD2 1 
ATOM   659  C CE1 . TYR A 1 88  ? 33.332  3.398   -7.310  1.00 24.10 ? 87  TYR A CE1 1 
ATOM   660  C CE2 . TYR A 1 88  ? 33.923  3.079   -9.635  1.00 26.44 ? 87  TYR A CE2 1 
ATOM   661  C CZ  . TYR A 1 88  ? 33.722  3.918   -8.537  1.00 26.17 ? 87  TYR A CZ  1 
ATOM   662  O OH  . TYR A 1 88  ? 33.850  5.282   -8.681  1.00 26.39 ? 87  TYR A OH  1 
ATOM   663  N N   . ARG A 1 89  ? 29.665  0.759   -8.810  1.00 24.01 ? 88  ARG A N   1 
ATOM   664  C CA  . ARG A 1 89  ? 28.594  1.546   -8.188  1.00 23.35 ? 88  ARG A CA  1 
ATOM   665  C C   . ARG A 1 89  ? 27.182  0.990   -8.268  1.00 22.34 ? 88  ARG A C   1 
ATOM   666  O O   . ARG A 1 89  ? 26.736  0.537   -9.348  1.00 21.49 ? 88  ARG A O   1 
ATOM   667  C CB  . ARG A 1 89  ? 28.549  2.959   -8.778  1.00 23.17 ? 88  ARG A CB  1 
ATOM   668  C CG  . ARG A 1 89  ? 29.763  3.815   -8.470  1.00 27.26 ? 88  ARG A CG  1 
ATOM   669  C CD  . ARG A 1 89  ? 29.359  5.299   -8.555  1.00 29.52 ? 88  ARG A CD  1 
ATOM   670  N NE  . ARG A 1 89  ? 29.022  5.635   -9.910  1.00 31.96 ? 88  ARG A NE  1 
ATOM   671  C CZ  . ARG A 1 89  ? 27.986  6.381   -10.280 1.00 30.81 ? 88  ARG A CZ  1 
ATOM   672  N NH1 . ARG A 1 89  ? 27.150  6.909   -9.381  1.00 33.32 ? 88  ARG A NH1 1 
ATOM   673  N NH2 . ARG A 1 89  ? 27.764  6.566   -11.568 1.00 30.10 ? 88  ARG A NH2 1 
ATOM   674  N N   . PHE A 1 90  ? 26.473  1.031   -7.126  1.00 20.15 ? 89  PHE A N   1 
ATOM   675  C CA  . PHE A 1 90  ? 25.067  0.625   -7.067  1.00 19.62 ? 89  PHE A CA  1 
ATOM   676  C C   . PHE A 1 90  ? 24.317  1.857   -6.575  1.00 20.75 ? 89  PHE A C   1 
ATOM   677  O O   . PHE A 1 90  ? 24.842  2.612   -5.744  1.00 20.15 ? 89  PHE A O   1 
ATOM   678  C CB  . PHE A 1 90  ? 24.787  -0.428  -5.973  1.00 22.12 ? 89  PHE A CB  1 
ATOM   679  C CG  . PHE A 1 90  ? 25.296  -1.818  -6.275  1.00 24.12 ? 89  PHE A CG  1 
ATOM   680  C CD1 . PHE A 1 90  ? 25.214  -2.797  -5.300  1.00 24.99 ? 89  PHE A CD1 1 
ATOM   681  C CD2 . PHE A 1 90  ? 25.799  -2.165  -7.536  1.00 24.08 ? 89  PHE A CD2 1 
ATOM   682  C CE1 . PHE A 1 90  ? 25.609  -4.136  -5.564  1.00 24.39 ? 89  PHE A CE1 1 
ATOM   683  C CE2 . PHE A 1 90  ? 26.197  -3.490  -7.813  1.00 23.99 ? 89  PHE A CE2 1 
ATOM   684  C CZ  . PHE A 1 90  ? 26.091  -4.476  -6.817  1.00 24.02 ? 89  PHE A CZ  1 
ATOM   685  N N   . ARG A 1 91  ? 23.098  2.068   -7.058  1.00 18.81 ? 90  ARG A N   1 
ATOM   686  C CA  . ARG A 1 91  ? 22.286  3.128   -6.505  1.00 19.55 ? 90  ARG A CA  1 
ATOM   687  C C   . ARG A 1 91  ? 20.838  2.602   -6.507  1.00 20.03 ? 90  ARG A C   1 
ATOM   688  O O   . ARG A 1 91  ? 20.564  1.546   -7.093  1.00 16.73 ? 90  ARG A O   1 
ATOM   689  C CB  . ARG A 1 91  ? 22.469  4.450   -7.263  1.00 19.83 ? 90  ARG A CB  1 
ATOM   690  C CG  . ARG A 1 91  ? 22.081  4.488   -8.726  1.00 21.44 ? 90  ARG A CG  1 
ATOM   691  C CD  . ARG A 1 91  ? 22.274  5.959   -9.196  1.00 24.40 ? 90  ARG A CD  1 
ATOM   692  N NE  . ARG A 1 91  ? 21.449  6.889   -8.403  1.00 25.07 ? 90  ARG A NE  1 
ATOM   693  C CZ  . ARG A 1 91  ? 21.600  8.219   -8.354  1.00 24.18 ? 90  ARG A CZ  1 
ATOM   694  N NH1 . ARG A 1 91  ? 22.569  8.820   -9.044  1.00 20.63 ? 90  ARG A NH1 1 
ATOM   695  N NH2 . ARG A 1 91  ? 20.741  8.956   -7.631  1.00 21.06 ? 90  ARG A NH2 1 
ATOM   696  N N   . TYR A 1 92  ? 19.926  3.321   -5.852  1.00 17.94 ? 91  TYR A N   1 
ATOM   697  C CA  . TYR A 1 92  ? 18.555  2.826   -5.728  1.00 19.11 ? 91  TYR A CA  1 
ATOM   698  C C   . TYR A 1 92  ? 17.443  3.826   -6.060  1.00 18.47 ? 91  TYR A C   1 
ATOM   699  O O   . TYR A 1 92  ? 17.657  5.017   -6.084  1.00 18.39 ? 91  TYR A O   1 
ATOM   700  C CB  . TYR A 1 92  ? 18.344  2.351   -4.297  1.00 17.91 ? 91  TYR A CB  1 
ATOM   701  C CG  . TYR A 1 92  ? 19.346  1.318   -3.874  1.00 19.20 ? 91  TYR A CG  1 
ATOM   702  C CD1 . TYR A 1 92  ? 20.650  1.681   -3.551  1.00 18.77 ? 91  TYR A CD1 1 
ATOM   703  C CD2 . TYR A 1 92  ? 19.021  -0.031  -3.898  1.00 17.94 ? 91  TYR A CD2 1 
ATOM   704  C CE1 . TYR A 1 92  ? 21.619  0.718   -3.269  1.00 17.57 ? 91  TYR A CE1 1 
ATOM   705  C CE2 . TYR A 1 92  ? 19.989  -1.012  -3.619  1.00 18.81 ? 91  TYR A CE2 1 
ATOM   706  C CZ  . TYR A 1 92  ? 21.273  -0.617  -3.316  1.00 19.14 ? 91  TYR A CZ  1 
ATOM   707  O OH  . TYR A 1 92  ? 22.237  -1.553  -3.157  1.00 19.21 ? 91  TYR A OH  1 
ATOM   708  N N   . SER A 1 93  ? 16.254  3.301   -6.307  1.00 17.50 ? 92  SER A N   1 
ATOM   709  C CA  . SER A 1 93  ? 15.100  4.125   -6.546  1.00 18.22 ? 92  SER A CA  1 
ATOM   710  C C   . SER A 1 93  ? 14.634  4.464   -5.134  1.00 18.24 ? 92  SER A C   1 
ATOM   711  O O   . SER A 1 93  ? 15.239  4.035   -4.148  1.00 18.87 ? 92  SER A O   1 
ATOM   712  C CB  . SER A 1 93  ? 13.987  3.317   -7.219  1.00 18.78 ? 92  SER A CB  1 
ATOM   713  O OG  . SER A 1 93  ? 13.506  2.312   -6.298  1.00 18.11 ? 92  SER A OG  1 
ATOM   714  N N   . ASP A 1 94  ? 13.578  5.256   -5.021  1.00 19.14 ? 93  ASP A N   1 
ATOM   715  C CA  . ASP A 1 94  ? 13.026  5.524   -3.710  1.00 20.63 ? 93  ASP A CA  1 
ATOM   716  C C   . ASP A 1 94  ? 12.344  4.180   -3.302  1.00 20.83 ? 93  ASP A C   1 
ATOM   717  O O   . ASP A 1 94  ? 12.358  3.217   -4.076  1.00 20.12 ? 93  ASP A O   1 
ATOM   718  C CB  . ASP A 1 94  ? 11.996  6.640   -3.785  1.00 24.04 ? 93  ASP A CB  1 
ATOM   719  C CG  . ASP A 1 94  ? 11.887  7.394   -2.466  1.00 28.15 ? 93  ASP A CG  1 
ATOM   720  O OD1 . ASP A 1 94  ? 11.962  6.711   -1.407  1.00 27.88 ? 93  ASP A OD1 1 
ATOM   721  O OD2 . ASP A 1 94  ? 11.750  8.649   -2.478  1.00 28.90 ? 93  ASP A OD2 1 
ATOM   722  N N   . THR A 1 95  ? 11.715  4.123   -2.134  1.00 19.99 ? 94  THR A N   1 
ATOM   723  C CA  . THR A 1 95  ? 11.137  2.879   -1.629  1.00 18.73 ? 94  THR A CA  1 
ATOM   724  C C   . THR A 1 95  ? 9.653   2.804   -1.737  1.00 20.16 ? 94  THR A C   1 
ATOM   725  O O   . THR A 1 95  ? 8.984   3.801   -1.486  1.00 20.25 ? 94  THR A O   1 
ATOM   726  C CB  . THR A 1 95  ? 11.455  2.729   -0.138  1.00 17.84 ? 94  THR A CB  1 
ATOM   727  O OG1 . THR A 1 95  ? 12.874  2.813   0.043   1.00 17.36 ? 94  THR A OG1 1 
ATOM   728  C CG2 . THR A 1 95  ? 10.914  1.398   0.418   1.00 16.81 ? 94  THR A CG2 1 
ATOM   729  N N   . LEU A 1 96  ? 9.144   1.608   -2.049  1.00 20.45 ? 95  LEU A N   1 
ATOM   730  C CA  . LEU A 1 96  ? 7.693   1.327   -2.169  1.00 21.25 ? 95  LEU A CA  1 
ATOM   731  C C   . LEU A 1 96  ? 7.351   0.258   -1.127  1.00 21.61 ? 95  LEU A C   1 
ATOM   732  O O   . LEU A 1 96  ? 8.194   -0.619  -0.859  1.00 20.96 ? 95  LEU A O   1 
ATOM   733  C CB  . LEU A 1 96  ? 7.380   0.741   -3.565  1.00 24.42 ? 95  LEU A CB  1 
ATOM   734  C CG  . LEU A 1 96  ? 5.969   0.202   -3.820  1.00 28.35 ? 95  LEU A CG  1 
ATOM   735  C CD1 . LEU A 1 96  ? 4.992   1.389   -3.784  1.00 30.32 ? 95  LEU A CD1 1 
ATOM   736  C CD2 . LEU A 1 96  ? 5.875   -0.486  -5.186  1.00 30.15 ? 95  LEU A CD2 1 
ATOM   737  N N   . GLU A 1 97  ? 6.134   0.298   -0.566  1.00 20.51 ? 96  GLU A N   1 
ATOM   738  C CA  . GLU A 1 97  ? 5.701   -0.699  0.433   1.00 20.99 ? 96  GLU A CA  1 
ATOM   739  C C   . GLU A 1 97  ? 4.536   -1.504  -0.099  1.00 19.94 ? 96  GLU A C   1 
ATOM   740  O O   . GLU A 1 97  ? 3.601   -0.935  -0.616  1.00 18.89 ? 96  GLU A O   1 
ATOM   741  C CB  . GLU A 1 97  ? 5.238   -0.025  1.740   1.00 21.84 ? 96  GLU A CB  1 
ATOM   742  C CG  . GLU A 1 97  ? 6.289   0.837   2.449   1.00 24.78 ? 96  GLU A CG  1 
ATOM   743  C CD  . GLU A 1 97  ? 5.794   1.407   3.768   1.00 26.62 ? 96  GLU A CD  1 
ATOM   744  O OE1 . GLU A 1 97  ? 6.168   0.885   4.830   1.00 27.67 ? 96  GLU A OE1 1 
ATOM   745  O OE2 . GLU A 1 97  ? 5.024   2.380   3.750   1.00 31.23 ? 96  GLU A OE2 1 
ATOM   746  N N   . LEU A 1 98  ? 4.597   -2.821  0.036   1.00 19.91 ? 97  LEU A N   1 
ATOM   747  C CA  . LEU A 1 98  ? 3.526   -3.706  -0.392  1.00 17.63 ? 97  LEU A CA  1 
ATOM   748  C C   . LEU A 1 98  ? 3.064   -4.505  0.820   1.00 18.16 ? 97  LEU A C   1 
ATOM   749  O O   . LEU A 1 98  ? 3.895   -4.974  1.590   1.00 17.42 ? 97  LEU A O   1 
ATOM   750  C CB  . LEU A 1 98  ? 4.027   -4.717  -1.400  1.00 17.54 ? 97  LEU A CB  1 
ATOM   751  C CG  . LEU A 1 98  ? 4.601   -4.185  -2.721  1.00 18.70 ? 97  LEU A CG  1 
ATOM   752  C CD1 . LEU A 1 98  ? 4.938   -5.397  -3.590  1.00 18.12 ? 97  LEU A CD1 1 
ATOM   753  C CD2 . LEU A 1 98  ? 3.544   -3.291  -3.428  1.00 16.86 ? 97  LEU A CD2 1 
ATOM   754  N N   . VAL A 1 99  ? 1.750   -4.650  0.996   1.00 16.26 ? 98  VAL A N   1 
ATOM   755  C CA  . VAL A 1 99  ? 1.226   -5.461  2.095   1.00 17.82 ? 98  VAL A CA  1 
ATOM   756  C C   . VAL A 1 99  ? 0.440   -6.624  1.459   1.00 17.43 ? 98  VAL A C   1 
ATOM   757  O O   . VAL A 1 99  ? -0.059  -6.525  0.333   1.00 15.69 ? 98  VAL A O   1 
ATOM   758  C CB  . VAL A 1 99  ? 0.286   -4.649  3.058   1.00 20.39 ? 98  VAL A CB  1 
ATOM   759  C CG1 . VAL A 1 99  ? 1.020   -3.423  3.617   1.00 20.07 ? 98  VAL A CG1 1 
ATOM   760  C CG2 . VAL A 1 99  ? -0.964  -4.244  2.375   1.00 20.82 ? 98  VAL A CG2 1 
ATOM   761  N N   . VAL A 1 100 ? 0.376   -7.744  2.170   1.00 17.54 ? 99  VAL A N   1 
ATOM   762  C CA  . VAL A 1 100 ? -0.334  -8.917  1.682   1.00 17.89 ? 99  VAL A CA  1 
ATOM   763  C C   . VAL A 1 100 ? -1.457  -9.100  2.669   1.00 17.28 ? 99  VAL A C   1 
ATOM   764  O O   . VAL A 1 100 ? -1.227  -9.013  3.879   1.00 17.36 ? 99  VAL A O   1 
ATOM   765  C CB  . VAL A 1 100 ? 0.596   -10.135 1.700   1.00 16.65 ? 99  VAL A CB  1 
ATOM   766  C CG1 . VAL A 1 100 ? -0.157  -11.365 1.249   1.00 18.30 ? 99  VAL A CG1 1 
ATOM   767  C CG2 . VAL A 1 100 ? 1.783   -9.873  0.684   1.00 21.09 ? 99  VAL A CG2 1 
ATOM   768  N N   . THR A 1 101 ? -2.655  -9.369  2.160   1.00 17.61 ? 100 THR A N   1 
ATOM   769  C CA  . THR A 1 101 ? -3.836  -9.510  2.994   1.00 16.81 ? 100 THR A CA  1 
ATOM   770  C C   . THR A 1 101 ? -4.361  -10.939 3.009   1.00 17.81 ? 100 THR A C   1 
ATOM   771  O O   . THR A 1 101 ? -3.939  -11.783 2.192   1.00 17.49 ? 100 THR A O   1 
ATOM   772  C CB  . THR A 1 101 ? -4.953  -8.567  2.491   1.00 18.57 ? 100 THR A CB  1 
ATOM   773  O OG1 . THR A 1 101 ? -5.428  -9.026  1.222   1.00 17.93 ? 100 THR A OG1 1 
ATOM   774  C CG2 . THR A 1 101 ? -4.413  -7.141  2.295   1.00 16.32 ? 100 THR A CG2 1 
ATOM   775  N N   . GLY A 1 102 ? -5.279  -11.205 3.940   1.00 15.97 ? 101 GLY A N   1 
ATOM   776  C CA  . GLY A 1 102 ? -5.861  -12.517 4.064   1.00 16.60 ? 101 GLY A CA  1 
ATOM   777  C C   . GLY A 1 102 ? -5.303  -13.330 5.226   1.00 18.35 ? 101 GLY A C   1 
ATOM   778  O O   . GLY A 1 102 ? -5.606  -14.529 5.334   1.00 18.62 ? 101 GLY A O   1 
ATOM   779  N N   . LEU A 1 103 ? -4.487  -12.720 6.101   1.00 18.61 ? 102 LEU A N   1 
ATOM   780  C CA  . LEU A 1 103 ? -3.873  -13.496 7.205   1.00 19.59 ? 102 LEU A CA  1 
ATOM   781  C C   . LEU A 1 103 ? -4.577  -13.469 8.562   1.00 19.35 ? 102 LEU A C   1 
ATOM   782  O O   . LEU A 1 103 ? -4.120  -14.136 9.502   1.00 19.03 ? 102 LEU A O   1 
ATOM   783  C CB  . LEU A 1 103 ? -2.407  -13.091 7.448   1.00 20.21 ? 102 LEU A CB  1 
ATOM   784  C CG  . LEU A 1 103 ? -1.260  -13.388 6.461   1.00 24.05 ? 102 LEU A CG  1 
ATOM   785  C CD1 . LEU A 1 103 ? -1.435  -14.770 5.795   1.00 21.52 ? 102 LEU A CD1 1 
ATOM   786  C CD2 . LEU A 1 103 ? -1.250  -12.323 5.382   1.00 24.49 ? 102 LEU A CD2 1 
ATOM   787  N N   . TYR A 1 104 ? -5.678  -12.734 8.658   1.00 18.51 ? 103 TYR A N   1 
ATOM   788  C CA  . TYR A 1 104 ? -6.458  -12.644 9.888   1.00 18.35 ? 103 TYR A CA  1 
ATOM   789  C C   . TYR A 1 104 ? -7.942  -12.515 9.500   1.00 19.08 ? 103 TYR A C   1 
ATOM   790  O O   . TYR A 1 104 ? -8.247  -12.113 8.371   1.00 19.02 ? 103 TYR A O   1 
ATOM   791  C CB  . TYR A 1 104 ? -6.087  -11.380 10.678  1.00 20.33 ? 103 TYR A CB  1 
ATOM   792  C CG  . TYR A 1 104 ? -4.619  -11.208 11.033  1.00 20.82 ? 103 TYR A CG  1 
ATOM   793  C CD1 . TYR A 1 104 ? -3.760  -10.460 10.231  1.00 22.29 ? 103 TYR A CD1 1 
ATOM   794  C CD2 . TYR A 1 104 ? -4.122  -11.718 12.229  1.00 21.61 ? 103 TYR A CD2 1 
ATOM   795  C CE1 . TYR A 1 104 ? -2.421  -10.215 10.631  1.00 22.44 ? 103 TYR A CE1 1 
ATOM   796  C CE2 . TYR A 1 104 ? -2.807  -11.482 12.645  1.00 24.07 ? 103 TYR A CE2 1 
ATOM   797  C CZ  . TYR A 1 104 ? -1.963  -10.730 11.854  1.00 23.44 ? 103 TYR A CZ  1 
ATOM   798  O OH  . TYR A 1 104 ? -0.692  -10.460 12.344  1.00 24.06 ? 103 TYR A OH  1 
ATOM   799  N N   . GLY A 1 105 ? -8.854  -12.855 10.418  1.00 17.77 ? 104 GLY A N   1 
ATOM   800  C CA  . GLY A 1 105 ? -10.280 -12.677 10.149  1.00 15.85 ? 104 GLY A CA  1 
ATOM   801  C C   . GLY A 1 105 ? -10.533 -11.195 9.889   1.00 15.54 ? 104 GLY A C   1 
ATOM   802  O O   . GLY A 1 105 ? -9.890  -10.312 10.462  1.00 13.24 ? 104 GLY A O   1 
ATOM   803  N N   . LYS A 1 106 ? -11.492 -10.889 9.032   1.00 15.37 ? 105 LYS A N   1 
ATOM   804  C CA  . LYS A 1 106 ? -11.744 -9.506  8.688   1.00 15.66 ? 105 LYS A CA  1 
ATOM   805  C C   . LYS A 1 106 ? -12.392 -8.738  9.806   1.00 15.77 ? 105 LYS A C   1 
ATOM   806  O O   . LYS A 1 106 ? -13.177 -9.291  10.598  1.00 15.85 ? 105 LYS A O   1 
ATOM   807  C CB  . LYS A 1 106 ? -12.690 -9.446  7.491   1.00 16.80 ? 105 LYS A CB  1 
ATOM   808  C CG  . LYS A 1 106 ? -14.087 -10.008 7.826   1.00 18.78 ? 105 LYS A CG  1 
ATOM   809  C CD  . LYS A 1 106 ? -15.046 -9.987  6.593   1.00 21.99 ? 105 LYS A CD  1 
ATOM   810  C CE  . LYS A 1 106 ? -16.394 -10.603 6.987   1.00 24.47 ? 105 LYS A CE  1 
ATOM   811  N NZ  . LYS A 1 106 ? -17.264 -10.617 5.796   1.00 26.27 ? 105 LYS A NZ  1 
ATOM   812  N N   . PRO A 1 107 ? -12.095 -7.443  9.886   1.00 16.52 ? 106 PRO A N   1 
ATOM   813  C CA  . PRO A 1 107 ? -12.689 -6.579  10.928  1.00 16.26 ? 106 PRO A CA  1 
ATOM   814  C C   . PRO A 1 107 ? -14.010 -6.066  10.328  1.00 16.48 ? 106 PRO A C   1 
ATOM   815  O O   . PRO A 1 107 ? -14.377 -6.504  9.248   1.00 15.52 ? 106 PRO A O   1 
ATOM   816  C CB  . PRO A 1 107 ? -11.645 -5.474  11.103  1.00 15.57 ? 106 PRO A CB  1 
ATOM   817  C CG  . PRO A 1 107 ? -10.990 -5.362  9.726   1.00 17.03 ? 106 PRO A CG  1 
ATOM   818  C CD  . PRO A 1 107 ? -10.956 -6.797  9.191   1.00 16.62 ? 106 PRO A CD  1 
ATOM   819  N N   . PHE A 1 108 ? -14.713 -5.136  10.984  1.00 17.47 ? 107 PHE A N   1 
ATOM   820  C CA  . PHE A 1 108 ? -15.992 -4.603  10.463  1.00 19.00 ? 107 PHE A CA  1 
ATOM   821  C C   . PHE A 1 108 ? -15.948 -3.074  10.309  1.00 17.80 ? 107 PHE A C   1 
ATOM   822  O O   . PHE A 1 108 ? -15.494 -2.362  11.196  1.00 19.27 ? 107 PHE A O   1 
ATOM   823  C CB  . PHE A 1 108 ? -17.167 -4.975  11.418  1.00 19.14 ? 107 PHE A CB  1 
ATOM   824  C CG  . PHE A 1 108 ? -18.524 -4.525  10.918  1.00 20.80 ? 107 PHE A CG  1 
ATOM   825  C CD1 . PHE A 1 108 ? -19.130 -5.158  9.811   1.00 21.55 ? 107 PHE A CD1 1 
ATOM   826  C CD2 . PHE A 1 108 ? -19.195 -3.479  11.541  1.00 21.33 ? 107 PHE A CD2 1 
ATOM   827  C CE1 . PHE A 1 108 ? -20.390 -4.755  9.330   1.00 22.29 ? 107 PHE A CE1 1 
ATOM   828  C CE2 . PHE A 1 108 ? -20.457 -3.049  11.078  1.00 23.79 ? 107 PHE A CE2 1 
ATOM   829  C CZ  . PHE A 1 108 ? -21.058 -3.698  9.957   1.00 24.58 ? 107 PHE A CZ  1 
ATOM   830  N N   . LEU A 1 109 ? -16.454 -2.568  9.200   1.00 16.64 ? 108 LEU A N   1 
ATOM   831  C CA  . LEU A 1 109 ? -16.435 -1.128  8.942   1.00 15.87 ? 108 LEU A CA  1 
ATOM   832  C C   . LEU A 1 109 ? -17.846 -0.564  9.087   1.00 17.63 ? 108 LEU A C   1 
ATOM   833  O O   . LEU A 1 109 ? -18.783 -1.060  8.448   1.00 15.61 ? 108 LEU A O   1 
ATOM   834  C CB  . LEU A 1 109 ? -15.948 -0.848  7.510   1.00 15.09 ? 108 LEU A CB  1 
ATOM   835  C CG  . LEU A 1 109 ? -15.805 0.610   7.021   1.00 15.56 ? 108 LEU A CG  1 
ATOM   836  C CD1 . LEU A 1 109 ? -14.832 1.422   7.896   1.00 13.33 ? 108 LEU A CD1 1 
ATOM   837  C CD2 . LEU A 1 109 ? -15.293 0.584   5.580   1.00 18.05 ? 108 LEU A CD2 1 
ATOM   838  N N   . SER A 1 110 ? -18.013 0.482   9.891   1.00 16.45 ? 109 SER A N   1 
ATOM   839  C CA  . SER A 1 110 ? -19.342 1.043   10.035  1.00 18.88 ? 109 SER A CA  1 
ATOM   840  C C   . SER A 1 110 ? -19.251 2.556   9.809   1.00 20.95 ? 109 SER A C   1 
ATOM   841  O O   . SER A 1 110 ? -18.143 3.076   9.686   1.00 21.13 ? 109 SER A O   1 
ATOM   842  C CB  . SER A 1 110 ? -19.907 0.693   11.415  1.00 19.55 ? 109 SER A CB  1 
ATOM   843  O OG  . SER A 1 110 ? -18.946 0.960   12.428  1.00 22.06 ? 109 SER A OG  1 
ATOM   844  N N   . ALA A 1 111 ? -20.397 3.244   9.713   1.00 22.45 ? 110 ALA A N   1 
ATOM   845  C CA  . ALA A 1 111 ? -20.433 4.714   9.484   1.00 23.44 ? 110 ALA A CA  1 
ATOM   846  C C   . ALA A 1 111 ? -21.286 5.393   10.540  1.00 24.63 ? 110 ALA A C   1 
ATOM   847  O O   . ALA A 1 111 ? -22.146 4.754   11.149  1.00 25.46 ? 110 ALA A O   1 
ATOM   848  C CB  . ALA A 1 111 ? -21.016 5.036   8.108   1.00 22.76 ? 110 ALA A CB  1 
ATOM   849  N N   . ASP A 1 112 ? -21.083 6.688   10.763  1.00 24.97 ? 111 ASP A N   1 
ATOM   850  C CA  . ASP A 1 112 ? -21.888 7.359   11.761  1.00 25.80 ? 111 ASP A CA  1 
ATOM   851  C C   . ASP A 1 112 ? -23.095 8.089   11.167  1.00 26.30 ? 111 ASP A C   1 
ATOM   852  O O   . ASP A 1 112 ? -23.938 8.629   11.916  1.00 27.46 ? 111 ASP A O   1 
ATOM   853  C CB  . ASP A 1 112 ? -21.012 8.299   12.600  1.00 26.77 ? 111 ASP A CB  1 
ATOM   854  C CG  . ASP A 1 112 ? -20.414 9.425   11.783  1.00 29.48 ? 111 ASP A CG  1 
ATOM   855  O OD1 . ASP A 1 112 ? -20.312 9.305   10.536  1.00 26.78 ? 111 ASP A OD1 1 
ATOM   856  O OD2 . ASP A 1 112 ? -20.025 10.445  12.402  1.00 31.89 ? 111 ASP A OD2 1 
ATOM   857  N N   . ARG A 1 113 ? -23.207 8.078   9.838   1.00 25.19 ? 112 ARG A N   1 
ATOM   858  C CA  . ARG A 1 113 ? -24.351 8.730   9.145   1.00 25.48 ? 112 ARG A CA  1 
ATOM   859  C C   . ARG A 1 113 ? -24.494 8.158   7.714   1.00 23.65 ? 112 ARG A C   1 
ATOM   860  O O   . ARG A 1 113 ? -23.667 7.333   7.284   1.00 22.21 ? 112 ARG A O   1 
ATOM   861  C CB  . ARG A 1 113 ? -24.134 10.251  9.073   1.00 25.13 ? 112 ARG A CB  1 
ATOM   862  C CG  . ARG A 1 113 ? -22.825 10.594  8.316   1.00 28.40 ? 112 ARG A CG  1 
ATOM   863  C CD  . ARG A 1 113 ? -22.987 11.842  7.510   1.00 30.34 ? 112 ARG A CD  1 
ATOM   864  N NE  . ARG A 1 113 ? -23.940 11.624  6.428   1.00 31.81 ? 112 ARG A NE  1 
ATOM   865  C CZ  . ARG A 1 113 ? -24.712 12.575  5.911   1.00 32.69 ? 112 ARG A CZ  1 
ATOM   866  N NH1 . ARG A 1 113 ? -24.636 13.809  6.372   1.00 34.61 ? 112 ARG A NH1 1 
ATOM   867  N NH2 . ARG A 1 113 ? -25.570 12.288  4.951   1.00 34.53 ? 112 ARG A NH2 1 
ATOM   868  N N   . GLY A 1 114 ? -25.530 8.585   6.991   1.00 23.06 ? 113 GLY A N   1 
ATOM   869  C CA  . GLY A 1 114 ? -25.771 8.080   5.643   1.00 22.33 ? 113 GLY A CA  1 
ATOM   870  C C   . GLY A 1 114 ? -24.579 8.268   4.727   1.00 22.81 ? 113 GLY A C   1 
ATOM   871  O O   . GLY A 1 114 ? -23.880 9.283   4.872   1.00 23.01 ? 113 GLY A O   1 
ATOM   872  N N   . LEU A 1 115 ? -24.358 7.361   3.761   1.00 22.12 ? 114 LEU A N   1 
ATOM   873  C CA  . LEU A 1 115 ? -23.160 7.452   2.893   1.00 22.98 ? 114 LEU A CA  1 
ATOM   874  C C   . LEU A 1 115 ? -23.268 8.370   1.673   1.00 25.33 ? 114 LEU A C   1 
ATOM   875  O O   . LEU A 1 115 ? -22.287 8.579   0.955   1.00 25.05 ? 114 LEU A O   1 
ATOM   876  C CB  . LEU A 1 115 ? -22.728 6.060   2.416   1.00 21.61 ? 114 LEU A CB  1 
ATOM   877  C CG  . LEU A 1 115 ? -22.510 4.971   3.477   1.00 22.94 ? 114 LEU A CG  1 
ATOM   878  C CD1 . LEU A 1 115 ? -22.198 3.593   2.798   1.00 19.82 ? 114 LEU A CD1 1 
ATOM   879  C CD2 . LEU A 1 115 ? -21.359 5.378   4.385   1.00 19.67 ? 114 LEU A CD2 1 
ATOM   880  N N   . VAL A 1 116 ? -24.451 8.908   1.421   1.00 25.65 ? 115 VAL A N   1 
ATOM   881  C CA  . VAL A 1 116 ? -24.623 9.825   0.314   1.00 28.89 ? 115 VAL A CA  1 
ATOM   882  C C   . VAL A 1 116 ? -24.603 11.189  0.959   1.00 29.24 ? 115 VAL A C   1 
ATOM   883  O O   . VAL A 1 116 ? -25.532 11.524  1.676   1.00 29.38 ? 115 VAL A O   1 
ATOM   884  C CB  . VAL A 1 116 ? -25.948 9.574   -0.385  1.00 29.49 ? 115 VAL A CB  1 
ATOM   885  C CG1 . VAL A 1 116 ? -26.216 10.662  -1.434  1.00 30.88 ? 115 VAL A CG1 1 
ATOM   886  C CG2 . VAL A 1 116 ? -25.886 8.218   -1.054  1.00 28.90 ? 115 VAL A CG2 1 
ATOM   887  N N   . LEU A 1 117 ? -23.525 11.951  0.744   1.00 30.90 ? 116 LEU A N   1 
ATOM   888  C CA  . LEU A 1 117 ? -23.396 13.270  1.372   1.00 33.94 ? 116 LEU A CA  1 
ATOM   889  C C   . LEU A 1 117 ? -23.203 14.433  0.427   1.00 34.57 ? 116 LEU A C   1 
ATOM   890  O O   . LEU A 1 117 ? -22.810 14.265  -0.729  1.00 34.99 ? 116 LEU A O   1 
ATOM   891  C CB  . LEU A 1 117 ? -22.202 13.329  2.314   1.00 35.26 ? 116 LEU A CB  1 
ATOM   892  C CG  . LEU A 1 117 ? -21.803 12.142  3.160   1.00 36.02 ? 116 LEU A CG  1 
ATOM   893  C CD1 . LEU A 1 117 ? -20.817 11.287  2.380   1.00 34.39 ? 116 LEU A CD1 1 
ATOM   894  C CD2 . LEU A 1 117 ? -21.158 12.680  4.425   1.00 34.77 ? 116 LEU A CD2 1 
ATOM   895  N N   . MET A 1 118 ? -23.423 15.623  0.972   1.00 35.50 ? 117 MET A N   1 
ATOM   896  C CA  . MET A 1 118 ? -23.274 16.870  0.230   1.00 37.34 ? 117 MET A CA  1 
ATOM   897  C C   . MET A 1 118 ? -21.919 17.442  0.582   1.00 36.11 ? 117 MET A C   1 
ATOM   898  O O   . MET A 1 118 ? -21.420 17.231  1.684   1.00 35.10 ? 117 MET A O   1 
ATOM   899  C CB  . MET A 1 118 ? -24.371 17.862  0.622   1.00 38.33 ? 117 MET A CB  1 
ATOM   900  C CG  . MET A 1 118 ? -25.788 17.376  0.269   1.00 42.42 ? 117 MET A CG  1 
ATOM   901  S SD  . MET A 1 118 ? -27.000 18.717  0.385   1.00 45.65 ? 117 MET A SD  1 
ATOM   902  C CE  . MET A 1 118 ? -28.334 17.995  1.407   1.00 43.26 ? 117 MET A CE  1 
ATOM   903  N N   . PRO A 1 119 ? -21.307 18.187  -0.345  1.00 36.49 ? 118 PRO A N   1 
ATOM   904  C CA  . PRO A 1 119 ? -19.991 18.764  -0.056  1.00 36.37 ? 118 PRO A CA  1 
ATOM   905  C C   . PRO A 1 119 ? -19.975 19.578  1.233   1.00 36.51 ? 118 PRO A C   1 
ATOM   906  O O   . PRO A 1 119 ? -20.916 20.313  1.519   1.00 36.00 ? 118 PRO A O   1 
ATOM   907  C CB  . PRO A 1 119 ? -19.715 19.604  -1.293  1.00 36.42 ? 118 PRO A CB  1 
ATOM   908  C CG  . PRO A 1 119 ? -20.406 18.783  -2.388  1.00 35.84 ? 118 PRO A CG  1 
ATOM   909  C CD  . PRO A 1 119 ? -21.718 18.463  -1.736  1.00 35.90 ? 118 PRO A CD  1 
ATOM   910  N N   . GLY A 1 120 ? -18.919 19.420  2.027   1.00 36.57 ? 119 GLY A N   1 
ATOM   911  C CA  . GLY A 1 120 ? -18.825 20.165  3.269   1.00 37.31 ? 119 GLY A CA  1 
ATOM   912  C C   . GLY A 1 120 ? -19.290 19.402  4.504   1.00 37.48 ? 119 GLY A C   1 
ATOM   913  O O   . GLY A 1 120 ? -18.871 19.715  5.626   1.00 37.70 ? 119 GLY A O   1 
ATOM   914  N N   . GLU A 1 121 ? -20.149 18.406  4.311   1.00 36.46 ? 120 GLU A N   1 
ATOM   915  C CA  . GLU A 1 121 ? -20.656 17.634  5.430   1.00 36.38 ? 120 GLU A CA  1 
ATOM   916  C C   . GLU A 1 121 ? -19.575 16.751  6.028   1.00 35.61 ? 120 GLU A C   1 
ATOM   917  O O   . GLU A 1 121 ? -18.533 16.486  5.399   1.00 34.74 ? 120 GLU A O   1 
ATOM   918  C CB  . GLU A 1 121 ? -21.842 16.762  4.997   1.00 39.01 ? 120 GLU A CB  1 
ATOM   919  C CG  . GLU A 1 121 ? -23.038 17.541  4.463   1.00 40.87 ? 120 GLU A CG  1 
ATOM   920  C CD  . GLU A 1 121 ? -24.294 16.687  4.367   1.00 43.78 ? 120 GLU A CD  1 
ATOM   921  O OE1 . GLU A 1 121 ? -24.369 15.793  3.479   1.00 43.91 ? 120 GLU A OE1 1 
ATOM   922  O OE2 . GLU A 1 121 ? -25.205 16.909  5.199   1.00 44.41 ? 120 GLU A OE2 1 
ATOM   923  N N   . ASN A 1 122 ? -19.830 16.278  7.241   1.00 33.31 ? 121 ASN A N   1 
ATOM   924  C CA  . ASN A 1 122 ? -18.857 15.431  7.917   1.00 32.62 ? 121 ASN A CA  1 
ATOM   925  C C   . ASN A 1 122 ? -19.326 13.976  7.990   1.00 30.55 ? 121 ASN A C   1 
ATOM   926  O O   . ASN A 1 122 ? -20.516 13.679  7.978   1.00 29.26 ? 121 ASN A O   1 
ATOM   927  C CB  . ASN A 1 122 ? -18.616 15.949  9.352   1.00 33.97 ? 121 ASN A CB  1 
ATOM   928  C CG  . ASN A 1 122 ? -17.772 17.232  9.389   1.00 35.70 ? 121 ASN A CG  1 
ATOM   929  O OD1 . ASN A 1 122 ? -16.577 17.211  9.097   1.00 36.50 ? 121 ASN A OD1 1 
ATOM   930  N ND2 . ASN A 1 122 ? -18.405 18.353  9.749   1.00 36.17 ? 121 ASN A ND2 1 
ATOM   931  N N   . ILE A 1 123 ? -18.371 13.065  8.053   1.00 29.04 ? 122 ILE A N   1 
ATOM   932  C CA  . ILE A 1 123 ? -18.698 11.662  8.228   1.00 27.27 ? 122 ILE A CA  1 
ATOM   933  C C   . ILE A 1 123 ? -17.480 10.988  8.808   1.00 27.35 ? 122 ILE A C   1 
ATOM   934  O O   . ILE A 1 123 ? -16.349 11.361  8.459   1.00 26.03 ? 122 ILE A O   1 
ATOM   935  C CB  . ILE A 1 123 ? -19.094 10.946  6.909   1.00 25.66 ? 122 ILE A CB  1 
ATOM   936  C CG1 . ILE A 1 123 ? -19.361 9.479   7.209   1.00 24.10 ? 122 ILE A CG1 1 
ATOM   937  C CG2 . ILE A 1 123 ? -17.997 11.034  5.873   1.00 25.81 ? 122 ILE A CG2 1 
ATOM   938  C CD1 . ILE A 1 123 ? -19.944 8.740   6.022   1.00 24.35 ? 122 ILE A CD1 1 
ATOM   939  N N   . SER A 1 124 ? -17.720 10.005  9.683   1.00 25.82 ? 123 SER A N   1 
ATOM   940  C CA  . SER A 1 124 ? -16.658 9.217   10.317  1.00 25.61 ? 123 SER A CA  1 
ATOM   941  C C   . SER A 1 124 ? -16.870 7.740   10.030  1.00 24.24 ? 123 SER A C   1 
ATOM   942  O O   . SER A 1 124 ? -17.970 7.221   10.271  1.00 23.77 ? 123 SER A O   1 
ATOM   943  C CB  . SER A 1 124 ? -16.695 9.342   11.854  1.00 26.22 ? 123 SER A CB  1 
ATOM   944  O OG  . SER A 1 124 ? -16.308 10.620  12.292  1.00 32.57 ? 123 SER A OG  1 
ATOM   945  N N   . LEU A 1 125 ? -15.835 7.061   9.541   1.00 22.71 ? 124 LEU A N   1 
ATOM   946  C CA  . LEU A 1 125 ? -15.923 5.613   9.330   1.00 22.44 ? 124 LEU A CA  1 
ATOM   947  C C   . LEU A 1 125 ? -15.180 4.998   10.535  1.00 23.11 ? 124 LEU A C   1 
ATOM   948  O O   . LEU A 1 125 ? -14.181 5.562   11.038  1.00 20.97 ? 124 LEU A O   1 
ATOM   949  C CB  . LEU A 1 125 ? -15.274 5.217   7.992   1.00 20.86 ? 124 LEU A CB  1 
ATOM   950  C CG  . LEU A 1 125 ? -15.950 5.853   6.752   1.00 19.97 ? 124 LEU A CG  1 
ATOM   951  C CD1 . LEU A 1 125 ? -15.520 5.134   5.443   1.00 17.16 ? 124 LEU A CD1 1 
ATOM   952  C CD2 . LEU A 1 125 ? -17.445 5.762   6.915   1.00 17.77 ? 124 LEU A CD2 1 
ATOM   953  N N   . THR A 1 126 ? -15.674 3.865   11.012  1.00 22.14 ? 125 THR A N   1 
ATOM   954  C CA  . THR A 1 126 ? -15.081 3.205   12.171  1.00 22.15 ? 125 THR A CA  1 
ATOM   955  C C   . THR A 1 126 ? -14.718 1.752   11.887  1.00 21.79 ? 125 THR A C   1 
ATOM   956  O O   . THR A 1 126 ? -15.544 0.989   11.368  1.00 21.76 ? 125 THR A O   1 
ATOM   957  C CB  . THR A 1 126 ? -16.063 3.239   13.391  1.00 24.79 ? 125 THR A CB  1 
ATOM   958  O OG1 . THR A 1 126 ? -16.347 4.610   13.741  1.00 23.90 ? 125 THR A OG1 1 
ATOM   959  C CG2 . THR A 1 126 ? -15.449 2.528   14.596  1.00 21.99 ? 125 THR A CG2 1 
ATOM   960  N N   . CYS A 1 127 ? -13.492 1.356   12.216  1.00 20.46 ? 126 CYS A N   1 
ATOM   961  C CA  . CYS A 1 127 ? -13.111 -0.035  12.003  1.00 21.32 ? 126 CYS A CA  1 
ATOM   962  C C   . CYS A 1 127 ? -13.047 -0.691  13.355  1.00 22.30 ? 126 CYS A C   1 
ATOM   963  O O   . CYS A 1 127 ? -12.448 -0.129  14.304  1.00 23.36 ? 126 CYS A O   1 
ATOM   964  C CB  . CYS A 1 127 ? -11.750 -0.121  11.329  1.00 22.47 ? 126 CYS A CB  1 
ATOM   965  S SG  . CYS A 1 127 ? -11.358 -1.765  10.610  1.00 31.16 ? 126 CYS A SG  1 
ATOM   966  N N   . SER A 1 128 ? -13.677 -1.848  13.482  1.00 20.52 ? 127 SER A N   1 
ATOM   967  C CA  . SER A 1 128 ? -13.628 -2.578  14.749  1.00 22.91 ? 127 SER A CA  1 
ATOM   968  C C   . SER A 1 128 ? -13.559 -4.098  14.538  1.00 23.14 ? 127 SER A C   1 
ATOM   969  O O   . SER A 1 128 ? -13.879 -4.625  13.456  1.00 22.24 ? 127 SER A O   1 
ATOM   970  C CB  . SER A 1 128 ? -14.857 -2.266  15.594  1.00 22.08 ? 127 SER A CB  1 
ATOM   971  O OG  . SER A 1 128 ? -16.042 -2.610  14.884  1.00 24.48 ? 127 SER A OG  1 
ATOM   972  N N   . SER A 1 129 ? -13.144 -4.815  15.575  1.00 22.32 ? 128 SER A N   1 
ATOM   973  C CA  . SER A 1 129 ? -13.069 -6.263  15.474  1.00 22.89 ? 128 SER A CA  1 
ATOM   974  C C   . SER A 1 129 ? -13.676 -6.847  16.726  1.00 23.54 ? 128 SER A C   1 
ATOM   975  O O   . SER A 1 129 ? -13.320 -6.449  17.838  1.00 22.34 ? 128 SER A O   1 
ATOM   976  C CB  . SER A 1 129 ? -11.616 -6.725  15.414  1.00 23.31 ? 128 SER A CB  1 
ATOM   977  O OG  . SER A 1 129 ? -11.547 -8.146  15.550  1.00 21.75 ? 128 SER A OG  1 
ATOM   978  N N   . ALA A 1 130 ? -14.555 -7.815  16.564  1.00 23.19 ? 129 ALA A N   1 
ATOM   979  C CA  . ALA A 1 130 ? -15.147 -8.437  17.739  1.00 24.36 ? 129 ALA A CA  1 
ATOM   980  C C   . ALA A 1 130 ? -14.444 -9.774  18.003  1.00 23.34 ? 129 ALA A C   1 
ATOM   981  O O   . ALA A 1 130 ? -14.930 -10.590 18.762  1.00 24.44 ? 129 ALA A O   1 
ATOM   982  C CB  . ALA A 1 130 ? -16.660 -8.657  17.507  1.00 25.23 ? 129 ALA A CB  1 
ATOM   983  N N   . HIS A 1 131 ? -13.325 -10.039 17.338  1.00 22.47 ? 130 HIS A N   1 
ATOM   984  C CA  . HIS A 1 131 ? -12.611 -11.280 17.604  1.00 22.33 ? 130 HIS A CA  1 
ATOM   985  C C   . HIS A 1 131 ? -11.214 -10.901 18.052  1.00 23.48 ? 130 HIS A C   1 
ATOM   986  O O   . HIS A 1 131 ? -11.031 -10.432 19.166  1.00 24.27 ? 130 HIS A O   1 
ATOM   987  C CB  . HIS A 1 131 ? -12.592 -12.232 16.362  1.00 23.92 ? 130 HIS A CB  1 
ATOM   988  C CG  . HIS A 1 131 ? -12.118 -11.593 15.083  1.00 25.91 ? 130 HIS A CG  1 
ATOM   989  N ND1 . HIS A 1 131 ? -12.982 -11.025 14.169  1.00 28.92 ? 130 HIS A ND1 1 
ATOM   990  C CD2 . HIS A 1 131 ? -10.878 -11.483 14.543  1.00 25.93 ? 130 HIS A CD2 1 
ATOM   991  C CE1 . HIS A 1 131 ? -12.297 -10.598 13.116  1.00 27.09 ? 130 HIS A CE1 1 
ATOM   992  N NE2 . HIS A 1 131 ? -11.018 -10.869 13.319  1.00 27.99 ? 130 HIS A NE2 1 
ATOM   993  N N   . ILE A 1 132 ? -10.233 -11.113 17.193  1.00 23.52 ? 131 ILE A N   1 
ATOM   994  C CA  . ILE A 1 132 ? -8.849  -10.780 17.464  1.00 26.46 ? 131 ILE A CA  1 
ATOM   995  C C   . ILE A 1 132 ? -8.719  -9.283  17.782  1.00 24.71 ? 131 ILE A C   1 
ATOM   996  O O   . ILE A 1 132 ? -9.362  -8.456  17.135  1.00 24.08 ? 131 ILE A O   1 
ATOM   997  C CB  . ILE A 1 132 ? -8.000  -11.150 16.185  1.00 30.17 ? 131 ILE A CB  1 
ATOM   998  C CG1 . ILE A 1 132 ? -7.783  -12.659 16.140  1.00 33.40 ? 131 ILE A CG1 1 
ATOM   999  C CG2 . ILE A 1 132 ? -6.677  -10.470 16.181  1.00 30.78 ? 131 ILE A CG2 1 
ATOM   1000 C CD1 . ILE A 1 132 ? -6.858  -13.047 14.992  1.00 36.26 ? 131 ILE A CD1 1 
ATOM   1001 N N   . PRO A 1 133 ? -7.887  -8.914  18.780  1.00 25.23 ? 132 PRO A N   1 
ATOM   1002 C CA  . PRO A 1 133 ? -7.713  -7.492  19.134  1.00 24.57 ? 132 PRO A CA  1 
ATOM   1003 C C   . PRO A 1 133 ? -6.542  -6.885  18.420  1.00 27.21 ? 132 PRO A C   1 
ATOM   1004 O O   . PRO A 1 133 ? -5.487  -6.623  19.026  1.00 29.12 ? 132 PRO A O   1 
ATOM   1005 C CB  . PRO A 1 133 ? -7.448  -7.530  20.629  1.00 24.71 ? 132 PRO A CB  1 
ATOM   1006 C CG  . PRO A 1 133 ? -6.624  -8.799  20.767  1.00 25.06 ? 132 PRO A CG  1 
ATOM   1007 C CD  . PRO A 1 133 ? -7.317  -9.794  19.830  1.00 23.86 ? 132 PRO A CD  1 
ATOM   1008 N N   . PHE A 1 134 ? -6.709  -6.621  17.137  1.00 25.98 ? 133 PHE A N   1 
ATOM   1009 C CA  . PHE A 1 134 ? -5.634  -6.046  16.349  1.00 25.33 ? 133 PHE A CA  1 
ATOM   1010 C C   . PHE A 1 134 ? -4.945  -4.869  17.019  1.00 25.89 ? 133 PHE A C   1 
ATOM   1011 O O   . PHE A 1 134 ? -5.592  -4.144  17.780  1.00 27.95 ? 133 PHE A O   1 
ATOM   1012 C CB  . PHE A 1 134 ? -6.213  -5.548  15.030  1.00 21.39 ? 133 PHE A CB  1 
ATOM   1013 C CG  . PHE A 1 134 ? -6.792  -6.636  14.198  1.00 21.63 ? 133 PHE A CG  1 
ATOM   1014 C CD1 . PHE A 1 134 ? -8.169  -6.775  14.065  1.00 18.95 ? 133 PHE A CD1 1 
ATOM   1015 C CD2 . PHE A 1 134 ? -5.951  -7.524  13.527  1.00 19.23 ? 133 PHE A CD2 1 
ATOM   1016 C CE1 . PHE A 1 134 ? -8.695  -7.770  13.281  1.00 19.36 ? 133 PHE A CE1 1 
ATOM   1017 C CE2 . PHE A 1 134 ? -6.479  -8.536  12.735  1.00 22.87 ? 133 PHE A CE2 1 
ATOM   1018 C CZ  . PHE A 1 134 ? -7.855  -8.658  12.612  1.00 18.47 ? 133 PHE A CZ  1 
ATOM   1019 N N   . ASP A 1 135 ? -3.664  -4.665  16.688  1.00 26.15 ? 134 ASP A N   1 
ATOM   1020 C CA  . ASP A 1 135 ? -2.865  -3.518  17.186  1.00 26.69 ? 134 ASP A CA  1 
ATOM   1021 C C   . ASP A 1 135 ? -3.218  -2.252  16.402  1.00 24.63 ? 134 ASP A C   1 
ATOM   1022 O O   . ASP A 1 135 ? -3.231  -1.179  16.968  1.00 24.14 ? 134 ASP A O   1 
ATOM   1023 C CB  . ASP A 1 135 ? -1.343  -3.687  16.941  1.00 27.36 ? 134 ASP A CB  1 
ATOM   1024 C CG  . ASP A 1 135 ? -0.706  -4.668  17.862  1.00 30.14 ? 134 ASP A CG  1 
ATOM   1025 O OD1 . ASP A 1 135 ? -1.288  -4.935  18.927  1.00 32.01 ? 134 ASP A OD1 1 
ATOM   1026 O OD2 . ASP A 1 135 ? 0.387   -5.177  17.522  1.00 34.26 ? 134 ASP A OD2 1 
ATOM   1027 N N   . ARG A 1 136 ? -3.411  -2.391  15.089  1.00 21.41 ? 135 ARG A N   1 
ATOM   1028 C CA  . ARG A 1 136 ? -3.706  -1.247  14.219  1.00 22.86 ? 135 ARG A CA  1 
ATOM   1029 C C   . ARG A 1 136 ? -4.776  -1.522  13.178  1.00 22.19 ? 135 ARG A C   1 
ATOM   1030 O O   . ARG A 1 136 ? -5.056  -2.674  12.827  1.00 22.66 ? 135 ARG A O   1 
ATOM   1031 C CB  . ARG A 1 136 ? -2.476  -0.851  13.425  1.00 25.63 ? 135 ARG A CB  1 
ATOM   1032 C CG  . ARG A 1 136 ? -1.227  -0.696  14.233  1.00 31.20 ? 135 ARG A CG  1 
ATOM   1033 C CD  . ARG A 1 136 ? -0.895  0.761   14.423  1.00 33.68 ? 135 ARG A CD  1 
ATOM   1034 N NE  . ARG A 1 136 ? 0.410   0.906   15.057  1.00 39.04 ? 135 ARG A NE  1 
ATOM   1035 C CZ  . ARG A 1 136 ? 0.669   0.606   16.333  1.00 40.85 ? 135 ARG A CZ  1 
ATOM   1036 N NH1 . ARG A 1 136 ? -0.299  0.139   17.132  1.00 40.79 ? 135 ARG A NH1 1 
ATOM   1037 N NH2 . ARG A 1 136 ? 1.907   0.767   16.810  1.00 42.57 ? 135 ARG A NH2 1 
ATOM   1038 N N   . PHE A 1 137 ? -5.338  -0.439  12.669  1.00 20.56 ? 136 PHE A N   1 
ATOM   1039 C CA  . PHE A 1 137 ? -6.346  -0.504  11.634  1.00 20.82 ? 136 PHE A CA  1 
ATOM   1040 C C   . PHE A 1 137 ? -5.991  0.545   10.590  1.00 22.79 ? 136 PHE A C   1 
ATOM   1041 O O   . PHE A 1 137 ? -5.499  1.621   10.934  1.00 20.12 ? 136 PHE A O   1 
ATOM   1042 C CB  . PHE A 1 137 ? -7.725  -0.173  12.196  1.00 21.53 ? 136 PHE A CB  1 
ATOM   1043 C CG  . PHE A 1 137 ? -8.286  -1.243  13.086  1.00 21.59 ? 136 PHE A CG  1 
ATOM   1044 C CD1 . PHE A 1 137 ? -8.106  -1.181  14.461  1.00 22.00 ? 136 PHE A CD1 1 
ATOM   1045 C CD2 . PHE A 1 137 ? -9.008  -2.304  12.538  1.00 21.47 ? 136 PHE A CD2 1 
ATOM   1046 C CE1 . PHE A 1 137 ? -8.649  -2.175  15.304  1.00 24.33 ? 136 PHE A CE1 1 
ATOM   1047 C CE2 . PHE A 1 137 ? -9.560  -3.303  13.359  1.00 23.03 ? 136 PHE A CE2 1 
ATOM   1048 C CZ  . PHE A 1 137 ? -9.379  -3.234  14.742  1.00 23.33 ? 136 PHE A CZ  1 
ATOM   1049 N N   . SER A 1 138 ? -6.216  0.203   9.322   1.00 21.72 ? 137 SER A N   1 
ATOM   1050 C CA  . SER A 1 138 ? -5.999  1.130   8.227   1.00 23.44 ? 137 SER A CA  1 
ATOM   1051 C C   . SER A 1 138 ? -7.308  1.165   7.422   1.00 23.07 ? 137 SER A C   1 
ATOM   1052 O O   . SER A 1 138 ? -8.036  0.134   7.324   1.00 22.02 ? 137 SER A O   1 
ATOM   1053 C CB  . SER A 1 138 ? -4.867  0.630   7.314   1.00 25.19 ? 137 SER A CB  1 
ATOM   1054 O OG  . SER A 1 138 ? -3.689  0.282   8.050   1.00 28.21 ? 137 SER A OG  1 
ATOM   1055 N N   . LEU A 1 139 ? -7.614  2.330   6.853   1.00 22.02 ? 138 LEU A N   1 
ATOM   1056 C CA  . LEU A 1 139 ? -8.821  2.500   6.007   1.00 21.70 ? 138 LEU A CA  1 
ATOM   1057 C C   . LEU A 1 139 ? -8.313  2.712   4.589   1.00 21.63 ? 138 LEU A C   1 
ATOM   1058 O O   . LEU A 1 139 ? -7.642  3.694   4.308   1.00 21.36 ? 138 LEU A O   1 
ATOM   1059 C CB  . LEU A 1 139 ? -9.640  3.732   6.439   1.00 23.27 ? 138 LEU A CB  1 
ATOM   1060 C CG  . LEU A 1 139 ? -10.941 4.010   5.657   1.00 22.71 ? 138 LEU A CG  1 
ATOM   1061 C CD1 . LEU A 1 139 ? -12.018 2.963   6.006   1.00 23.05 ? 138 LEU A CD1 1 
ATOM   1062 C CD2 . LEU A 1 139 ? -11.446 5.374   6.049   1.00 24.44 ? 138 LEU A CD2 1 
ATOM   1063 N N   . ALA A 1 140 ? -8.632  1.792   3.688   1.00 21.53 ? 139 ALA A N   1 
ATOM   1064 C CA  . ALA A 1 140 ? -8.156  1.874   2.319   1.00 21.44 ? 139 ALA A CA  1 
ATOM   1065 C C   . ALA A 1 140 ? -9.272  2.264   1.353   1.00 22.62 ? 139 ALA A C   1 
ATOM   1066 O O   . ALA A 1 140 ? -10.433 1.873   1.518   1.00 22.19 ? 139 ALA A O   1 
ATOM   1067 C CB  . ALA A 1 140 ? -7.568  0.535   1.927   1.00 21.50 ? 139 ALA A CB  1 
ATOM   1068 N N   . LYS A 1 141 ? -8.923  3.030   0.331   1.00 22.82 ? 140 LYS A N   1 
ATOM   1069 C CA  . LYS A 1 141 ? -9.907  3.467   -0.662  1.00 24.39 ? 140 LYS A CA  1 
ATOM   1070 C C   . LYS A 1 141 ? -9.576  2.743   -1.963  1.00 24.33 ? 140 LYS A C   1 
ATOM   1071 O O   . LYS A 1 141 ? -8.454  2.802   -2.437  1.00 23.08 ? 140 LYS A O   1 
ATOM   1072 C CB  . LYS A 1 141 ? -9.772  4.963   -0.861  1.00 26.50 ? 140 LYS A CB  1 
ATOM   1073 C CG  . LYS A 1 141 ? -10.848 5.571   -1.757  1.00 31.72 ? 140 LYS A CG  1 
ATOM   1074 C CD  . LYS A 1 141 ? -10.356 6.913   -2.295  1.00 35.49 ? 140 LYS A CD  1 
ATOM   1075 C CE  . LYS A 1 141 ? -11.414 7.609   -3.147  1.00 36.90 ? 140 LYS A CE  1 
ATOM   1076 N NZ  . LYS A 1 141 ? -12.301 8.404   -2.278  1.00 38.18 ? 140 LYS A NZ  1 
ATOM   1077 N N   . GLU A 1 142 ? -10.533 2.057   -2.553  1.00 25.11 ? 141 GLU A N   1 
ATOM   1078 C CA  . GLU A 1 142 ? -10.243 1.334   -3.784  1.00 28.08 ? 141 GLU A CA  1 
ATOM   1079 C C   . GLU A 1 142 ? -9.643  2.283   -4.831  1.00 28.64 ? 141 GLU A C   1 
ATOM   1080 O O   . GLU A 1 142 ? -9.997  3.469   -4.879  1.00 28.00 ? 141 GLU A O   1 
ATOM   1081 C CB  . GLU A 1 142 ? -11.537 0.725   -4.293  1.00 30.74 ? 141 GLU A CB  1 
ATOM   1082 C CG  . GLU A 1 142 ? -11.426 -0.233  -5.422  1.00 33.61 ? 141 GLU A CG  1 
ATOM   1083 C CD  . GLU A 1 142 ? -12.798 -0.758  -5.802  1.00 35.55 ? 141 GLU A CD  1 
ATOM   1084 O OE1 . GLU A 1 142 ? -13.473 -1.338  -4.930  1.00 36.16 ? 141 GLU A OE1 1 
ATOM   1085 O OE2 . GLU A 1 142 ? -13.207 -0.586  -6.970  1.00 37.72 ? 141 GLU A OE2 1 
ATOM   1086 N N   . GLY A 1 143 ? -8.720  1.765   -5.646  1.00 28.62 ? 142 GLY A N   1 
ATOM   1087 C CA  . GLY A 1 143 ? -8.089  2.589   -6.664  1.00 30.23 ? 142 GLY A CA  1 
ATOM   1088 C C   . GLY A 1 143 ? -6.778  3.259   -6.255  1.00 30.49 ? 142 GLY A C   1 
ATOM   1089 O O   . GLY A 1 143 ? -6.010  3.665   -7.124  1.00 31.18 ? 142 GLY A O   1 
ATOM   1090 N N   . GLU A 1 144 ? -6.498  3.370   -4.960  1.00 29.53 ? 143 GLU A N   1 
ATOM   1091 C CA  . GLU A 1 144 ? -5.262  4.030   -4.503  1.00 30.48 ? 143 GLU A CA  1 
ATOM   1092 C C   . GLU A 1 144 ? -4.030  3.234   -4.954  1.00 28.91 ? 143 GLU A C   1 
ATOM   1093 O O   . GLU A 1 144 ? -4.064  1.999   -4.952  1.00 26.13 ? 143 GLU A O   1 
ATOM   1094 C CB  . GLU A 1 144 ? -5.222  4.112   -2.968  1.00 32.86 ? 143 GLU A CB  1 
ATOM   1095 C CG  . GLU A 1 144 ? -6.068  5.188   -2.276  1.00 38.22 ? 143 GLU A CG  1 
ATOM   1096 C CD  . GLU A 1 144 ? -5.810  5.234   -0.718  1.00 42.21 ? 143 GLU A CD  1 
ATOM   1097 O OE1 . GLU A 1 144 ? -5.867  4.169   0.001   1.00 43.14 ? 143 GLU A OE1 1 
ATOM   1098 O OE2 . GLU A 1 144 ? -5.546  6.353   -0.218  1.00 45.26 ? 143 GLU A OE2 1 
ATOM   1099 N N   . LEU A 1 145 ? -2.935  3.917   -5.298  1.00 26.91 ? 144 LEU A N   1 
ATOM   1100 C CA  . LEU A 1 145 ? -1.743  3.191   -5.724  1.00 27.86 ? 144 LEU A CA  1 
ATOM   1101 C C   . LEU A 1 145 ? -0.666  3.183   -4.641  1.00 27.74 ? 144 LEU A C   1 
ATOM   1102 O O   . LEU A 1 145 ? 0.406   2.660   -4.848  1.00 28.40 ? 144 LEU A O   1 
ATOM   1103 C CB  . LEU A 1 145 ? -1.183  3.761   -7.051  1.00 25.78 ? 144 LEU A CB  1 
ATOM   1104 C CG  . LEU A 1 145 ? -2.153  3.573   -8.230  1.00 26.63 ? 144 LEU A CG  1 
ATOM   1105 C CD1 . LEU A 1 145 ? -1.561  4.148   -9.525  1.00 27.12 ? 144 LEU A CD1 1 
ATOM   1106 C CD2 . LEU A 1 145 ? -2.451  2.099   -8.415  1.00 25.67 ? 144 LEU A CD2 1 
ATOM   1107 N N   . SER A 1 146 ? -0.962  3.777   -3.490  1.00 29.11 ? 145 SER A N   1 
ATOM   1108 C CA  . SER A 1 146 ? -0.033  3.793   -2.366  1.00 30.39 ? 145 SER A CA  1 
ATOM   1109 C C   . SER A 1 146 ? -0.780  3.217   -1.185  1.00 29.21 ? 145 SER A C   1 
ATOM   1110 O O   . SER A 1 146 ? -2.008  3.147   -1.241  1.00 28.37 ? 145 SER A O   1 
ATOM   1111 C CB  . SER A 1 146 ? 0.412   5.228   -2.076  1.00 32.50 ? 145 SER A CB  1 
ATOM   1112 O OG  . SER A 1 146 ? 1.293   5.667   -3.112  1.00 38.06 ? 145 SER A OG  1 
ATOM   1113 N N   . LEU A 1 147 ? -0.067  2.776   -0.138  1.00 29.05 ? 146 LEU A N   1 
ATOM   1114 C CA  . LEU A 1 147 ? -0.723  2.208   1.056   1.00 28.55 ? 146 LEU A CA  1 
ATOM   1115 C C   . LEU A 1 147 ? -1.656  3.251   1.690   1.00 29.52 ? 146 LEU A C   1 
ATOM   1116 O O   . LEU A 1 147 ? -1.416  4.468   1.578   1.00 30.19 ? 146 LEU A O   1 
ATOM   1117 C CB  . LEU A 1 147 ? 0.329   1.762   2.070   1.00 27.29 ? 146 LEU A CB  1 
ATOM   1118 C CG  . LEU A 1 147 ? 1.205   0.543   1.692   1.00 25.30 ? 146 LEU A CG  1 
ATOM   1119 C CD1 . LEU A 1 147 ? 1.998   0.095   2.950   1.00 23.18 ? 146 LEU A CD1 1 
ATOM   1120 C CD2 . LEU A 1 147 ? 0.360   -0.608  1.214   1.00 21.42 ? 146 LEU A CD2 1 
ATOM   1121 N N   . PRO A 1 148 ? -2.717  2.814   2.386   1.00 30.07 ? 147 PRO A N   1 
ATOM   1122 C CA  . PRO A 1 148 ? -3.540  3.892   2.933   1.00 30.45 ? 147 PRO A CA  1 
ATOM   1123 C C   . PRO A 1 148 ? -2.860  4.861   3.899   1.00 32.66 ? 147 PRO A C   1 
ATOM   1124 O O   . PRO A 1 148 ? -1.950  4.508   4.644   1.00 31.50 ? 147 PRO A O   1 
ATOM   1125 C CB  . PRO A 1 148 ? -4.730  3.158   3.561   1.00 30.31 ? 147 PRO A CB  1 
ATOM   1126 C CG  . PRO A 1 148 ? -4.276  1.731   3.705   1.00 31.94 ? 147 PRO A CG  1 
ATOM   1127 C CD  . PRO A 1 148 ? -3.387  1.504   2.515   1.00 30.26 ? 147 PRO A CD  1 
ATOM   1128 N N   . GLN A 1 149 ? -3.311  6.104   3.878   1.00 34.47 ? 148 GLN A N   1 
ATOM   1129 C CA  . GLN A 1 149 ? -2.738  7.083   4.775   1.00 37.00 ? 148 GLN A CA  1 
ATOM   1130 C C   . GLN A 1 149 ? -3.530  7.167   6.051   1.00 35.93 ? 148 GLN A C   1 
ATOM   1131 O O   . GLN A 1 149 ? -3.026  7.658   7.042   1.00 37.04 ? 148 GLN A O   1 
ATOM   1132 C CB  . GLN A 1 149 ? -2.624  8.450   4.102   1.00 40.13 ? 148 GLN A CB  1 
ATOM   1133 C CG  . GLN A 1 149 ? -1.404  8.558   3.179   1.00 45.25 ? 148 GLN A CG  1 
ATOM   1134 C CD  . GLN A 1 149 ? -0.328  9.534   3.684   1.00 48.65 ? 148 GLN A CD  1 
ATOM   1135 O OE1 . GLN A 1 149 ? 0.403   9.249   4.652   1.00 51.14 ? 148 GLN A OE1 1 
ATOM   1136 N NE2 . GLN A 1 149 ? -0.227  10.690  3.021   1.00 49.64 ? 148 GLN A NE2 1 
ATOM   1137 N N   . HIS A 1 150 ? -4.774  6.698   6.042   1.00 34.72 ? 149 HIS A N   1 
ATOM   1138 C CA  . HIS A 1 150 ? -5.546  6.695   7.288   1.00 34.37 ? 149 HIS A CA  1 
ATOM   1139 C C   . HIS A 1 150 ? -5.214  5.402   8.061   1.00 32.97 ? 149 HIS A C   1 
ATOM   1140 O O   . HIS A 1 150 ? -5.628  4.300   7.657   1.00 30.50 ? 149 HIS A O   1 
ATOM   1141 C CB  . HIS A 1 150 ? -7.047  6.760   7.015   1.00 37.22 ? 149 HIS A CB  1 
ATOM   1142 C CG  . HIS A 1 150 ? -7.532  8.130   6.654   1.00 40.68 ? 149 HIS A CG  1 
ATOM   1143 N ND1 . HIS A 1 150 ? -8.108  8.417   5.432   1.00 39.98 ? 149 HIS A ND1 1 
ATOM   1144 C CD2 . HIS A 1 150 ? -7.537  9.285   7.358   1.00 41.23 ? 149 HIS A CD2 1 
ATOM   1145 C CE1 . HIS A 1 150 ? -8.449  9.693   5.405   1.00 41.50 ? 149 HIS A CE1 1 
ATOM   1146 N NE2 . HIS A 1 150 ? -8.116  10.245  6.557   1.00 42.36 ? 149 HIS A NE2 1 
ATOM   1147 N N   . GLN A 1 151 ? -4.468  5.566   9.159   1.00 30.55 ? 150 GLN A N   1 
ATOM   1148 C CA  . GLN A 1 151 ? -4.023  4.483   10.040  1.00 30.00 ? 150 GLN A CA  1 
ATOM   1149 C C   . GLN A 1 151 ? -4.300  4.848   11.490  1.00 28.72 ? 150 GLN A C   1 
ATOM   1150 O O   . GLN A 1 151 ? -4.242  6.022   11.853  1.00 25.08 ? 150 GLN A O   1 
ATOM   1151 C CB  . GLN A 1 151 ? -2.529  4.325   9.928   1.00 32.98 ? 150 GLN A CB  1 
ATOM   1152 C CG  . GLN A 1 151 ? -2.050  3.074   9.254   1.00 37.96 ? 150 GLN A CG  1 
ATOM   1153 C CD  . GLN A 1 151 ? -0.532  2.945   9.408   1.00 39.04 ? 150 GLN A CD  1 
ATOM   1154 O OE1 . GLN A 1 151 ? -0.003  3.019   10.524  1.00 39.53 ? 150 GLN A OE1 1 
ATOM   1155 N NE2 . GLN A 1 151 ? 0.166   2.757   8.297   1.00 40.52 ? 150 GLN A NE2 1 
ATOM   1156 N N   . SER A 1 152 ? -4.555  3.861   12.344  1.00 26.87 ? 151 SER A N   1 
ATOM   1157 C CA  . SER A 1 152 ? -4.811  4.184   13.739  1.00 25.30 ? 151 SER A CA  1 
ATOM   1158 C C   . SER A 1 152 ? -4.513  3.028   14.674  1.00 26.08 ? 151 SER A C   1 
ATOM   1159 O O   . SER A 1 152 ? -4.627  1.856   14.289  1.00 24.64 ? 151 SER A O   1 
ATOM   1160 C CB  . SER A 1 152 ? -6.254  4.622   13.894  1.00 25.23 ? 151 SER A CB  1 
ATOM   1161 O OG  . SER A 1 152 ? -6.621  4.617   15.255  1.00 26.52 ? 151 SER A OG  1 
ATOM   1162 N N   . GLY A 1 153 ? -4.081  3.354   15.892  1.00 26.02 ? 152 GLY A N   1 
ATOM   1163 C CA  . GLY A 1 153 ? -3.795  2.325   16.872  1.00 27.38 ? 152 GLY A CA  1 
ATOM   1164 C C   . GLY A 1 153 ? -4.909  2.263   17.905  1.00 29.92 ? 152 GLY A C   1 
ATOM   1165 O O   . GLY A 1 153 ? -4.786  1.616   18.932  1.00 28.61 ? 152 GLY A O   1 
ATOM   1166 N N   . GLU A 1 154 ? -6.022  2.923   17.650  1.00 32.36 ? 153 GLU A N   1 
ATOM   1167 C CA  . GLU A 1 154 ? -7.105  2.863   18.633  1.00 36.98 ? 153 GLU A CA  1 
ATOM   1168 C C   . GLU A 1 154 ? -8.163  1.856   18.240  1.00 37.45 ? 153 GLU A C   1 
ATOM   1169 O O   . GLU A 1 154 ? -8.343  1.545   17.055  1.00 36.66 ? 153 GLU A O   1 
ATOM   1170 C CB  . GLU A 1 154 ? -7.768  4.222   18.778  1.00 38.84 ? 153 GLU A CB  1 
ATOM   1171 C CG  . GLU A 1 154 ? -6.920  5.292   18.177  1.00 44.07 ? 153 GLU A CG  1 
ATOM   1172 C CD  . GLU A 1 154 ? -6.749  6.467   19.085  1.00 46.61 ? 153 GLU A CD  1 
ATOM   1173 O OE1 . GLU A 1 154 ? -6.435  6.254   20.282  1.00 49.41 ? 153 GLU A OE1 1 
ATOM   1174 O OE2 . GLU A 1 154 ? -6.922  7.601   18.595  1.00 48.82 ? 153 GLU A OE2 1 
ATOM   1175 N N   . HIS A 1 155 ? -8.847  1.321   19.240  1.00 38.08 ? 154 HIS A N   1 
ATOM   1176 C CA  . HIS A 1 155 ? -9.914  0.391   18.947  1.00 40.26 ? 154 HIS A CA  1 
ATOM   1177 C C   . HIS A 1 155 ? -11.120 0.694   19.800  1.00 39.61 ? 154 HIS A C   1 
ATOM   1178 O O   . HIS A 1 155 ? -11.052 0.621   21.030  1.00 39.82 ? 154 HIS A O   1 
ATOM   1179 C CB  . HIS A 1 155 ? -9.530  -1.076  19.153  1.00 42.86 ? 154 HIS A CB  1 
ATOM   1180 C CG  . HIS A 1 155 ? -10.617 -2.017  18.720  1.00 45.97 ? 154 HIS A CG  1 
ATOM   1181 N ND1 . HIS A 1 155 ? -11.879 -1.996  19.276  1.00 47.85 ? 154 HIS A ND1 1 
ATOM   1182 C CD2 . HIS A 1 155 ? -10.663 -2.937  17.728  1.00 47.62 ? 154 HIS A CD2 1 
ATOM   1183 C CE1 . HIS A 1 155 ? -12.655 -2.860  18.643  1.00 47.81 ? 154 HIS A CE1 1 
ATOM   1184 N NE2 . HIS A 1 155 ? -11.941 -3.442  17.697  1.00 46.72 ? 154 HIS A NE2 1 
ATOM   1185 N N   . PRO A 1 156 ? -12.239 1.053   19.150  1.00 38.39 ? 155 PRO A N   1 
ATOM   1186 C CA  . PRO A 1 156 ? -12.358 1.173   17.688  1.00 35.99 ? 155 PRO A CA  1 
ATOM   1187 C C   . PRO A 1 156 ? -11.602 2.352   17.085  1.00 34.10 ? 155 PRO A C   1 
ATOM   1188 O O   . PRO A 1 156 ? -11.440 3.399   17.710  1.00 31.03 ? 155 PRO A O   1 
ATOM   1189 C CB  . PRO A 1 156 ? -13.851 1.324   17.483  1.00 36.67 ? 155 PRO A CB  1 
ATOM   1190 C CG  . PRO A 1 156 ? -14.400 0.456   18.567  1.00 38.30 ? 155 PRO A CG  1 
ATOM   1191 C CD  . PRO A 1 156 ? -13.573 0.916   19.757  1.00 38.86 ? 155 PRO A CD  1 
ATOM   1192 N N   . ALA A 1 157 ? -11.136 2.153   15.860  1.00 32.70 ? 156 ALA A N   1 
ATOM   1193 C CA  . ALA A 1 157 ? -10.428 3.184   15.141  1.00 32.09 ? 156 ALA A CA  1 
ATOM   1194 C C   . ALA A 1 157 ? -11.438 3.990   14.329  1.00 31.62 ? 156 ALA A C   1 
ATOM   1195 O O   . ALA A 1 157 ? -12.136 3.433   13.456  1.00 29.56 ? 156 ALA A O   1 
ATOM   1196 C CB  . ALA A 1 157 ? -9.408  2.552   14.215  1.00 32.36 ? 156 ALA A CB  1 
ATOM   1197 N N   . ASN A 1 158 ? -11.530 5.286   14.628  1.00 30.53 ? 157 ASN A N   1 
ATOM   1198 C CA  . ASN A 1 158 ? -12.432 6.187   13.906  1.00 30.43 ? 157 ASN A CA  1 
ATOM   1199 C C   . ASN A 1 158 ? -11.625 7.061   12.955  1.00 28.79 ? 157 ASN A C   1 
ATOM   1200 O O   . ASN A 1 158 ? -10.576 7.553   13.336  1.00 28.05 ? 157 ASN A O   1 
ATOM   1201 C CB  . ASN A 1 158 ? -13.161 7.094   14.885  1.00 34.11 ? 157 ASN A CB  1 
ATOM   1202 C CG  . ASN A 1 158 ? -13.904 6.309   15.945  1.00 38.49 ? 157 ASN A CG  1 
ATOM   1203 O OD1 . ASN A 1 158 ? -14.791 5.507   15.630  1.00 40.32 ? 157 ASN A OD1 1 
ATOM   1204 N ND2 . ASN A 1 158 ? -13.543 6.527   17.214  1.00 39.38 ? 157 ASN A ND2 1 
ATOM   1205 N N   . PHE A 1 159 ? -12.123 7.255   11.731  1.00 27.24 ? 158 PHE A N   1 
ATOM   1206 C CA  . PHE A 1 159 ? -11.462 8.085   10.714  1.00 27.24 ? 158 PHE A CA  1 
ATOM   1207 C C   . PHE A 1 159 ? -12.467 9.121   10.168  1.00 28.84 ? 158 PHE A C   1 
ATOM   1208 O O   . PHE A 1 159 ? -13.426 8.739   9.480   1.00 28.13 ? 158 PHE A O   1 
ATOM   1209 C CB  . PHE A 1 159 ? -10.979 7.228   9.516   1.00 26.32 ? 158 PHE A CB  1 
ATOM   1210 C CG  . PHE A 1 159 ? -10.096 6.056   9.900   1.00 26.73 ? 158 PHE A CG  1 
ATOM   1211 C CD1 . PHE A 1 159 ? -10.652 4.793   10.171  1.00 25.38 ? 158 PHE A CD1 1 
ATOM   1212 C CD2 . PHE A 1 159 ? -8.718  6.218   10.024  1.00 25.81 ? 158 PHE A CD2 1 
ATOM   1213 C CE1 . PHE A 1 159 ? -9.830  3.707   10.564  1.00 25.82 ? 158 PHE A CE1 1 
ATOM   1214 C CE2 . PHE A 1 159 ? -7.896  5.136   10.420  1.00 26.10 ? 158 PHE A CE2 1 
ATOM   1215 C CZ  . PHE A 1 159 ? -8.449  3.886   10.688  1.00 21.59 ? 158 PHE A CZ  1 
ATOM   1216 N N   . SER A 1 160 ? -12.259 10.408  10.459  1.00 28.81 ? 159 SER A N   1 
ATOM   1217 C CA  . SER A 1 160 ? -13.154 11.471  9.966   1.00 31.02 ? 159 SER A CA  1 
ATOM   1218 C C   . SER A 1 160 ? -12.746 11.762  8.545   1.00 30.71 ? 159 SER A C   1 
ATOM   1219 O O   . SER A 1 160 ? -11.586 12.003  8.269   1.00 31.22 ? 159 SER A O   1 
ATOM   1220 C CB  . SER A 1 160 ? -12.993 12.767  10.783  1.00 33.58 ? 159 SER A CB  1 
ATOM   1221 O OG  . SER A 1 160 ? -13.786 12.760  11.965  1.00 38.42 ? 159 SER A OG  1 
ATOM   1222 N N   . LEU A 1 161 ? -13.676 11.758  7.619   1.00 31.38 ? 160 LEU A N   1 
ATOM   1223 C CA  . LEU A 1 161 ? -13.258 12.005  6.258   1.00 31.14 ? 160 LEU A CA  1 
ATOM   1224 C C   . LEU A 1 161 ? -13.666 13.399  5.783   1.00 32.65 ? 160 LEU A C   1 
ATOM   1225 O O   . LEU A 1 161 ? -13.335 13.793  4.669   1.00 31.87 ? 160 LEU A O   1 
ATOM   1226 C CB  . LEU A 1 161 ? -13.869 10.943  5.336   1.00 29.73 ? 160 LEU A CB  1 
ATOM   1227 C CG  . LEU A 1 161 ? -13.614 9.475   5.727   1.00 28.90 ? 160 LEU A CG  1 
ATOM   1228 C CD1 . LEU A 1 161 ? -14.166 8.574   4.619   1.00 28.45 ? 160 LEU A CD1 1 
ATOM   1229 C CD2 . LEU A 1 161 ? -12.131 9.223   5.916   1.00 27.44 ? 160 LEU A CD2 1 
ATOM   1230 N N   . GLY A 1 162 ? -14.388 14.141  6.613   1.00 32.69 ? 161 GLY A N   1 
ATOM   1231 C CA  . GLY A 1 162 ? -14.840 15.455  6.172   1.00 34.64 ? 161 GLY A CA  1 
ATOM   1232 C C   . GLY A 1 162 ? -14.055 16.659  6.669   1.00 35.33 ? 161 GLY A C   1 
ATOM   1233 O O   . GLY A 1 162 ? -13.042 16.490  7.350   1.00 34.62 ? 161 GLY A O   1 
ATOM   1234 N N   . PRO A 1 163 ? -14.482 17.898  6.316   1.00 36.37 ? 162 PRO A N   1 
ATOM   1235 C CA  . PRO A 1 163 ? -15.645 18.221  5.468   1.00 35.97 ? 162 PRO A CA  1 
ATOM   1236 C C   . PRO A 1 163 ? -15.428 17.631  4.084   1.00 36.27 ? 162 PRO A C   1 
ATOM   1237 O O   . PRO A 1 163 ? -14.468 17.971  3.398   1.00 36.68 ? 162 PRO A O   1 
ATOM   1238 C CB  . PRO A 1 163 ? -15.645 19.742  5.463   1.00 36.52 ? 162 PRO A CB  1 
ATOM   1239 C CG  . PRO A 1 163 ? -15.189 20.038  6.886   1.00 37.01 ? 162 PRO A CG  1 
ATOM   1240 C CD  . PRO A 1 163 ? -14.016 19.096  7.042   1.00 35.18 ? 162 PRO A CD  1 
ATOM   1241 N N   . VAL A 1 164 ? -16.314 16.750  3.656   1.00 35.91 ? 163 VAL A N   1 
ATOM   1242 C CA  . VAL A 1 164 ? -16.107 16.122  2.370   1.00 36.79 ? 163 VAL A CA  1 
ATOM   1243 C C   . VAL A 1 164 ? -16.208 16.980  1.127   1.00 38.30 ? 163 VAL A C   1 
ATOM   1244 O O   . VAL A 1 164 ? -16.772 18.078  1.132   1.00 37.83 ? 163 VAL A O   1 
ATOM   1245 C CB  . VAL A 1 164 ? -17.055 14.933  2.165   1.00 36.59 ? 163 VAL A CB  1 
ATOM   1246 C CG1 . VAL A 1 164 ? -16.890 13.951  3.327   1.00 35.09 ? 163 VAL A CG1 1 
ATOM   1247 C CG2 . VAL A 1 164 ? -18.487 15.430  2.011   1.00 34.33 ? 163 VAL A CG2 1 
ATOM   1248 N N   . ASP A 1 165 ? -15.641 16.426  0.060   1.00 38.81 ? 164 ASP A N   1 
ATOM   1249 C CA  . ASP A 1 165 ? -15.629 17.025  -1.254  1.00 40.74 ? 164 ASP A CA  1 
ATOM   1250 C C   . ASP A 1 165 ? -15.608 15.830  -2.179  1.00 40.39 ? 164 ASP A C   1 
ATOM   1251 O O   . ASP A 1 165 ? -15.513 14.686  -1.715  1.00 40.01 ? 164 ASP A O   1 
ATOM   1252 C CB  . ASP A 1 165 ? -14.380 17.898  -1.477  1.00 42.42 ? 164 ASP A CB  1 
ATOM   1253 C CG  . ASP A 1 165 ? -13.079 17.136  -1.295  1.00 45.06 ? 164 ASP A CG  1 
ATOM   1254 O OD1 . ASP A 1 165 ? -12.961 15.975  -1.773  1.00 46.77 ? 164 ASP A OD1 1 
ATOM   1255 O OD2 . ASP A 1 165 ? -12.152 17.716  -0.684  1.00 47.00 ? 164 ASP A OD2 1 
ATOM   1256 N N   . LEU A 1 166 ? -15.669 16.097  -3.481  1.00 40.60 ? 165 LEU A N   1 
ATOM   1257 C CA  . LEU A 1 166 ? -15.678 15.059  -4.504  1.00 39.70 ? 165 LEU A CA  1 
ATOM   1258 C C   . LEU A 1 166 ? -14.561 14.003  -4.447  1.00 39.60 ? 165 LEU A C   1 
ATOM   1259 O O   . LEU A 1 166 ? -14.757 12.885  -4.912  1.00 40.07 ? 165 LEU A O   1 
ATOM   1260 C CB  . LEU A 1 166 ? -15.704 15.732  -5.873  1.00 41.07 ? 165 LEU A CB  1 
ATOM   1261 C CG  . LEU A 1 166 ? -16.678 16.924  -5.902  1.00 41.73 ? 165 LEU A CG  1 
ATOM   1262 C CD1 . LEU A 1 166 ? -16.690 17.514  -7.303  1.00 42.83 ? 165 LEU A CD1 1 
ATOM   1263 C CD2 . LEU A 1 166 ? -18.100 16.496  -5.484  1.00 41.47 ? 165 LEU A CD2 1 
ATOM   1264 N N   . ASN A 1 167 ? -13.403 14.346  -3.889  1.00 38.96 ? 166 ASN A N   1 
ATOM   1265 C CA  . ASN A 1 167 ? -12.300 13.390  -3.783  1.00 38.87 ? 166 ASN A CA  1 
ATOM   1266 C C   . ASN A 1 167 ? -12.605 12.252  -2.811  1.00 37.35 ? 166 ASN A C   1 
ATOM   1267 O O   . ASN A 1 167 ? -11.988 11.197  -2.888  1.00 35.15 ? 166 ASN A O   1 
ATOM   1268 C CB  . ASN A 1 167 ? -11.033 14.058  -3.270  1.00 41.12 ? 166 ASN A CB  1 
ATOM   1269 C CG  . ASN A 1 167 ? -10.173 14.590  -4.366  1.00 44.91 ? 166 ASN A CG  1 
ATOM   1270 O OD1 . ASN A 1 167 ? -10.051 15.815  -4.542  1.00 44.83 ? 166 ASN A OD1 1 
ATOM   1271 N ND2 . ASN A 1 167 ? -9.554  13.674  -5.130  1.00 46.53 ? 166 ASN A ND2 1 
ATOM   1272 N N   . VAL A 1 168 ? -13.530 12.489  -1.879  1.00 36.26 ? 167 VAL A N   1 
ATOM   1273 C CA  . VAL A 1 168 ? -13.879 11.487  -0.880  1.00 32.65 ? 167 VAL A CA  1 
ATOM   1274 C C   . VAL A 1 168 ? -14.707 10.356  -1.487  1.00 32.59 ? 167 VAL A C   1 
ATOM   1275 O O   . VAL A 1 168 ? -14.624 9.220   -1.037  1.00 33.30 ? 167 VAL A O   1 
ATOM   1276 C CB  . VAL A 1 168 ? -14.614 12.162  0.288   1.00 33.39 ? 167 VAL A CB  1 
ATOM   1277 C CG1 . VAL A 1 168 ? -15.041 11.124  1.348   1.00 32.93 ? 167 VAL A CG1 1 
ATOM   1278 C CG2 . VAL A 1 168 ? -13.698 13.212  0.912   1.00 30.99 ? 167 VAL A CG2 1 
ATOM   1279 N N   . SER A 1 169 ? -15.496 10.636  -2.521  1.00 31.35 ? 168 SER A N   1 
ATOM   1280 C CA  . SER A 1 169 ? -16.284 9.570   -3.134  1.00 30.22 ? 168 SER A CA  1 
ATOM   1281 C C   . SER A 1 169 ? -15.384 8.383   -3.467  1.00 29.99 ? 168 SER A C   1 
ATOM   1282 O O   . SER A 1 169 ? -14.226 8.540   -3.908  1.00 30.36 ? 168 SER A O   1 
ATOM   1283 C CB  . SER A 1 169 ? -16.982 10.057  -4.415  1.00 30.04 ? 168 SER A CB  1 
ATOM   1284 O OG  . SER A 1 169 ? -17.946 11.049  -4.099  1.00 30.27 ? 168 SER A OG  1 
ATOM   1285 N N   . GLY A 1 170 ? -15.914 7.190   -3.261  1.00 28.75 ? 169 GLY A N   1 
ATOM   1286 C CA  . GLY A 1 170 ? -15.134 5.999   -3.522  1.00 26.37 ? 169 GLY A CA  1 
ATOM   1287 C C   . GLY A 1 170 ? -15.603 4.871   -2.614  1.00 26.82 ? 169 GLY A C   1 
ATOM   1288 O O   . GLY A 1 170 ? -16.482 5.060   -1.744  1.00 25.11 ? 169 GLY A O   1 
ATOM   1289 N N   . ILE A 1 171 ? -15.000 3.704   -2.809  1.00 25.67 ? 170 ILE A N   1 
ATOM   1290 C CA  . ILE A 1 171 ? -15.342 2.518   -2.054  1.00 25.15 ? 170 ILE A CA  1 
ATOM   1291 C C   . ILE A 1 171 ? -14.263 2.227   -1.027  1.00 25.08 ? 170 ILE A C   1 
ATOM   1292 O O   . ILE A 1 171 ? -13.101 2.008   -1.372  1.00 23.01 ? 170 ILE A O   1 
ATOM   1293 C CB  . ILE A 1 171 ? -15.482 1.330   -3.003  1.00 26.72 ? 170 ILE A CB  1 
ATOM   1294 C CG1 . ILE A 1 171 ? -16.568 1.639   -4.064  1.00 25.99 ? 170 ILE A CG1 1 
ATOM   1295 C CG2 . ILE A 1 171 ? -15.781 0.069   -2.193  1.00 25.94 ? 170 ILE A CG2 1 
ATOM   1296 C CD1 . ILE A 1 171 ? -16.781 0.532   -5.096  1.00 27.82 ? 170 ILE A CD1 1 
ATOM   1297 N N   . TYR A 1 172 ? -14.662 2.221   0.240   1.00 22.97 ? 171 TYR A N   1 
ATOM   1298 C CA  . TYR A 1 172 ? -13.729 1.985   1.334   1.00 21.58 ? 171 TYR A CA  1 
ATOM   1299 C C   . TYR A 1 172 ? -13.812 0.640   2.050   1.00 21.00 ? 171 TYR A C   1 
ATOM   1300 O O   . TYR A 1 172 ? -14.903 0.101   2.240   1.00 19.46 ? 171 TYR A O   1 
ATOM   1301 C CB  . TYR A 1 172 ? -13.931 3.053   2.396   1.00 22.19 ? 171 TYR A CB  1 
ATOM   1302 C CG  . TYR A 1 172 ? -13.674 4.458   1.930   1.00 20.27 ? 171 TYR A CG  1 
ATOM   1303 C CD1 . TYR A 1 172 ? -14.608 5.137   1.162   1.00 21.53 ? 171 TYR A CD1 1 
ATOM   1304 C CD2 . TYR A 1 172 ? -12.501 5.116   2.280   1.00 22.29 ? 171 TYR A CD2 1 
ATOM   1305 C CE1 . TYR A 1 172 ? -14.382 6.430   0.752   1.00 21.28 ? 171 TYR A CE1 1 
ATOM   1306 C CE2 . TYR A 1 172 ? -12.262 6.417   1.880   1.00 21.97 ? 171 TYR A CE2 1 
ATOM   1307 C CZ  . TYR A 1 172 ? -13.208 7.063   1.109   1.00 22.14 ? 171 TYR A CZ  1 
ATOM   1308 O OH  . TYR A 1 172 ? -12.968 8.352   0.671   1.00 24.23 ? 171 TYR A OH  1 
ATOM   1309 N N   . ARG A 1 173 ? -12.654 0.121   2.473   1.00 20.89 ? 172 ARG A N   1 
ATOM   1310 C CA  . ARG A 1 173 ? -12.588 -1.123  3.256   1.00 21.08 ? 172 ARG A CA  1 
ATOM   1311 C C   . ARG A 1 173 ? -11.567 -0.905  4.376   1.00 22.30 ? 172 ARG A C   1 
ATOM   1312 O O   . ARG A 1 173 ? -10.659 -0.093  4.228   1.00 21.79 ? 172 ARG A O   1 
ATOM   1313 C CB  . ARG A 1 173 ? -12.081 -2.282  2.409   1.00 20.82 ? 172 ARG A CB  1 
ATOM   1314 C CG  . ARG A 1 173 ? -13.040 -2.706  1.332   1.00 22.83 ? 172 ARG A CG  1 
ATOM   1315 C CD  . ARG A 1 173 ? -12.301 -3.600  0.388   1.00 24.68 ? 172 ARG A CD  1 
ATOM   1316 N NE  . ARG A 1 173 ? -12.817 -3.436  -0.960  1.00 31.48 ? 172 ARG A NE  1 
ATOM   1317 C CZ  . ARG A 1 173 ? -13.849 -4.101  -1.414  1.00 32.35 ? 172 ARG A CZ  1 
ATOM   1318 N NH1 . ARG A 1 173 ? -14.440 -4.951  -0.603  1.00 35.63 ? 172 ARG A NH1 1 
ATOM   1319 N NH2 . ARG A 1 173 ? -14.268 -3.941  -2.664  1.00 32.86 ? 172 ARG A NH2 1 
ATOM   1320 N N   . CYS A 1 174 ? -11.693 -1.597  5.502   1.00 19.98 ? 173 CYS A N   1 
ATOM   1321 C CA  . CYS A 1 174 ? -10.653 -1.423  6.488   1.00 21.39 ? 173 CYS A CA  1 
ATOM   1322 C C   . CYS A 1 174 ? -9.948  -2.728  6.750   1.00 19.92 ? 173 CYS A C   1 
ATOM   1323 O O   . CYS A 1 174 ? -10.467 -3.812  6.450   1.00 18.85 ? 173 CYS A O   1 
ATOM   1324 C CB  . CYS A 1 174 ? -11.174 -0.806  7.774   1.00 24.54 ? 173 CYS A CB  1 
ATOM   1325 S SG  . CYS A 1 174 ? -12.320 -1.751  8.803   1.00 29.41 ? 173 CYS A SG  1 
ATOM   1326 N N   . TYR A 1 175 ? -8.736  -2.610  7.267   1.00 18.82 ? 174 TYR A N   1 
ATOM   1327 C CA  . TYR A 1 175 ? -7.878  -3.758  7.529   1.00 18.41 ? 174 TYR A CA  1 
ATOM   1328 C C   . TYR A 1 175 ? -7.339  -3.701  8.928   1.00 19.11 ? 174 TYR A C   1 
ATOM   1329 O O   . TYR A 1 175 ? -7.053  -2.593  9.426   1.00 19.35 ? 174 TYR A O   1 
ATOM   1330 C CB  . TYR A 1 175 ? -6.672  -3.719  6.579   1.00 18.46 ? 174 TYR A CB  1 
ATOM   1331 C CG  . TYR A 1 175 ? -7.026  -3.972  5.150   1.00 17.95 ? 174 TYR A CG  1 
ATOM   1332 C CD1 . TYR A 1 175 ? -7.382  -2.930  4.296   1.00 19.40 ? 174 TYR A CD1 1 
ATOM   1333 C CD2 . TYR A 1 175 ? -7.025  -5.267  4.651   1.00 15.82 ? 174 TYR A CD2 1 
ATOM   1334 C CE1 . TYR A 1 175 ? -7.730  -3.195  2.938   1.00 20.48 ? 174 TYR A CE1 1 
ATOM   1335 C CE2 . TYR A 1 175 ? -7.380  -5.532  3.314   1.00 19.49 ? 174 TYR A CE2 1 
ATOM   1336 C CZ  . TYR A 1 175 ? -7.720  -4.508  2.468   1.00 20.26 ? 174 TYR A CZ  1 
ATOM   1337 O OH  . TYR A 1 175 ? -7.982  -4.823  1.135   1.00 23.40 ? 174 TYR A OH  1 
ATOM   1338 N N   . GLY A 1 176 ? -7.182  -4.873  9.549   1.00 16.45 ? 175 GLY A N   1 
ATOM   1339 C CA  . GLY A 1 176 ? -6.617  -4.909  10.876  1.00 18.84 ? 175 GLY A CA  1 
ATOM   1340 C C   . GLY A 1 176 ? -5.277  -5.626  10.785  1.00 19.70 ? 175 GLY A C   1 
ATOM   1341 O O   . GLY A 1 176 ? -5.090  -6.448  9.903   1.00 19.85 ? 175 GLY A O   1 
ATOM   1342 N N   . TRP A 1 177 ? -4.327  -5.304  11.668  1.00 19.35 ? 176 TRP A N   1 
ATOM   1343 C CA  . TRP A 1 177 ? -3.041  -5.968  11.655  1.00 19.64 ? 176 TRP A CA  1 
ATOM   1344 C C   . TRP A 1 177 ? -2.327  -5.799  12.988  1.00 21.41 ? 176 TRP A C   1 
ATOM   1345 O O   . TRP A 1 177 ? -2.803  -5.089  13.876  1.00 18.16 ? 176 TRP A O   1 
ATOM   1346 C CB  . TRP A 1 177 ? -2.145  -5.463  10.492  1.00 21.57 ? 176 TRP A CB  1 
ATOM   1347 C CG  . TRP A 1 177 ? -2.185  -4.002  10.226  1.00 22.92 ? 176 TRP A CG  1 
ATOM   1348 C CD1 . TRP A 1 177 ? -3.195  -3.292  9.633   1.00 24.12 ? 176 TRP A CD1 1 
ATOM   1349 C CD2 . TRP A 1 177 ? -1.146  -3.063  10.507  1.00 24.22 ? 176 TRP A CD2 1 
ATOM   1350 N NE1 . TRP A 1 177 ? -2.844  -1.967  9.525   1.00 25.61 ? 176 TRP A NE1 1 
ATOM   1351 C CE2 . TRP A 1 177 ? -1.590  -1.803  10.061  1.00 23.49 ? 176 TRP A CE2 1 
ATOM   1352 C CE3 . TRP A 1 177 ? 0.111   -3.170  11.104  1.00 24.01 ? 176 TRP A CE3 1 
ATOM   1353 C CZ2 . TRP A 1 177 ? -0.819  -0.670  10.170  1.00 26.02 ? 176 TRP A CZ2 1 
ATOM   1354 C CZ3 . TRP A 1 177 ? 0.882   -2.037  11.223  1.00 27.08 ? 176 TRP A CZ3 1 
ATOM   1355 C CH2 . TRP A 1 177 ? 0.416   -0.797  10.765  1.00 27.52 ? 176 TRP A CH2 1 
ATOM   1356 N N   . TYR A 1 178 ? -1.206  -6.498  13.139  1.00 23.16 ? 177 TYR A N   1 
ATOM   1357 C CA  . TYR A 1 178 ? -0.438  -6.413  14.374  1.00 26.14 ? 177 TYR A CA  1 
ATOM   1358 C C   . TYR A 1 178 ? 0.889   -5.841  14.120  1.00 27.27 ? 177 TYR A C   1 
ATOM   1359 O O   . TYR A 1 178 ? 1.541   -6.197  13.146  1.00 25.06 ? 177 TYR A O   1 
ATOM   1360 C CB  . TYR A 1 178 ? -0.166  -7.762  15.000  1.00 26.92 ? 177 TYR A CB  1 
ATOM   1361 C CG  . TYR A 1 178 ? -1.344  -8.355  15.664  1.00 31.52 ? 177 TYR A CG  1 
ATOM   1362 C CD1 . TYR A 1 178 ? -2.305  -9.024  14.928  1.00 35.08 ? 177 TYR A CD1 1 
ATOM   1363 C CD2 . TYR A 1 178 ? -1.493  -8.281  17.034  1.00 33.48 ? 177 TYR A CD2 1 
ATOM   1364 C CE1 . TYR A 1 178 ? -3.391  -9.630  15.540  1.00 35.90 ? 177 TYR A CE1 1 
ATOM   1365 C CE2 . TYR A 1 178 ? -2.580  -8.884  17.667  1.00 36.81 ? 177 TYR A CE2 1 
ATOM   1366 C CZ  . TYR A 1 178 ? -3.519  -9.569  16.903  1.00 36.09 ? 177 TYR A CZ  1 
ATOM   1367 O OH  . TYR A 1 178 ? -4.526  -10.274 17.514  1.00 37.03 ? 177 TYR A OH  1 
ATOM   1368 N N   . ASN A 1 179 ? 1.302   -4.988  15.050  1.00 28.56 ? 178 ASN A N   1 
ATOM   1369 C CA  . ASN A 1 179 ? 2.591   -4.331  15.004  1.00 30.00 ? 178 ASN A CA  1 
ATOM   1370 C C   . ASN A 1 179 ? 3.743   -5.238  14.724  1.00 28.16 ? 178 ASN A C   1 
ATOM   1371 O O   . ASN A 1 179 ? 4.691   -4.823  14.073  1.00 27.08 ? 178 ASN A O   1 
ATOM   1372 C CB  . ASN A 1 179 ? 2.858   -3.634  16.337  1.00 33.93 ? 178 ASN A CB  1 
ATOM   1373 C CG  . ASN A 1 179 ? 2.444   -2.223  16.309  1.00 36.66 ? 178 ASN A CG  1 
ATOM   1374 O OD1 . ASN A 1 179 ? 2.940   -1.463  15.484  1.00 40.93 ? 178 ASN A OD1 1 
ATOM   1375 N ND2 . ASN A 1 179 ? 1.520   -1.839  17.199  1.00 39.40 ? 178 ASN A ND2 1 
ATOM   1376 N N   . ARG A 1 180 ? 3.673   -6.464  15.240  1.00 28.42 ? 179 ARG A N   1 
ATOM   1377 C CA  . ARG A 1 180 ? 4.728   -7.473  15.072  1.00 29.07 ? 179 ARG A CA  1 
ATOM   1378 C C   . ARG A 1 180 ? 5.100   -7.744  13.618  1.00 29.54 ? 179 ARG A C   1 
ATOM   1379 O O   . ARG A 1 180 ? 6.263   -8.023  13.309  1.00 29.15 ? 179 ARG A O   1 
ATOM   1380 C CB  . ARG A 1 180 ? 4.289   -8.828  15.616  1.00 32.76 ? 179 ARG A CB  1 
ATOM   1381 C CG  . ARG A 1 180 ? 3.815   -8.895  17.017  1.00 37.94 ? 179 ARG A CG  1 
ATOM   1382 C CD  . ARG A 1 180 ? 3.672   -10.366 17.390  1.00 40.08 ? 179 ARG A CD  1 
ATOM   1383 N NE  . ARG A 1 180 ? 4.894   -11.113 17.065  1.00 41.19 ? 179 ARG A NE  1 
ATOM   1384 C CZ  . ARG A 1 180 ? 5.156   -12.354 17.484  1.00 41.59 ? 179 ARG A CZ  1 
ATOM   1385 N NH1 . ARG A 1 180 ? 4.289   -13.006 18.251  1.00 42.33 ? 179 ARG A NH1 1 
ATOM   1386 N NH2 . ARG A 1 180 ? 6.283   -12.949 17.124  1.00 41.97 ? 179 ARG A NH2 1 
ATOM   1387 N N   . SER A 1 181 ? 4.092   -7.749  12.739  1.00 27.01 ? 180 SER A N   1 
ATOM   1388 C CA  . SER A 1 181 ? 4.307   -8.032  11.313  1.00 27.86 ? 180 SER A CA  1 
ATOM   1389 C C   . SER A 1 181 ? 3.541   -6.948  10.594  1.00 24.79 ? 180 SER A C   1 
ATOM   1390 O O   . SER A 1 181 ? 2.429   -7.163  10.143  1.00 25.00 ? 180 SER A O   1 
ATOM   1391 C CB  . SER A 1 181 ? 3.712   -9.391  10.962  1.00 29.55 ? 180 SER A CB  1 
ATOM   1392 O OG  . SER A 1 181 ? 3.859   -10.284 12.049  1.00 33.10 ? 180 SER A OG  1 
ATOM   1393 N N   . PRO A 1 182 ? 4.129   -5.757  10.492  1.00 23.17 ? 181 PRO A N   1 
ATOM   1394 C CA  . PRO A 1 182 ? 3.488   -4.607  9.838   1.00 21.15 ? 181 PRO A CA  1 
ATOM   1395 C C   . PRO A 1 182 ? 2.998   -4.748  8.401   1.00 20.54 ? 181 PRO A C   1 
ATOM   1396 O O   . PRO A 1 182 ? 2.162   -3.965  7.929   1.00 20.64 ? 181 PRO A O   1 
ATOM   1397 C CB  . PRO A 1 182 ? 4.529   -3.479  10.017  1.00 22.31 ? 181 PRO A CB  1 
ATOM   1398 C CG  . PRO A 1 182 ? 5.856   -4.227  10.032  1.00 23.67 ? 181 PRO A CG  1 
ATOM   1399 C CD  . PRO A 1 182 ? 5.549   -5.495  10.819  1.00 23.58 ? 181 PRO A CD  1 
ATOM   1400 N N   . TYR A 1 183 ? 3.490   -5.730  7.671   1.00 20.25 ? 182 TYR A N   1 
ATOM   1401 C CA  . TYR A 1 183 ? 3.045   -5.858  6.276   1.00 18.53 ? 182 TYR A CA  1 
ATOM   1402 C C   . TYR A 1 183 ? 2.075   -7.040  6.013   1.00 18.11 ? 182 TYR A C   1 
ATOM   1403 O O   . TYR A 1 183 ? 1.708   -7.305  4.873   1.00 18.11 ? 182 TYR A O   1 
ATOM   1404 C CB  . TYR A 1 183 ? 4.297   -5.900  5.345   1.00 19.81 ? 182 TYR A CB  1 
ATOM   1405 C CG  . TYR A 1 183 ? 5.149   -4.604  5.422   1.00 20.88 ? 182 TYR A CG  1 
ATOM   1406 C CD1 . TYR A 1 183 ? 6.360   -4.563  6.111   1.00 21.78 ? 182 TYR A CD1 1 
ATOM   1407 C CD2 . TYR A 1 183 ? 4.703   -3.419  4.834   1.00 21.85 ? 182 TYR A CD2 1 
ATOM   1408 C CE1 . TYR A 1 183 ? 7.115   -3.345  6.211   1.00 20.28 ? 182 TYR A CE1 1 
ATOM   1409 C CE2 . TYR A 1 183 ? 5.432   -2.228  4.918   1.00 21.34 ? 182 TYR A CE2 1 
ATOM   1410 C CZ  . TYR A 1 183 ? 6.631   -2.203  5.611   1.00 22.06 ? 182 TYR A CZ  1 
ATOM   1411 O OH  . TYR A 1 183 ? 7.311   -1.004  5.695   1.00 20.81 ? 182 TYR A OH  1 
ATOM   1412 N N   . LEU A 1 184 ? 1.668   -7.758  7.060   1.00 16.48 ? 183 LEU A N   1 
ATOM   1413 C CA  . LEU A 1 184 ? 0.701   -8.853  6.906   1.00 15.87 ? 183 LEU A CA  1 
ATOM   1414 C C   . LEU A 1 184 ? -0.607  -8.319  7.537   1.00 16.06 ? 183 LEU A C   1 
ATOM   1415 O O   . LEU A 1 184 ? -0.679  -8.057  8.733   1.00 16.17 ? 183 LEU A O   1 
ATOM   1416 C CB  . LEU A 1 184 ? 1.198   -10.140 7.618   1.00 16.99 ? 183 LEU A CB  1 
ATOM   1417 C CG  . LEU A 1 184 ? 2.587   -10.651 7.147   1.00 18.24 ? 183 LEU A CG  1 
ATOM   1418 C CD1 . LEU A 1 184 ? 2.936   -11.980 7.877   1.00 17.13 ? 183 LEU A CD1 1 
ATOM   1419 C CD2 . LEU A 1 184 ? 2.585   -10.882 5.617   1.00 18.00 ? 183 LEU A CD2 1 
ATOM   1420 N N   . TRP A 1 185 ? -1.632  -8.168  6.714   1.00 16.91 ? 184 TRP A N   1 
ATOM   1421 C CA  . TRP A 1 185 ? -2.937  -7.596  7.091   1.00 16.80 ? 184 TRP A CA  1 
ATOM   1422 C C   . TRP A 1 185 ? -4.076  -8.608  7.028   1.00 16.52 ? 184 TRP A C   1 
ATOM   1423 O O   . TRP A 1 185 ? -3.943  -9.683  6.425   1.00 15.61 ? 184 TRP A O   1 
ATOM   1424 C CB  . TRP A 1 185 ? -3.248  -6.449  6.131   1.00 15.48 ? 184 TRP A CB  1 
ATOM   1425 C CG  . TRP A 1 185 ? -2.355  -5.242  6.303   1.00 18.58 ? 184 TRP A CG  1 
ATOM   1426 C CD1 . TRP A 1 185 ? -1.217  -5.138  7.086   1.00 17.88 ? 184 TRP A CD1 1 
ATOM   1427 C CD2 . TRP A 1 185 ? -2.591  -3.924  5.759   1.00 17.69 ? 184 TRP A CD2 1 
ATOM   1428 N NE1 . TRP A 1 185 ? -0.749  -3.826  7.061   1.00 17.64 ? 184 TRP A NE1 1 
ATOM   1429 C CE2 . TRP A 1 185 ? -1.572  -3.075  6.257   1.00 18.30 ? 184 TRP A CE2 1 
ATOM   1430 C CE3 . TRP A 1 185 ? -3.564  -3.391  4.911   1.00 18.09 ? 184 TRP A CE3 1 
ATOM   1431 C CZ2 . TRP A 1 185 ? -1.516  -1.710  5.930   1.00 18.03 ? 184 TRP A CZ2 1 
ATOM   1432 C CZ3 . TRP A 1 185 ? -3.507  -2.030  4.589   1.00 19.34 ? 184 TRP A CZ3 1 
ATOM   1433 C CH2 . TRP A 1 185 ? -2.482  -1.205  5.105   1.00 16.93 ? 184 TRP A CH2 1 
ATOM   1434 N N   . SER A 1 186 ? -5.213  -8.252  7.610   1.00 14.33 ? 185 SER A N   1 
ATOM   1435 C CA  . SER A 1 186 ? -6.335  -9.163  7.629   1.00 16.28 ? 185 SER A CA  1 
ATOM   1436 C C   . SER A 1 186 ? -7.028  -9.172  6.273   1.00 16.03 ? 185 SER A C   1 
ATOM   1437 O O   . SER A 1 186 ? -6.620  -8.473  5.353   1.00 16.23 ? 185 SER A O   1 
ATOM   1438 C CB  . SER A 1 186 ? -7.345  -8.667  8.658   1.00 15.99 ? 185 SER A CB  1 
ATOM   1439 O OG  . SER A 1 186 ? -7.839  -7.376  8.260   1.00 17.10 ? 185 SER A OG  1 
ATOM   1440 N N   . PHE A 1 187 ? -8.069  -10.000 6.165   1.00 18.12 ? 186 PHE A N   1 
ATOM   1441 C CA  . PHE A 1 187 ? -8.940  -10.032 4.985   1.00 16.66 ? 186 PHE A CA  1 
ATOM   1442 C C   . PHE A 1 187 ? -9.581  -8.655  5.118   1.00 16.21 ? 186 PHE A C   1 
ATOM   1443 O O   . PHE A 1 187 ? -9.578  -8.081  6.228   1.00 15.35 ? 186 PHE A O   1 
ATOM   1444 C CB  . PHE A 1 187 ? -10.074 -11.073 5.177   1.00 16.95 ? 186 PHE A CB  1 
ATOM   1445 C CG  . PHE A 1 187 ? -9.734  -12.444 4.651   1.00 19.08 ? 186 PHE A CG  1 
ATOM   1446 C CD1 . PHE A 1 187 ? -9.397  -13.482 5.531   1.00 17.06 ? 186 PHE A CD1 1 
ATOM   1447 C CD2 . PHE A 1 187 ? -9.647  -12.669 3.272   1.00 17.04 ? 186 PHE A CD2 1 
ATOM   1448 C CE1 . PHE A 1 187 ? -8.950  -14.740 5.045   1.00 16.38 ? 186 PHE A CE1 1 
ATOM   1449 C CE2 . PHE A 1 187 ? -9.195  -13.929 2.764   1.00 18.72 ? 186 PHE A CE2 1 
ATOM   1450 C CZ  . PHE A 1 187 ? -8.848  -14.951 3.651   1.00 18.80 ? 186 PHE A CZ  1 
ATOM   1451 N N   . PRO A 1 188 ? -10.097 -8.085  4.022   1.00 16.07 ? 187 PRO A N   1 
ATOM   1452 C CA  . PRO A 1 188 ? -10.743 -6.776  4.123   1.00 16.12 ? 187 PRO A CA  1 
ATOM   1453 C C   . PRO A 1 188 ? -12.140 -6.902  4.753   1.00 16.92 ? 187 PRO A C   1 
ATOM   1454 O O   . PRO A 1 188 ? -12.816 -7.938  4.635   1.00 15.50 ? 187 PRO A O   1 
ATOM   1455 C CB  . PRO A 1 188 ? -10.847 -6.315  2.664   1.00 16.86 ? 187 PRO A CB  1 
ATOM   1456 C CG  . PRO A 1 188 ? -10.929 -7.637  1.889   1.00 16.38 ? 187 PRO A CG  1 
ATOM   1457 C CD  . PRO A 1 188 ? -9.914  -8.495  2.610   1.00 15.89 ? 187 PRO A CD  1 
ATOM   1458 N N   . SER A 1 189 ? -12.574 -5.836  5.424   1.00 16.93 ? 188 SER A N   1 
ATOM   1459 C CA  . SER A 1 189 ? -13.880 -5.788  6.026   1.00 16.85 ? 188 SER A CA  1 
ATOM   1460 C C   . SER A 1 189 ? -14.868 -5.579  4.869   1.00 18.09 ? 188 SER A C   1 
ATOM   1461 O O   . SER A 1 189 ? -14.497 -5.461  3.690   1.00 16.60 ? 188 SER A O   1 
ATOM   1462 C CB  . SER A 1 189 ? -13.998 -4.541  6.898   1.00 19.86 ? 188 SER A CB  1 
ATOM   1463 O OG  . SER A 1 189 ? -13.976 -3.376  6.036   1.00 19.36 ? 188 SER A OG  1 
ATOM   1464 N N   . ASN A 1 190 ? -16.135 -5.495  5.238   1.00 17.49 ? 189 ASN A N   1 
ATOM   1465 C CA  . ASN A 1 190 ? -17.206 -5.196  4.311   1.00 18.08 ? 189 ASN A CA  1 
ATOM   1466 C C   . ASN A 1 190 ? -16.792 -3.833  3.712   1.00 18.06 ? 189 ASN A C   1 
ATOM   1467 O O   . ASN A 1 190 ? -16.112 -3.020  4.376   1.00 16.79 ? 189 ASN A O   1 
ATOM   1468 C CB  . ASN A 1 190 ? -18.517 -5.057  5.132   1.00 18.13 ? 189 ASN A CB  1 
ATOM   1469 C CG  . ASN A 1 190 ? -18.361 -4.094  6.323   1.00 21.50 ? 189 ASN A CG  1 
ATOM   1470 O OD1 . ASN A 1 190 ? -17.480 -4.297  7.194   1.00 21.39 ? 189 ASN A OD1 1 
ATOM   1471 N ND2 . ASN A 1 190 ? -19.191 -3.030  6.362   1.00 17.40 ? 189 ASN A ND2 1 
ATOM   1472 N N   . ALA A 1 191 ? -17.181 -3.582  2.461   1.00 18.82 ? 190 ALA A N   1 
ATOM   1473 C CA  . ALA A 1 191 ? -16.894 -2.300  1.792   1.00 18.88 ? 190 ALA A CA  1 
ATOM   1474 C C   . ALA A 1 191 ? -18.076 -1.322  1.890   1.00 19.47 ? 190 ALA A C   1 
ATOM   1475 O O   . ALA A 1 191 ? -19.236 -1.728  1.807   1.00 19.70 ? 190 ALA A O   1 
ATOM   1476 C CB  . ALA A 1 191 ? -16.573 -2.557  0.301   1.00 19.43 ? 190 ALA A CB  1 
ATOM   1477 N N   . LEU A 1 192 ? -17.776 -0.039  2.090   1.00 19.00 ? 191 LEU A N   1 
ATOM   1478 C CA  . LEU A 1 192 ? -18.797 1.000   2.156   1.00 20.46 ? 191 LEU A CA  1 
ATOM   1479 C C   . LEU A 1 192 ? -18.527 1.954   1.006   1.00 22.25 ? 191 LEU A C   1 
ATOM   1480 O O   . LEU A 1 192 ? -17.366 2.397   0.800   1.00 22.36 ? 191 LEU A O   1 
ATOM   1481 C CB  . LEU A 1 192 ? -18.731 1.800   3.475   1.00 19.07 ? 191 LEU A CB  1 
ATOM   1482 C CG  . LEU A 1 192 ? -18.959 1.025   4.792   1.00 19.18 ? 191 LEU A CG  1 
ATOM   1483 C CD1 . LEU A 1 192 ? -19.005 2.020   5.952   1.00 19.78 ? 191 LEU A CD1 1 
ATOM   1484 C CD2 . LEU A 1 192 ? -20.260 0.242   4.730   1.00 17.66 ? 191 LEU A CD2 1 
ATOM   1485 N N   . GLU A 1 193 ? -19.557 2.250   0.225   1.00 22.41 ? 192 GLU A N   1 
ATOM   1486 C CA  . GLU A 1 193 ? -19.360 3.190   -0.853  1.00 24.51 ? 192 GLU A CA  1 
ATOM   1487 C C   . GLU A 1 193 ? -19.921 4.560   -0.468  1.00 25.71 ? 192 GLU A C   1 
ATOM   1488 O O   . GLU A 1 193 ? -21.122 4.695   -0.144  1.00 24.74 ? 192 GLU A O   1 
ATOM   1489 C CB  . GLU A 1 193 ? -20.025 2.731   -2.135  1.00 27.09 ? 192 GLU A CB  1 
ATOM   1490 C CG  . GLU A 1 193 ? -19.662 3.657   -3.298  1.00 32.95 ? 192 GLU A CG  1 
ATOM   1491 C CD  . GLU A 1 193 ? -20.245 3.193   -4.614  1.00 38.24 ? 192 GLU A CD  1 
ATOM   1492 O OE1 . GLU A 1 193 ? -20.425 1.961   -4.761  1.00 40.85 ? 192 GLU A OE1 1 
ATOM   1493 O OE2 . GLU A 1 193 ? -20.508 4.046   -5.503  1.00 40.94 ? 192 GLU A OE2 1 
ATOM   1494 N N   . LEU A 1 194 ? -19.040 5.558   -0.447  1.00 24.97 ? 193 LEU A N   1 
ATOM   1495 C CA  . LEU A 1 194 ? -19.438 6.938   -0.144  1.00 26.59 ? 193 LEU A CA  1 
ATOM   1496 C C   . LEU A 1 194 ? -19.598 7.695   -1.454  1.00 27.14 ? 193 LEU A C   1 
ATOM   1497 O O   . LEU A 1 194 ? -18.763 7.559   -2.379  1.00 25.94 ? 193 LEU A O   1 
ATOM   1498 C CB  . LEU A 1 194 ? -18.364 7.667   0.650   1.00 25.10 ? 193 LEU A CB  1 
ATOM   1499 C CG  . LEU A 1 194 ? -18.380 7.444   2.144   1.00 26.56 ? 193 LEU A CG  1 
ATOM   1500 C CD1 . LEU A 1 194 ? -18.241 5.947   2.469   1.00 28.03 ? 193 LEU A CD1 1 
ATOM   1501 C CD2 . LEU A 1 194 ? -17.256 8.278   2.724   1.00 24.94 ? 193 LEU A CD2 1 
ATOM   1502 N N   . VAL A 1 195 ? -20.657 8.486   -1.531  1.00 27.34 ? 194 VAL A N   1 
ATOM   1503 C CA  . VAL A 1 195 ? -20.895 9.272   -2.719  1.00 29.70 ? 194 VAL A CA  1 
ATOM   1504 C C   . VAL A 1 195 ? -21.122 10.687  -2.246  1.00 32.33 ? 194 VAL A C   1 
ATOM   1505 O O   . VAL A 1 195 ? -21.939 10.909  -1.347  1.00 31.69 ? 194 VAL A O   1 
ATOM   1506 C CB  . VAL A 1 195 ? -22.154 8.784   -3.471  1.00 30.44 ? 194 VAL A CB  1 
ATOM   1507 C CG1 . VAL A 1 195 ? -22.550 9.824   -4.532  1.00 30.77 ? 194 VAL A CG1 1 
ATOM   1508 C CG2 . VAL A 1 195 ? -21.862 7.419   -4.164  1.00 29.74 ? 194 VAL A CG2 1 
ATOM   1509 N N   . VAL A 1 196 ? -20.363 11.630  -2.794  1.00 34.46 ? 195 VAL A N   1 
ATOM   1510 C CA  . VAL A 1 196 ? -20.558 13.024  -2.435  1.00 38.32 ? 195 VAL A CA  1 
ATOM   1511 C C   . VAL A 1 196 ? -21.162 13.672  -3.682  1.00 40.66 ? 195 VAL A C   1 
ATOM   1512 O O   . VAL A 1 196 ? -20.644 13.523  -4.790  1.00 40.33 ? 195 VAL A O   1 
ATOM   1513 C CB  . VAL A 1 196 ? -19.244 13.736  -2.064  1.00 37.23 ? 195 VAL A CB  1 
ATOM   1514 C CG1 . VAL A 1 196 ? -18.529 12.970  -1.001  1.00 37.03 ? 195 VAL A CG1 1 
ATOM   1515 C CG2 . VAL A 1 196 ? -18.386 13.884  -3.270  1.00 39.81 ? 195 VAL A CG2 1 
ATOM   1516 N N   . THR A 1 197 ? -22.280 14.357  -3.511  1.00 44.63 ? 196 THR A N   1 
ATOM   1517 C CA  . THR A 1 197 ? -22.942 15.007  -4.642  1.00 49.28 ? 196 THR A CA  1 
ATOM   1518 C C   . THR A 1 197 ? -23.998 15.988  -4.162  1.00 50.35 ? 196 THR A C   1 
ATOM   1519 O O   . THR A 1 197 ? -23.901 17.179  -4.499  1.00 51.95 ? 196 THR A O   1 
ATOM   1520 C CB  . THR A 1 197 ? -23.601 13.954  -5.572  1.00 50.83 ? 196 THR A CB  1 
ATOM   1521 O OG1 . THR A 1 197 ? -22.585 13.314  -6.369  1.00 53.23 ? 196 THR A OG1 1 
ATOM   1522 C CG2 . THR A 1 197 ? -24.643 14.614  -6.500  1.00 52.45 ? 196 THR A CG2 1 
HETATM 1523 O O   . HOH B 2 .   ? -0.083  -8.198  11.249  1.00 12.29 ? 218 HOH A O   1 
HETATM 1524 O O   . HOH B 2 .   ? -6.829  -16.227 7.404   1.00 18.63 ? 219 HOH A O   1 
HETATM 1525 O O   . HOH B 2 .   ? -1.835  -5.301  -7.310  1.00 17.02 ? 220 HOH A O   1 
HETATM 1526 O O   . HOH B 2 .   ? -16.900 -0.919  12.948  1.00 22.10 ? 221 HOH A O   1 
HETATM 1527 O O   . HOH B 2 .   ? -12.554 -13.104 7.341   1.00 17.46 ? 222 HOH A O   1 
HETATM 1528 O O   . HOH B 2 .   ? 20.483  -4.575  -9.993  1.00 24.75 ? 223 HOH A O   1 
HETATM 1529 O O   . HOH B 2 .   ? 26.733  -7.402  -11.715 1.00 23.58 ? 224 HOH A O   1 
HETATM 1530 O O   . HOH B 2 .   ? -7.265  -10.866 1.293   1.00 19.69 ? 225 HOH A O   1 
HETATM 1531 O O   . HOH B 2 .   ? -27.573 10.078  7.936   1.00 26.54 ? 226 HOH A O   1 
HETATM 1532 O O   . HOH B 2 .   ? 14.157  -7.894  -10.636 1.00 27.72 ? 227 HOH A O   1 
HETATM 1533 O O   . HOH B 2 .   ? 10.900  -5.411  3.680   1.00 18.08 ? 228 HOH A O   1 
HETATM 1534 O O   . HOH B 2 .   ? -18.662 -5.792  1.075   1.00 29.20 ? 229 HOH A O   1 
HETATM 1535 O O   . HOH B 2 .   ? 3.547   4.065   -5.943  1.00 35.01 ? 230 HOH A O   1 
HETATM 1536 O O   . HOH B 2 .   ? 17.233  1.919   -15.474 1.00 19.84 ? 231 HOH A O   1 
HETATM 1537 O O   . HOH B 2 .   ? 19.776  6.769   -5.795  1.00 32.44 ? 232 HOH A O   1 
HETATM 1538 O O   . HOH B 2 .   ? 4.518   3.566   0.951   1.00 36.47 ? 233 HOH A O   1 
HETATM 1539 O O   . HOH B 2 .   ? 14.197  5.077   -0.083  1.00 26.75 ? 234 HOH A O   1 
HETATM 1540 O O   . HOH B 2 .   ? 2.923   1.674   -1.416  1.00 23.62 ? 235 HOH A O   1 
HETATM 1541 O O   . HOH B 2 .   ? -14.853 -6.277  1.263   1.00 26.33 ? 236 HOH A O   1 
HETATM 1542 O O   . HOH B 2 .   ? -13.098 -10.170 3.419   1.00 17.74 ? 237 HOH A O   1 
HETATM 1543 O O   . HOH B 2 .   ? -5.529  -16.752 3.816   1.00 20.78 ? 238 HOH A O   1 
HETATM 1544 O O   . HOH B 2 .   ? -16.825 -7.394  8.249   1.00 31.69 ? 239 HOH A O   1 
HETATM 1545 O O   . HOH B 2 .   ? -6.781  6.103   3.432   1.00 32.53 ? 240 HOH A O   1 
HETATM 1546 O O   . HOH B 2 .   ? -12.686 4.376   -4.806  1.00 23.58 ? 241 HOH A O   1 
HETATM 1547 O O   . HOH B 2 .   ? 26.982  1.129   -16.629 1.00 30.04 ? 242 HOH A O   1 
HETATM 1548 O O   . HOH B 2 .   ? 14.330  1.574   2.001   1.00 24.38 ? 243 HOH A O   1 
HETATM 1549 O O   . HOH B 2 .   ? 5.417   -16.764 2.872   1.00 32.78 ? 244 HOH A O   1 
HETATM 1550 O O   . HOH B 2 .   ? -15.755 -8.806  11.680  1.00 33.02 ? 245 HOH A O   1 
HETATM 1551 O O   . HOH B 2 .   ? 2.639   -0.975  7.821   1.00 42.25 ? 246 HOH A O   1 
HETATM 1552 O O   . HOH B 2 .   ? 15.783  -6.593  -14.756 1.00 28.91 ? 247 HOH A O   1 
HETATM 1553 O O   . HOH B 2 .   ? -4.257  1.530   -0.533  1.00 30.04 ? 248 HOH A O   1 
HETATM 1554 O O   . HOH B 2 .   ? 10.692  -3.291  -18.537 1.00 27.48 ? 249 HOH A O   1 
HETATM 1555 O O   . HOH B 2 .   ? 31.113  2.252   -11.204 1.00 22.97 ? 250 HOH A O   1 
HETATM 1556 O O   . HOH B 2 .   ? 21.395  -9.821  -8.327  1.00 30.27 ? 251 HOH A O   1 
HETATM 1557 O O   . HOH B 2 .   ? 28.240  -1.271  -10.491 1.00 36.45 ? 252 HOH A O   1 
HETATM 1558 O O   . HOH B 2 .   ? -15.432 14.523  9.395   1.00 35.67 ? 253 HOH A O   1 
HETATM 1559 O O   . HOH B 2 .   ? -9.558  10.871  11.640  1.00 32.71 ? 254 HOH A O   1 
HETATM 1560 O O   . HOH B 2 .   ? 15.411  -2.940  6.944   1.00 28.19 ? 255 HOH A O   1 
HETATM 1561 O O   . HOH B 2 .   ? 9.664   -7.839  4.350   1.00 33.96 ? 256 HOH A O   1 
HETATM 1562 O O   . HOH B 2 .   ? 21.087  -7.363  6.353   1.00 38.05 ? 257 HOH A O   1 
HETATM 1563 O O   . HOH B 2 .   ? 23.003  -9.087  -5.969  1.00 36.54 ? 258 HOH A O   1 
HETATM 1564 O O   . HOH B 2 .   ? 17.637  -10.119 -13.260 1.00 36.28 ? 259 HOH A O   1 
HETATM 1565 O O   . HOH B 2 .   ? -16.632 13.187  11.455  1.00 45.32 ? 260 HOH A O   1 
HETATM 1566 O O   . HOH B 2 .   ? -17.951 -8.743  4.043   1.00 50.81 ? 261 HOH A O   1 
HETATM 1567 O O   . HOH B 2 .   ? 13.547  12.306  -4.306  1.00 32.91 ? 262 HOH A O   1 
HETATM 1568 O O   . HOH B 2 .   ? 28.451  -3.998  -10.865 1.00 43.45 ? 263 HOH A O   1 
HETATM 1569 O O   . HOH B 2 .   ? -18.204 5.911   12.783  1.00 32.38 ? 264 HOH A O   1 
HETATM 1570 O O   . HOH B 2 .   ? -5.190  -0.007  -3.422  1.00 41.24 ? 265 HOH A O   1 
HETATM 1571 O O   . HOH B 2 .   ? -7.229  -7.249  -0.215  1.00 36.06 ? 266 HOH A O   1 
HETATM 1572 O O   . HOH B 2 .   ? -3.153  5.966   16.563  1.00 37.63 ? 267 HOH A O   1 
HETATM 1573 O O   . HOH B 2 .   ? -19.352 12.764  11.497  1.00 40.53 ? 268 HOH A O   1 
HETATM 1574 O O   . HOH B 2 .   ? 13.618  -5.715  7.417   1.00 34.49 ? 269 HOH A O   1 
HETATM 1575 O O   . HOH B 2 .   ? -21.032 -3.265  3.620   1.00 43.81 ? 270 HOH A O   1 
HETATM 1576 O O   . HOH B 2 .   ? -15.521 -3.161  -5.003  1.00 37.50 ? 271 HOH A O   1 
HETATM 1577 O O   . HOH B 2 .   ? -0.982  -13.983 -8.788  1.00 37.54 ? 272 HOH A O   1 
HETATM 1578 O O   . HOH B 2 .   ? 16.517  -8.334  -16.709 1.00 35.17 ? 273 HOH A O   1 
HETATM 1579 O O   . HOH B 2 .   ? 12.990  -11.150 -15.481 1.00 46.93 ? 274 HOH A O   1 
HETATM 1580 O O   . HOH B 2 .   ? 3.734   4.013   5.187   1.00 42.06 ? 275 HOH A O   1 
HETATM 1581 O O   . HOH B 2 .   ? -8.434  -1.932  -0.811  1.00 39.76 ? 276 HOH A O   1 
HETATM 1582 O O   . HOH B 2 .   ? -6.285  -13.350 0.584   1.00 33.21 ? 277 HOH A O   1 
HETATM 1583 O O   . HOH B 2 .   ? -11.906 -17.056 5.136   1.00 25.50 ? 278 HOH A O   1 
HETATM 1584 O O   . HOH B 2 .   ? -11.308 -15.598 7.407   1.00 26.81 ? 279 HOH A O   1 
HETATM 1585 O O   . HOH B 2 .   ? -0.932  -7.101  -12.233 1.00 49.04 ? 280 HOH A O   1 
HETATM 1586 O O   . HOH B 2 .   ? 5.891   -8.057  8.037   1.00 47.74 ? 281 HOH A O   1 
HETATM 1587 O O   . HOH B 2 .   ? -27.417 9.291   3.259   1.00 50.73 ? 282 HOH A O   1 
HETATM 1588 O O   . HOH B 2 .   ? 9.020   -14.154 -7.520  1.00 52.94 ? 283 HOH A O   1 
HETATM 1589 O O   . HOH B 2 .   ? 8.814   7.493   -5.743  1.00 35.15 ? 284 HOH A O   1 
HETATM 1590 O O   . HOH B 2 .   ? -22.032 0.827   0.625   1.00 31.87 ? 285 HOH A O   1 
# 
